data_5EAW
#
_entry.id   5EAW
#
_cell.length_a   120.900
_cell.length_b   148.600
_cell.length_c   170.500
_cell.angle_alpha   90.000
_cell.angle_beta   90.000
_cell.angle_gamma   90.000
#
_symmetry.space_group_name_H-M   'P 21 21 21'
#
loop_
_entity.id
_entity.type
_entity.pdbx_description
1 polymer 'DNA replication ATP-dependent helicase/nuclease DNA2'
2 non-polymer 'IRON/SULFUR CLUSTER'
3 non-polymer "ADENOSINE-5'-DIPHOSPHATE"
#
_entity_poly.entity_id   1
_entity_poly.type   'polypeptide(L)'
_entity_poly.pdbx_seq_one_letter_code
;MEPLDELDLLLLEEDGGAEAVPRVELLRKKADALFPETVLSRGVDNRYLVLAVETSQNERGAEEKRLHVTASQDREHEVL
CILRNGWSSVPVEPGDIVHLEGDCTSEPWIIDDDFGYFILYPDMMISGTSVASSIRCLRRAVLSETFRGSDPATRQMLIG
TILHEVFQKAISESFAPERLQELALQTLREVRHLKEMYRLNLSQDEILCEVEEYLPSFSKWAEDFMRKGPSSEFPQMQLS
LPSDGSNRSSPCNIEVVKSLDIEESIWSPRFGLKGKIDVTVGVKIHRDCKMKYKVMPLELKTGKESNSIEHRSQVVLYTL
LSQERREDPEAGWLLYLKTGQMYPVPANHLDKRELLKLRNWLAASLLHRVSRAAPGEEARLSALPQIIEEEKTCKYCSQI
GNCALYSRAVEEQGDDASIPEAMLSKIQEETRHLQLAHLKYFSLWCLMLTLESQSKDNRKTHQSIWLTPASELEESGNCV
GNLVRTEPVSRVCDGQYLHNFQRKNGPMPATNLMAGDRIILSGEERKLFALSKGYVKKMNKAAVTCLLDRNLSTLPATTV
FRLDREERHGDISTPLGNLSKLMESTDPSKRLRELIIDFREPQFIAYLSSVLPHDAKDTVANILKGLNKPQRQAMKRVLL
SKDYTLIVGMPGTGKTTTICALVRILSACGFSVLLTSYTHSAVDNILLKLAKFKVGFLRLGQSHKVHPDIQKFTEEEICR
SRSIASLAHLEELYNSHPIVATTCMGINHPIFSRKTFDFCIVDEASQISQPVCLGPLFFSRRFVLVGDHQQLPPLVVNRE
ARALGMSESLFKRLERNESAVVQLTVQYRMNRKIMSLSNKLTYAGKLECGSDRVANAVLALPNLKDARLSLQLYADYSDS
PWLAGVLEPDNPVCFLNTDKVPAPEQVENGGVSNVTEARLIVFLTSTFIKAGCSPSDIGVIAPYRQQLRIISDLLARSSV
GMVEVNTVDKYQGRDKSLILVSFVRSNEDGTLGELLKDWRRLNVALTRAKHKLILLGSVSSLKRFPPLGTLFDHLNAEQL
ILDLPSREHESLSHIL
;
_entity_poly.pdbx_strand_id   A,B
#
# COMPACT_ATOMS: atom_id res chain seq x y z
N MET A 1 -47.61 6.66 -50.00
CA MET A 1 -48.99 6.08 -50.12
C MET A 1 -50.07 7.17 -50.10
N GLU A 2 -50.19 7.93 -51.21
CA GLU A 2 -51.33 8.85 -51.38
C GLU A 2 -52.47 8.17 -52.15
N PRO A 3 -52.66 8.40 -53.50
CA PRO A 3 -53.94 7.96 -54.10
C PRO A 3 -54.58 6.68 -53.56
N LEU A 4 -55.91 6.70 -53.47
CA LEU A 4 -56.73 5.51 -53.49
C LEU A 4 -55.86 4.37 -54.08
N ASP A 5 -55.32 4.63 -55.28
CA ASP A 5 -54.40 3.78 -56.05
C ASP A 5 -53.18 3.12 -55.40
N GLU A 6 -52.45 3.83 -54.56
CA GLU A 6 -51.26 3.24 -53.91
C GLU A 6 -51.67 2.16 -52.95
N LEU A 7 -52.73 2.43 -52.19
CA LEU A 7 -53.27 1.50 -51.19
C LEU A 7 -53.65 0.18 -51.84
N ASP A 8 -54.41 0.32 -52.92
CA ASP A 8 -54.76 -0.77 -53.79
C ASP A 8 -53.54 -1.62 -54.11
N LEU A 9 -52.56 -0.99 -54.75
CA LEU A 9 -51.41 -1.70 -55.27
C LEU A 9 -50.39 -2.08 -54.20
N LEU A 10 -50.41 -1.38 -53.07
CA LEU A 10 -49.49 -1.72 -51.98
C LEU A 10 -49.86 -2.98 -51.23
N LEU A 11 -51.08 -3.49 -51.45
CA LEU A 11 -51.50 -4.80 -50.95
C LEU A 11 -50.55 -5.88 -51.49
N LEU A 12 -49.77 -6.46 -50.56
CA LEU A 12 -48.88 -7.60 -50.85
C LEU A 12 -49.74 -8.87 -50.77
N GLU A 13 -49.08 -10.04 -50.83
CA GLU A 13 -49.70 -11.36 -50.72
C GLU A 13 -50.79 -11.66 -51.74
N ALA A 20 -44.35 -13.61 -49.86
CA ALA A 20 -43.93 -14.80 -49.12
C ALA A 20 -42.50 -15.26 -49.43
N VAL A 21 -42.11 -15.17 -50.70
CA VAL A 21 -40.85 -15.75 -51.22
C VAL A 21 -39.59 -14.89 -50.93
N PRO A 22 -39.59 -13.58 -51.31
CA PRO A 22 -38.47 -12.72 -50.88
C PRO A 22 -38.47 -12.49 -49.37
N ARG A 23 -39.66 -12.56 -48.75
CA ARG A 23 -39.86 -12.38 -47.31
C ARG A 23 -39.18 -13.49 -46.49
N VAL A 24 -39.50 -14.74 -46.82
CA VAL A 24 -38.87 -15.92 -46.24
C VAL A 24 -37.34 -15.85 -46.38
N GLU A 25 -36.85 -15.45 -47.57
CA GLU A 25 -35.41 -15.35 -47.82
C GLU A 25 -34.74 -14.21 -47.04
N LEU A 26 -35.46 -13.10 -46.85
CA LEU A 26 -34.97 -11.99 -46.02
C LEU A 26 -34.76 -12.35 -44.53
N LEU A 27 -35.54 -13.34 -44.06
CA LEU A 27 -35.41 -13.89 -42.69
C LEU A 27 -34.20 -14.83 -42.53
N ARG A 28 -33.89 -15.59 -43.57
CA ARG A 28 -32.69 -16.39 -43.65
C ARG A 28 -31.45 -15.47 -43.55
N LYS A 29 -31.55 -14.28 -44.14
CA LYS A 29 -30.52 -13.25 -44.03
C LYS A 29 -30.46 -12.73 -42.60
N LYS A 30 -31.63 -12.52 -41.99
CA LYS A 30 -31.77 -11.99 -40.63
C LYS A 30 -31.10 -12.87 -39.55
N ALA A 31 -31.30 -14.19 -39.67
CA ALA A 31 -30.73 -15.18 -38.75
C ALA A 31 -29.23 -15.31 -38.95
N ASP A 32 -28.78 -15.09 -40.20
CA ASP A 32 -27.37 -15.11 -40.59
C ASP A 32 -26.54 -13.93 -40.12
N ALA A 33 -27.22 -12.81 -39.87
CA ALA A 33 -26.62 -11.64 -39.25
C ALA A 33 -26.03 -11.98 -37.88
N LEU A 34 -26.86 -12.62 -37.05
CA LEU A 34 -26.52 -12.97 -35.67
C LEU A 34 -25.98 -14.39 -35.49
N PHE A 35 -26.52 -15.35 -36.23
CA PHE A 35 -26.00 -16.71 -36.20
C PHE A 35 -25.57 -17.16 -37.58
N PRO A 36 -24.32 -16.86 -37.96
CA PRO A 36 -23.84 -17.33 -39.25
C PRO A 36 -23.75 -18.86 -39.29
N GLU A 37 -24.17 -19.41 -40.43
CA GLU A 37 -23.98 -20.82 -40.83
C GLU A 37 -24.65 -21.86 -39.91
N THR A 38 -25.75 -21.46 -39.31
CA THR A 38 -26.65 -22.36 -38.58
C THR A 38 -27.28 -23.31 -39.62
N VAL A 39 -26.90 -24.59 -39.52
CA VAL A 39 -27.26 -25.65 -40.50
C VAL A 39 -28.76 -25.99 -40.65
N LEU A 40 -29.54 -25.86 -39.56
CA LEU A 40 -30.97 -26.26 -39.51
C LEU A 40 -31.05 -27.76 -39.57
N SER A 41 -31.80 -28.35 -38.64
CA SER A 41 -31.70 -29.79 -38.43
C SER A 41 -32.89 -30.41 -37.77
N ARG A 42 -32.87 -31.74 -37.79
CA ARG A 42 -33.87 -32.57 -37.19
C ARG A 42 -33.25 -33.37 -36.03
N GLY A 43 -34.09 -33.88 -35.14
CA GLY A 43 -33.67 -34.79 -34.09
C GLY A 43 -33.07 -34.10 -32.88
N VAL A 44 -32.09 -34.75 -32.26
CA VAL A 44 -31.54 -34.37 -30.93
C VAL A 44 -31.03 -32.94 -30.82
N ASP A 45 -30.35 -32.47 -31.87
CA ASP A 45 -29.79 -31.12 -31.90
C ASP A 45 -30.44 -30.35 -33.01
N ASN A 46 -31.76 -30.39 -32.99
CA ASN A 46 -32.58 -29.66 -33.96
C ASN A 46 -32.33 -28.15 -33.91
N ARG A 47 -32.28 -27.56 -35.09
CA ARG A 47 -32.29 -26.12 -35.23
C ARG A 47 -33.28 -25.70 -36.30
N TYR A 48 -34.32 -25.05 -35.83
CA TYR A 48 -35.44 -24.61 -36.66
C TYR A 48 -35.40 -23.07 -36.85
N LEU A 49 -35.72 -22.61 -38.05
CA LEU A 49 -35.86 -21.18 -38.33
C LEU A 49 -37.33 -20.76 -38.23
N VAL A 50 -37.60 -19.80 -37.36
CA VAL A 50 -38.94 -19.24 -37.23
C VAL A 50 -39.27 -18.45 -38.50
N LEU A 51 -40.52 -18.62 -38.96
CA LEU A 51 -41.03 -17.94 -40.14
C LEU A 51 -42.22 -17.08 -39.76
N ALA A 52 -43.13 -17.57 -38.91
CA ALA A 52 -44.29 -16.75 -38.52
C ALA A 52 -44.71 -16.92 -37.07
N VAL A 53 -45.21 -15.84 -36.47
CA VAL A 53 -45.58 -15.78 -35.05
C VAL A 53 -46.91 -15.02 -34.91
N GLU A 54 -47.92 -15.66 -34.31
CA GLU A 54 -49.12 -14.92 -33.87
C GLU A 54 -49.71 -15.50 -32.58
N THR A 55 -50.45 -14.66 -31.83
CA THR A 55 -51.24 -15.12 -30.68
C THR A 55 -52.70 -15.44 -31.07
N SER A 56 -53.34 -16.36 -30.35
CA SER A 56 -54.76 -16.71 -30.58
C SER A 56 -55.53 -16.94 -29.27
N GLN A 57 -56.81 -17.31 -29.37
CA GLN A 57 -57.63 -17.54 -28.19
C GLN A 57 -58.24 -18.93 -28.14
N ASN A 58 -57.81 -19.73 -27.16
CA ASN A 58 -58.50 -20.98 -26.83
C ASN A 58 -59.14 -20.91 -25.45
N GLU A 59 -60.00 -21.90 -25.13
CA GLU A 59 -60.84 -21.87 -23.94
C GLU A 59 -61.66 -20.57 -24.04
N ARG A 60 -61.29 -19.53 -23.26
CA ARG A 60 -61.74 -18.14 -23.43
C ARG A 60 -60.79 -17.26 -22.63
N GLY A 61 -60.14 -16.32 -23.31
CA GLY A 61 -59.13 -15.46 -22.69
C GLY A 61 -57.84 -16.18 -22.33
N ALA A 62 -57.59 -17.30 -23.01
CA ALA A 62 -56.33 -18.04 -22.87
C ALA A 62 -55.47 -17.87 -24.11
N GLU A 63 -54.35 -17.18 -23.90
CA GLU A 63 -53.29 -16.93 -24.89
C GLU A 63 -52.68 -18.23 -25.43
N GLU A 64 -52.47 -18.28 -26.74
CA GLU A 64 -51.61 -19.27 -27.35
C GLU A 64 -50.72 -18.52 -28.33
N LYS A 65 -49.58 -19.12 -28.69
CA LYS A 65 -48.66 -18.51 -29.65
C LYS A 65 -48.42 -19.50 -30.78
N ARG A 66 -48.79 -19.05 -31.98
CA ARG A 66 -48.87 -19.90 -33.16
C ARG A 66 -47.60 -19.70 -33.97
N LEU A 67 -46.71 -20.69 -33.94
CA LEU A 67 -45.44 -20.56 -34.62
C LEU A 67 -45.36 -21.41 -35.87
N HIS A 68 -44.82 -20.81 -36.93
CA HIS A 68 -44.54 -21.50 -38.19
C HIS A 68 -43.03 -21.63 -38.37
N VAL A 69 -42.53 -22.86 -38.29
CA VAL A 69 -41.10 -23.13 -38.24
C VAL A 69 -40.66 -24.11 -39.34
N THR A 70 -39.37 -24.13 -39.65
CA THR A 70 -38.82 -25.05 -40.68
C THR A 70 -37.39 -25.49 -40.33
N ALA A 71 -37.09 -26.78 -40.50
CA ALA A 71 -35.74 -27.33 -40.29
C ALA A 71 -34.97 -27.61 -41.60
N SER A 72 -35.53 -27.12 -42.71
CA SER A 72 -34.96 -27.27 -44.04
C SER A 72 -35.13 -25.97 -44.81
N GLN A 73 -34.27 -25.75 -45.80
CA GLN A 73 -34.26 -24.52 -46.60
C GLN A 73 -35.39 -24.42 -47.66
N ASP A 74 -35.84 -25.57 -48.17
CA ASP A 74 -36.99 -25.64 -49.09
C ASP A 74 -38.24 -25.26 -48.34
N ARG A 75 -38.80 -24.11 -48.72
CA ARG A 75 -39.85 -23.44 -47.94
C ARG A 75 -41.24 -24.12 -48.03
N GLU A 76 -41.23 -25.41 -48.36
CA GLU A 76 -42.42 -26.23 -48.22
C GLU A 76 -42.34 -27.29 -47.10
N HIS A 77 -41.21 -27.35 -46.38
CA HIS A 77 -41.05 -28.22 -45.20
C HIS A 77 -41.58 -27.60 -43.89
N GLU A 78 -42.50 -26.65 -44.02
CA GLU A 78 -43.12 -25.92 -42.89
C GLU A 78 -43.81 -26.80 -41.84
N VAL A 79 -43.27 -26.75 -40.60
CA VAL A 79 -43.85 -27.43 -39.43
C VAL A 79 -44.55 -26.40 -38.49
N LEU A 80 -45.81 -26.65 -38.13
CA LEU A 80 -46.52 -25.78 -37.16
C LEU A 80 -46.11 -26.08 -35.71
N CYS A 81 -46.36 -25.12 -34.80
CA CYS A 81 -46.00 -25.22 -33.37
C CYS A 81 -46.82 -24.27 -32.48
N ILE A 82 -47.41 -24.80 -31.41
CA ILE A 82 -48.20 -23.99 -30.44
C ILE A 82 -47.58 -24.00 -29.03
N LEU A 83 -47.22 -22.80 -28.58
CA LEU A 83 -46.73 -22.60 -27.23
C LEU A 83 -47.92 -22.27 -26.35
N ARG A 84 -48.07 -23.00 -25.25
CA ARG A 84 -49.18 -22.75 -24.32
C ARG A 84 -48.76 -22.33 -22.90
N ASN A 85 -49.72 -21.78 -22.17
CA ASN A 85 -49.55 -21.24 -20.82
C ASN A 85 -48.50 -20.14 -20.69
N GLY A 86 -47.34 -20.50 -20.15
CA GLY A 86 -46.24 -19.57 -19.94
C GLY A 86 -45.31 -19.53 -21.13
N TRP A 87 -45.38 -20.57 -21.96
CA TRP A 87 -44.52 -20.67 -23.12
C TRP A 87 -44.91 -19.66 -24.17
N SER A 88 -46.22 -19.40 -24.27
CA SER A 88 -46.79 -18.46 -25.24
C SER A 88 -46.24 -17.04 -25.11
N SER A 89 -45.73 -16.70 -23.93
CA SER A 89 -45.18 -15.37 -23.68
C SER A 89 -43.66 -15.23 -23.98
N VAL A 90 -42.98 -16.32 -24.35
CA VAL A 90 -41.54 -16.23 -24.72
C VAL A 90 -41.38 -15.36 -25.97
N PRO A 91 -40.41 -14.41 -25.97
CA PRO A 91 -40.40 -13.40 -27.03
C PRO A 91 -39.68 -13.85 -28.30
N VAL A 92 -40.30 -14.77 -29.03
CA VAL A 92 -39.84 -15.15 -30.35
C VAL A 92 -40.49 -14.18 -31.35
N GLU A 93 -39.64 -13.60 -32.21
CA GLU A 93 -40.10 -12.91 -33.42
C GLU A 93 -39.63 -13.80 -34.57
N PRO A 94 -40.18 -13.58 -35.80
CA PRO A 94 -39.69 -14.36 -36.95
C PRO A 94 -38.22 -14.11 -37.24
N GLY A 95 -37.58 -15.06 -37.91
CA GLY A 95 -36.16 -14.94 -38.22
C GLY A 95 -35.23 -15.49 -37.15
N ASP A 96 -35.75 -15.72 -35.93
CA ASP A 96 -35.01 -16.39 -34.83
C ASP A 96 -34.67 -17.85 -35.12
N ILE A 97 -33.56 -18.32 -34.55
CA ILE A 97 -33.21 -19.73 -34.57
C ILE A 97 -33.63 -20.34 -33.22
N VAL A 98 -34.38 -21.42 -33.29
CA VAL A 98 -34.86 -22.10 -32.09
C VAL A 98 -34.55 -23.59 -32.16
N HIS A 99 -34.62 -24.22 -30.99
CA HIS A 99 -34.39 -25.65 -30.78
C HIS A 99 -35.49 -26.12 -29.84
N LEU A 100 -36.17 -27.18 -30.25
CA LEU A 100 -37.19 -27.77 -29.41
C LEU A 100 -36.57 -28.93 -28.69
N GLU A 101 -36.35 -28.73 -27.40
CA GLU A 101 -35.74 -29.72 -26.53
C GLU A 101 -36.82 -30.43 -25.80
N GLY A 102 -38.05 -29.92 -25.95
CA GLY A 102 -39.21 -30.62 -25.51
C GLY A 102 -39.43 -31.79 -26.42
N ASP A 103 -38.43 -32.69 -26.43
CA ASP A 103 -38.37 -33.88 -27.27
C ASP A 103 -38.56 -33.53 -28.73
N CYS A 104 -39.10 -34.50 -29.47
CA CYS A 104 -39.76 -34.32 -30.77
C CYS A 104 -38.93 -33.55 -31.82
N THR A 105 -39.60 -33.00 -32.83
CA THR A 105 -39.07 -32.87 -34.21
C THR A 105 -39.85 -33.92 -35.03
N SER A 106 -39.92 -35.14 -34.48
CA SER A 106 -40.79 -36.24 -34.97
C SER A 106 -42.21 -35.72 -35.14
N GLU A 107 -42.71 -35.08 -34.08
CA GLU A 107 -43.83 -34.15 -34.14
C GLU A 107 -43.76 -33.06 -33.07
N PRO A 108 -43.30 -31.83 -33.47
CA PRO A 108 -43.27 -30.68 -32.55
C PRO A 108 -44.63 -30.33 -31.90
N TRP A 109 -45.64 -30.04 -32.73
CA TRP A 109 -46.97 -29.53 -32.34
C TRP A 109 -46.99 -28.70 -31.06
N ILE A 110 -47.43 -29.30 -29.95
CA ILE A 110 -47.78 -28.54 -28.71
C ILE A 110 -46.75 -28.69 -27.59
N ILE A 111 -46.20 -27.56 -27.16
CA ILE A 111 -45.47 -27.49 -25.89
C ILE A 111 -46.21 -26.54 -24.94
N ASP A 112 -46.43 -27.04 -23.73
CA ASP A 112 -47.18 -26.35 -22.68
C ASP A 112 -46.53 -26.60 -21.32
N ASP A 113 -47.25 -26.24 -20.27
CA ASP A 113 -46.79 -26.47 -18.92
C ASP A 113 -46.20 -27.86 -18.72
N ASP A 114 -47.00 -28.88 -19.01
CA ASP A 114 -46.68 -30.24 -18.60
C ASP A 114 -45.73 -31.00 -19.53
N PHE A 115 -45.54 -30.50 -20.76
CA PHE A 115 -44.62 -31.14 -21.71
C PHE A 115 -43.82 -30.13 -22.52
N GLY A 116 -42.57 -30.51 -22.82
CA GLY A 116 -41.71 -29.79 -23.75
C GLY A 116 -41.00 -28.58 -23.22
N TYR A 117 -39.76 -28.41 -23.70
CA TYR A 117 -38.99 -27.17 -23.54
C TYR A 117 -38.74 -26.50 -24.88
N PHE A 118 -38.86 -25.17 -24.88
CA PHE A 118 -38.53 -24.34 -26.04
C PHE A 118 -37.24 -23.53 -25.85
N ILE A 119 -36.24 -23.79 -26.70
CA ILE A 119 -34.94 -23.14 -26.54
C ILE A 119 -34.70 -22.03 -27.55
N LEU A 120 -35.03 -20.79 -27.16
CA LEU A 120 -34.78 -19.57 -27.96
C LEU A 120 -33.28 -19.24 -28.07
N TYR A 121 -32.77 -19.09 -29.30
CA TYR A 121 -31.32 -18.87 -29.56
C TYR A 121 -30.48 -19.93 -28.86
N PRO A 122 -30.52 -21.16 -29.37
CA PRO A 122 -29.91 -22.25 -28.63
C PRO A 122 -28.37 -22.24 -28.64
N ASP A 123 -27.76 -21.69 -29.68
CA ASP A 123 -26.29 -21.71 -29.79
C ASP A 123 -25.68 -20.69 -28.85
N MET A 124 -26.55 -19.92 -28.20
CA MET A 124 -26.18 -18.91 -27.21
C MET A 124 -26.19 -19.55 -25.81
N MET A 125 -25.06 -20.15 -25.45
CA MET A 125 -24.94 -20.94 -24.22
C MET A 125 -24.67 -20.10 -22.96
N ILE A 126 -25.74 -19.67 -22.31
CA ILE A 126 -25.68 -18.84 -21.11
C ILE A 126 -25.33 -19.66 -19.86
N SER A 127 -24.57 -19.04 -18.95
CA SER A 127 -24.22 -19.70 -17.70
C SER A 127 -25.40 -19.72 -16.74
N GLY A 128 -25.57 -20.89 -16.13
CA GLY A 128 -26.70 -21.15 -15.25
C GLY A 128 -26.73 -20.21 -14.07
N THR A 129 -25.58 -19.67 -13.71
CA THR A 129 -25.51 -18.83 -12.55
C THR A 129 -26.20 -17.50 -12.87
N SER A 130 -26.04 -17.04 -14.12
CA SER A 130 -26.67 -15.80 -14.61
C SER A 130 -28.16 -15.92 -14.75
N VAL A 131 -28.60 -17.10 -15.20
CA VAL A 131 -29.99 -17.53 -15.22
C VAL A 131 -30.59 -17.52 -13.80
N ALA A 132 -29.88 -18.08 -12.85
CA ALA A 132 -30.33 -18.05 -11.47
C ALA A 132 -30.38 -16.62 -10.94
N SER A 133 -29.37 -15.81 -11.27
CA SER A 133 -29.34 -14.40 -10.85
C SER A 133 -30.59 -13.65 -11.32
N SER A 134 -30.99 -13.91 -12.57
CA SER A 134 -32.11 -13.25 -13.19
C SER A 134 -33.48 -13.57 -12.58
N ILE A 135 -33.60 -14.65 -11.80
CA ILE A 135 -34.82 -14.89 -11.00
C ILE A 135 -35.22 -13.60 -10.28
N ARG A 136 -34.27 -13.00 -9.59
CA ARG A 136 -34.53 -11.79 -8.82
C ARG A 136 -34.55 -10.54 -9.67
N CYS A 137 -33.67 -10.46 -10.66
CA CYS A 137 -33.58 -9.25 -11.48
C CYS A 137 -32.90 -9.52 -12.82
N LEU A 138 -33.70 -9.51 -13.89
CA LEU A 138 -33.16 -9.80 -15.22
C LEU A 138 -32.09 -8.79 -15.63
N ARG A 139 -32.35 -7.51 -15.36
CA ARG A 139 -31.41 -6.40 -15.58
C ARG A 139 -30.04 -6.65 -14.92
N ARG A 140 -30.05 -6.85 -13.59
CA ARG A 140 -28.86 -7.25 -12.85
C ARG A 140 -28.03 -8.36 -13.56
N ALA A 141 -28.72 -9.37 -14.12
CA ALA A 141 -28.08 -10.47 -14.85
C ALA A 141 -27.40 -10.01 -16.14
N VAL A 142 -28.12 -9.22 -16.94
CA VAL A 142 -27.62 -8.73 -18.23
C VAL A 142 -26.41 -7.83 -18.01
N LEU A 143 -26.49 -7.01 -16.96
CA LEU A 143 -25.46 -6.07 -16.59
C LEU A 143 -24.28 -6.83 -16.11
N SER A 144 -24.52 -7.88 -15.32
CA SER A 144 -23.48 -8.83 -14.93
C SER A 144 -22.78 -9.42 -16.13
N GLU A 145 -23.55 -9.94 -17.08
CA GLU A 145 -22.94 -10.58 -18.21
C GLU A 145 -22.04 -9.61 -18.99
N THR A 146 -22.39 -8.31 -19.05
CA THR A 146 -21.68 -7.36 -19.93
C THR A 146 -20.63 -6.43 -19.25
N PHE A 147 -20.88 -5.96 -18.04
CA PHE A 147 -19.84 -5.25 -17.25
C PHE A 147 -19.29 -6.19 -16.21
N ARG A 148 -18.54 -7.17 -16.69
CA ARG A 148 -18.08 -8.35 -15.91
C ARG A 148 -17.22 -8.08 -14.64
N GLY A 149 -16.54 -6.94 -14.58
CA GLY A 149 -15.66 -6.57 -13.46
C GLY A 149 -16.31 -5.81 -12.30
N SER A 150 -17.58 -5.43 -12.47
CA SER A 150 -18.30 -4.59 -11.49
C SER A 150 -18.89 -5.32 -10.28
N ASP A 151 -18.58 -6.63 -10.18
CA ASP A 151 -18.57 -7.35 -8.92
C ASP A 151 -17.08 -7.47 -8.61
N PRO A 152 -16.55 -6.60 -7.72
CA PRO A 152 -15.13 -6.80 -7.36
C PRO A 152 -14.92 -8.04 -6.45
N ALA A 153 -13.72 -8.63 -6.55
CA ALA A 153 -13.36 -9.80 -5.75
C ALA A 153 -13.44 -9.38 -4.30
N THR A 154 -14.39 -9.96 -3.58
CA THR A 154 -14.47 -9.75 -2.16
C THR A 154 -13.62 -10.74 -1.32
N ARG A 155 -13.46 -10.45 -0.03
CA ARG A 155 -12.84 -11.37 0.93
C ARG A 155 -13.50 -12.74 0.98
N GLN A 156 -14.83 -12.77 1.01
CA GLN A 156 -15.61 -14.03 1.07
C GLN A 156 -15.39 -14.83 -0.17
N MET A 157 -15.43 -14.18 -1.34
CA MET A 157 -15.10 -14.85 -2.59
C MET A 157 -13.74 -15.50 -2.57
N LEU A 158 -12.78 -14.90 -1.87
CA LEU A 158 -11.47 -15.51 -1.72
C LEU A 158 -11.51 -16.76 -0.80
N ILE A 159 -12.07 -16.57 0.39
CA ILE A 159 -12.33 -17.67 1.31
C ILE A 159 -13.07 -18.81 0.57
N GLY A 160 -14.05 -18.40 -0.23
CA GLY A 160 -14.88 -19.29 -1.03
C GLY A 160 -14.09 -20.17 -1.96
N THR A 161 -13.23 -19.54 -2.75
CA THR A 161 -12.40 -20.28 -3.68
C THR A 161 -11.49 -21.24 -2.92
N ILE A 162 -10.88 -20.74 -1.84
CA ILE A 162 -9.89 -21.51 -1.12
C ILE A 162 -10.50 -22.79 -0.59
N LEU A 163 -11.66 -22.65 0.06
CA LEU A 163 -12.45 -23.78 0.56
C LEU A 163 -12.88 -24.80 -0.49
N HIS A 164 -13.47 -24.33 -1.60
CA HIS A 164 -13.83 -25.18 -2.77
C HIS A 164 -12.63 -26.04 -3.15
N GLU A 165 -11.49 -25.38 -3.25
CA GLU A 165 -10.27 -25.99 -3.69
C GLU A 165 -9.79 -27.04 -2.68
N VAL A 166 -9.78 -26.68 -1.39
CA VAL A 166 -9.36 -27.63 -0.36
C VAL A 166 -10.24 -28.88 -0.42
N PHE A 167 -11.56 -28.66 -0.44
CA PHE A 167 -12.52 -29.75 -0.51
C PHE A 167 -12.34 -30.66 -1.72
N GLN A 168 -12.07 -30.06 -2.88
CA GLN A 168 -11.80 -30.83 -4.08
C GLN A 168 -10.54 -31.65 -3.89
N LYS A 169 -9.52 -31.06 -3.31
CA LYS A 169 -8.32 -31.82 -3.03
C LYS A 169 -8.57 -32.94 -2.01
N ALA A 170 -9.42 -32.67 -1.03
CA ALA A 170 -9.73 -33.63 0.06
C ALA A 170 -10.43 -34.89 -0.46
N ILE A 171 -11.46 -34.69 -1.27
CA ILE A 171 -12.33 -35.77 -1.69
C ILE A 171 -11.61 -36.85 -2.55
N SER A 172 -10.44 -36.51 -3.08
CA SER A 172 -9.60 -37.44 -3.83
C SER A 172 -8.57 -38.04 -2.90
N GLU A 173 -8.63 -37.68 -1.63
CA GLU A 173 -7.61 -38.08 -0.69
C GLU A 173 -8.26 -38.46 0.63
N SER A 174 -8.06 -37.65 1.66
CA SER A 174 -8.64 -37.91 2.94
C SER A 174 -9.17 -36.67 3.58
N PHE A 175 -10.27 -36.83 4.29
CA PHE A 175 -10.85 -35.80 5.20
C PHE A 175 -10.33 -35.82 6.68
N ALA A 176 -9.29 -36.64 6.94
CA ALA A 176 -8.60 -36.69 8.24
C ALA A 176 -8.05 -35.29 8.57
N PRO A 177 -8.34 -34.80 9.79
CA PRO A 177 -8.05 -33.41 10.14
C PRO A 177 -6.63 -32.92 9.88
N GLU A 178 -5.60 -33.75 10.17
CA GLU A 178 -4.21 -33.35 9.90
C GLU A 178 -4.02 -33.15 8.42
N ARG A 179 -4.65 -34.00 7.60
CA ARG A 179 -4.51 -33.86 6.15
C ARG A 179 -5.30 -32.66 5.63
N LEU A 180 -6.46 -32.39 6.22
CA LEU A 180 -7.19 -31.16 5.87
C LEU A 180 -6.40 -29.91 6.22
N GLN A 181 -5.80 -29.90 7.41
CA GLN A 181 -4.96 -28.81 7.85
C GLN A 181 -3.75 -28.61 6.91
N GLU A 182 -3.11 -29.70 6.50
CA GLU A 182 -2.04 -29.70 5.50
C GLU A 182 -2.45 -29.06 4.15
N LEU A 183 -3.61 -29.48 3.65
CA LEU A 183 -4.17 -28.99 2.41
C LEU A 183 -4.44 -27.51 2.53
N ALA A 184 -5.11 -27.10 3.60
CA ALA A 184 -5.30 -25.68 3.92
C ALA A 184 -3.94 -24.90 3.89
N LEU A 185 -2.95 -25.37 4.65
CA LEU A 185 -1.61 -24.79 4.63
C LEU A 185 -1.03 -24.69 3.22
N GLN A 186 -1.04 -25.77 2.46
CA GLN A 186 -0.49 -25.71 1.11
C GLN A 186 -1.22 -24.71 0.26
N THR A 187 -2.55 -24.72 0.30
CA THR A 187 -3.27 -24.00 -0.75
C THR A 187 -3.27 -22.50 -0.50
N LEU A 188 -3.26 -22.10 0.77
CA LEU A 188 -3.05 -20.71 1.18
C LEU A 188 -1.76 -20.08 0.63
N ARG A 189 -0.80 -20.91 0.24
CA ARG A 189 0.49 -20.44 -0.31
C ARG A 189 0.56 -20.39 -1.83
N GLU A 190 -0.51 -20.75 -2.52
CA GLU A 190 -0.49 -20.73 -3.98
C GLU A 190 -0.53 -19.33 -4.54
N VAL A 191 0.39 -19.06 -5.44
CA VAL A 191 0.56 -17.71 -6.03
C VAL A 191 -0.77 -17.07 -6.37
N ARG A 192 -1.68 -17.90 -6.88
CA ARG A 192 -3.01 -17.47 -7.27
C ARG A 192 -3.77 -16.79 -6.17
N HIS A 193 -3.70 -17.37 -4.98
CA HIS A 193 -4.38 -16.84 -3.83
C HIS A 193 -3.59 -15.75 -3.17
N LEU A 194 -2.27 -15.89 -3.13
CA LEU A 194 -1.41 -14.78 -2.66
C LEU A 194 -1.77 -13.48 -3.38
N LYS A 195 -1.88 -13.57 -4.72
CA LYS A 195 -2.26 -12.47 -5.56
C LYS A 195 -3.51 -11.80 -5.06
N GLU A 196 -4.55 -12.58 -4.80
CA GLU A 196 -5.83 -12.03 -4.34
C GLU A 196 -5.79 -11.39 -2.94
N MET A 197 -5.07 -12.05 -2.02
CA MET A 197 -4.73 -11.45 -0.74
C MET A 197 -4.04 -10.11 -0.96
N TYR A 198 -3.03 -10.08 -1.84
CA TYR A 198 -2.37 -8.82 -2.23
C TYR A 198 -3.35 -7.76 -2.73
N ARG A 199 -4.15 -8.13 -3.73
CA ARG A 199 -5.18 -7.27 -4.34
C ARG A 199 -6.01 -6.58 -3.29
N LEU A 200 -6.51 -7.40 -2.34
CA LEU A 200 -7.41 -6.96 -1.26
C LEU A 200 -6.72 -6.46 0.02
N ASN A 201 -5.39 -6.31 -0.03
CA ASN A 201 -4.55 -5.94 1.12
C ASN A 201 -5.02 -6.65 2.40
N LEU A 202 -4.92 -7.97 2.37
CA LEU A 202 -5.38 -8.86 3.43
C LEU A 202 -4.21 -9.54 4.08
N SER A 203 -4.43 -10.02 5.31
CA SER A 203 -3.38 -10.78 6.00
C SER A 203 -3.43 -12.25 5.56
N GLN A 204 -2.27 -12.80 5.19
CA GLN A 204 -2.19 -14.20 4.79
C GLN A 204 -2.70 -15.11 5.95
N ASP A 205 -2.20 -14.84 7.16
CA ASP A 205 -2.54 -15.63 8.34
C ASP A 205 -3.98 -15.51 8.77
N GLU A 206 -4.57 -14.36 8.50
CA GLU A 206 -5.93 -14.14 8.87
C GLU A 206 -6.83 -15.00 8.01
N ILE A 207 -6.49 -15.08 6.72
CA ILE A 207 -7.24 -15.89 5.77
C ILE A 207 -7.11 -17.38 6.14
N LEU A 208 -5.89 -17.82 6.43
CA LEU A 208 -5.64 -19.17 6.93
C LEU A 208 -6.55 -19.48 8.09
N CYS A 209 -6.58 -18.59 9.08
CA CYS A 209 -7.38 -18.76 10.28
C CYS A 209 -8.87 -18.94 9.99
N GLU A 210 -9.40 -18.04 9.19
CA GLU A 210 -10.79 -18.09 8.81
C GLU A 210 -11.12 -19.41 8.08
N VAL A 211 -10.21 -19.88 7.23
CA VAL A 211 -10.42 -21.07 6.43
C VAL A 211 -10.40 -22.27 7.36
N GLU A 212 -9.53 -22.20 8.36
CA GLU A 212 -9.35 -23.29 9.32
C GLU A 212 -10.61 -23.54 10.06
N GLU A 213 -11.41 -22.50 10.33
CA GLU A 213 -12.63 -22.75 11.11
C GLU A 213 -13.69 -23.57 10.41
N TYR A 214 -13.67 -23.53 9.10
CA TYR A 214 -14.54 -24.36 8.31
C TYR A 214 -14.20 -25.87 8.37
N LEU A 215 -12.93 -26.21 8.61
CA LEU A 215 -12.42 -27.57 8.33
C LEU A 215 -13.10 -28.75 9.04
N PRO A 216 -13.47 -28.61 10.34
CA PRO A 216 -14.17 -29.73 11.02
C PRO A 216 -15.50 -30.12 10.38
N SER A 217 -16.21 -29.12 9.84
CA SER A 217 -17.37 -29.34 8.99
C SER A 217 -17.06 -30.23 7.79
N PHE A 218 -15.89 -30.03 7.17
CA PHE A 218 -15.43 -30.89 6.08
C PHE A 218 -15.40 -32.34 6.58
N SER A 219 -14.87 -32.54 7.78
CA SER A 219 -14.77 -33.85 8.39
C SER A 219 -16.12 -34.39 8.82
N LYS A 220 -16.93 -33.56 9.46
CA LYS A 220 -18.26 -34.00 9.83
C LYS A 220 -19.03 -34.55 8.63
N TRP A 221 -19.06 -33.78 7.53
CA TRP A 221 -19.70 -34.21 6.26
C TRP A 221 -19.17 -35.53 5.72
N ALA A 222 -17.85 -35.70 5.74
CA ALA A 222 -17.25 -36.89 5.17
C ALA A 222 -17.55 -38.08 6.04
N GLU A 223 -17.50 -37.88 7.36
CA GLU A 223 -17.91 -38.92 8.28
C GLU A 223 -19.37 -39.28 8.09
N ASP A 224 -20.23 -38.29 7.86
CA ASP A 224 -21.64 -38.58 7.60
C ASP A 224 -21.89 -39.40 6.31
N PHE A 225 -21.28 -39.00 5.21
CA PHE A 225 -21.67 -39.51 3.90
C PHE A 225 -20.72 -40.48 3.26
N MET A 226 -19.46 -40.47 3.70
CA MET A 226 -18.40 -41.21 3.01
C MET A 226 -17.77 -42.22 3.98
N ARG A 227 -18.57 -42.63 4.95
CA ARG A 227 -18.11 -43.33 6.13
C ARG A 227 -17.63 -44.75 5.90
N LYS A 228 -18.20 -45.43 4.90
CA LYS A 228 -18.07 -46.89 4.75
C LYS A 228 -18.47 -47.67 6.03
N GLY A 229 -19.79 -47.84 6.24
CA GLY A 229 -20.34 -48.66 7.31
C GLY A 229 -21.52 -49.47 6.80
N PRO A 230 -22.44 -49.88 7.69
CA PRO A 230 -23.79 -50.35 7.32
C PRO A 230 -24.60 -49.23 6.68
N SER A 231 -25.48 -49.59 5.73
CA SER A 231 -26.28 -48.60 5.02
C SER A 231 -27.45 -48.05 5.81
N SER A 232 -27.81 -48.77 6.87
CA SER A 232 -28.66 -48.28 7.96
C SER A 232 -28.18 -46.91 8.40
N GLU A 233 -26.85 -46.79 8.50
CA GLU A 233 -26.16 -45.76 9.28
C GLU A 233 -25.67 -44.50 8.51
N PHE A 234 -25.96 -44.46 7.20
CA PHE A 234 -25.77 -43.29 6.37
C PHE A 234 -26.94 -42.30 6.61
N PRO A 235 -26.78 -40.98 6.31
CA PRO A 235 -27.86 -40.04 6.66
C PRO A 235 -29.08 -40.30 5.82
N GLN A 236 -30.23 -40.02 6.41
CA GLN A 236 -31.51 -40.53 5.96
C GLN A 236 -32.50 -39.42 5.58
N MET A 237 -32.88 -39.38 4.31
CA MET A 237 -33.76 -38.32 3.79
C MET A 237 -34.67 -38.78 2.62
N GLN A 238 -35.72 -37.98 2.34
CA GLN A 238 -36.60 -38.27 1.21
C GLN A 238 -36.05 -37.72 -0.08
N LEU A 239 -36.10 -38.54 -1.11
CA LEU A 239 -35.56 -38.16 -2.39
C LEU A 239 -36.49 -38.71 -3.50
N SER A 240 -37.55 -37.94 -3.74
CA SER A 240 -38.57 -38.26 -4.74
C SER A 240 -38.08 -38.16 -6.19
N LEU A 241 -37.65 -39.27 -6.75
CA LEU A 241 -37.15 -39.25 -8.10
C LEU A 241 -38.26 -39.58 -9.10
N PRO A 242 -37.99 -39.40 -10.43
CA PRO A 242 -38.71 -40.11 -11.48
C PRO A 242 -38.84 -41.61 -11.21
N SER A 243 -37.71 -42.32 -11.05
CA SER A 243 -37.70 -43.76 -10.72
C SER A 243 -38.88 -44.21 -9.83
N ASP A 244 -39.65 -45.17 -10.34
CA ASP A 244 -41.00 -45.57 -9.87
C ASP A 244 -41.13 -46.00 -8.40
N GLY A 245 -42.34 -46.38 -8.01
CA GLY A 245 -42.60 -47.05 -6.72
C GLY A 245 -44.06 -47.05 -6.33
N ARG A 248 -42.82 -40.32 -5.36
CA ARG A 248 -41.74 -41.18 -4.87
C ARG A 248 -41.44 -40.95 -3.35
N SER A 249 -42.26 -41.56 -2.48
CA SER A 249 -42.20 -41.38 -1.02
C SER A 249 -41.35 -42.46 -0.29
N SER A 250 -41.42 -42.46 1.05
CA SER A 250 -40.56 -43.25 1.98
C SER A 250 -39.06 -42.84 2.03
N PRO A 251 -38.47 -42.67 3.26
CA PRO A 251 -37.08 -42.21 3.39
C PRO A 251 -36.08 -43.19 2.77
N CYS A 252 -34.84 -42.74 2.54
CA CYS A 252 -33.74 -43.60 2.11
C CYS A 252 -32.36 -43.10 2.59
N ASN A 253 -31.29 -43.87 2.32
CA ASN A 253 -29.98 -43.62 2.93
C ASN A 253 -28.93 -43.26 1.90
N ILE A 254 -28.23 -42.15 2.15
CA ILE A 254 -27.36 -41.54 1.13
C ILE A 254 -25.91 -41.77 1.44
N GLU A 255 -25.21 -42.45 0.53
CA GLU A 255 -23.77 -42.73 0.64
C GLU A 255 -23.03 -42.17 -0.57
N VAL A 256 -22.19 -41.16 -0.33
CA VAL A 256 -21.31 -40.60 -1.36
C VAL A 256 -20.14 -41.58 -1.42
N VAL A 257 -19.87 -42.14 -2.59
CA VAL A 257 -18.82 -43.16 -2.71
C VAL A 257 -17.47 -42.57 -3.06
N LYS A 258 -17.40 -41.95 -4.22
CA LYS A 258 -16.22 -41.22 -4.62
C LYS A 258 -16.61 -40.01 -5.42
N SER A 259 -15.71 -39.03 -5.44
CA SER A 259 -15.77 -37.97 -6.41
C SER A 259 -15.31 -38.63 -7.71
N LEU A 260 -16.07 -38.37 -8.76
CA LEU A 260 -15.78 -38.88 -10.09
C LEU A 260 -15.10 -37.82 -10.91
N ASP A 261 -15.52 -36.57 -10.71
CA ASP A 261 -14.97 -35.42 -11.43
C ASP A 261 -15.11 -34.12 -10.65
N ILE A 262 -14.10 -33.27 -10.76
CA ILE A 262 -14.18 -31.93 -10.16
C ILE A 262 -14.04 -30.87 -11.26
N GLU A 263 -14.77 -29.77 -11.08
CA GLU A 263 -14.85 -28.68 -12.08
C GLU A 263 -15.17 -29.23 -13.48
N GLU A 264 -16.23 -30.02 -13.54
CA GLU A 264 -16.69 -30.54 -14.81
C GLU A 264 -17.28 -29.41 -15.67
N SER A 265 -16.56 -29.07 -16.73
CA SER A 265 -16.89 -27.98 -17.63
C SER A 265 -17.81 -28.47 -18.78
N ILE A 266 -19.05 -27.97 -18.81
CA ILE A 266 -20.09 -28.44 -19.75
C ILE A 266 -20.74 -27.32 -20.58
N TRP A 267 -20.72 -27.48 -21.90
CA TRP A 267 -21.43 -26.60 -22.84
C TRP A 267 -22.61 -27.35 -23.45
N SER A 268 -23.81 -26.80 -23.26
CA SER A 268 -25.04 -27.42 -23.75
C SER A 268 -25.65 -26.73 -24.99
N PRO A 269 -25.43 -27.31 -26.19
CA PRO A 269 -26.10 -26.85 -27.41
C PRO A 269 -27.56 -27.18 -27.31
N ARG A 270 -27.90 -28.09 -26.42
CA ARG A 270 -29.28 -28.50 -26.27
C ARG A 270 -30.14 -27.49 -25.50
N PHE A 271 -29.61 -26.89 -24.44
CA PHE A 271 -30.41 -25.97 -23.65
C PHE A 271 -29.94 -24.52 -23.74
N GLY A 272 -28.83 -24.29 -24.45
CA GLY A 272 -28.23 -22.96 -24.48
C GLY A 272 -27.87 -22.63 -23.06
N LEU A 273 -27.04 -23.52 -22.49
CA LEU A 273 -26.51 -23.41 -21.14
C LEU A 273 -25.06 -23.84 -21.10
N LYS A 274 -24.26 -23.08 -20.36
CA LYS A 274 -22.93 -23.55 -19.96
C LYS A 274 -22.88 -23.55 -18.42
N GLY A 275 -22.01 -24.39 -17.86
CA GLY A 275 -21.84 -24.48 -16.42
C GLY A 275 -20.58 -25.24 -16.03
N LYS A 276 -20.19 -25.06 -14.78
CA LYS A 276 -19.07 -25.77 -14.22
C LYS A 276 -19.56 -26.47 -12.95
N ILE A 277 -19.60 -27.81 -12.97
CA ILE A 277 -20.09 -28.57 -11.83
C ILE A 277 -18.93 -28.74 -10.86
N ASP A 278 -19.08 -28.06 -9.71
CA ASP A 278 -18.09 -28.02 -8.64
C ASP A 278 -17.50 -29.45 -8.41
N VAL A 279 -18.35 -30.42 -8.05
CA VAL A 279 -17.94 -31.84 -7.87
C VAL A 279 -19.02 -32.78 -8.40
N THR A 280 -18.60 -33.73 -9.21
CA THR A 280 -19.42 -34.84 -9.67
C THR A 280 -19.11 -36.05 -8.81
N VAL A 281 -20.14 -36.65 -8.21
CA VAL A 281 -19.97 -37.72 -7.20
C VAL A 281 -20.70 -39.01 -7.54
N GLY A 282 -20.08 -40.16 -7.20
CA GLY A 282 -20.77 -41.46 -7.18
C GLY A 282 -21.59 -41.56 -5.90
N VAL A 283 -22.89 -41.83 -6.03
CA VAL A 283 -23.84 -41.81 -4.88
C VAL A 283 -24.64 -43.13 -4.86
N LYS A 284 -24.69 -43.80 -3.71
CA LYS A 284 -25.52 -44.98 -3.56
C LYS A 284 -26.72 -44.62 -2.74
N ILE A 285 -27.88 -44.65 -3.38
CA ILE A 285 -29.14 -44.48 -2.67
C ILE A 285 -29.62 -45.83 -2.16
N HIS A 286 -29.66 -45.98 -0.84
CA HIS A 286 -30.03 -47.25 -0.19
C HIS A 286 -31.48 -47.17 0.20
N ARG A 287 -32.19 -48.26 -0.10
CA ARG A 287 -33.66 -48.33 -0.12
C ARG A 287 -33.94 -49.70 0.52
N ASP A 288 -34.46 -49.69 1.75
CA ASP A 288 -34.62 -50.94 2.54
C ASP A 288 -33.36 -51.80 2.39
N CYS A 289 -33.47 -52.91 1.67
CA CYS A 289 -32.32 -53.77 1.46
C CYS A 289 -31.67 -53.68 0.05
N LYS A 290 -32.33 -52.97 -0.87
CA LYS A 290 -31.79 -52.74 -2.21
C LYS A 290 -31.01 -51.39 -2.29
N MET A 291 -30.25 -51.19 -3.37
CA MET A 291 -29.44 -49.98 -3.57
C MET A 291 -29.43 -49.55 -5.04
N LYS A 292 -29.47 -48.25 -5.28
CA LYS A 292 -29.36 -47.70 -6.62
C LYS A 292 -28.18 -46.72 -6.63
N TYR A 293 -27.32 -46.86 -7.64
CA TYR A 293 -26.12 -46.01 -7.79
C TYR A 293 -26.15 -44.88 -8.87
N LYS A 294 -26.07 -43.63 -8.46
CA LYS A 294 -26.29 -42.52 -9.39
C LYS A 294 -25.11 -41.58 -9.39
N VAL A 295 -24.61 -41.25 -10.58
CA VAL A 295 -23.57 -40.24 -10.75
C VAL A 295 -24.25 -38.89 -10.75
N MET A 296 -24.01 -38.11 -9.69
CA MET A 296 -24.82 -36.91 -9.41
C MET A 296 -23.98 -35.60 -9.29
N PRO A 297 -24.60 -34.42 -9.54
CA PRO A 297 -23.85 -33.17 -9.46
C PRO A 297 -23.98 -32.46 -8.10
N LEU A 298 -22.83 -32.14 -7.49
CA LEU A 298 -22.79 -31.47 -6.19
C LEU A 298 -22.18 -30.07 -6.29
N GLU A 299 -22.88 -29.08 -5.74
CA GLU A 299 -22.43 -27.68 -5.73
C GLU A 299 -22.01 -27.27 -4.31
N LEU A 300 -20.78 -26.77 -4.22
CA LEU A 300 -20.28 -26.28 -2.97
C LEU A 300 -20.58 -24.80 -2.89
N LYS A 301 -21.02 -24.47 -1.68
CA LYS A 301 -21.50 -23.13 -1.28
C LYS A 301 -20.79 -22.67 0.01
N THR A 302 -20.23 -21.47 -0.02
CA THR A 302 -19.39 -21.05 1.10
C THR A 302 -20.04 -20.04 2.00
N GLY A 303 -21.25 -19.61 1.67
CA GLY A 303 -21.94 -18.64 2.50
C GLY A 303 -22.79 -19.16 3.65
N LYS A 304 -23.81 -18.39 3.99
CA LYS A 304 -24.84 -18.81 4.90
C LYS A 304 -25.61 -19.96 4.30
N GLU A 305 -26.12 -20.83 5.17
CA GLU A 305 -26.87 -22.03 4.81
C GLU A 305 -28.28 -21.61 4.44
N SER A 306 -28.42 -21.01 3.27
CA SER A 306 -29.68 -20.43 2.84
C SER A 306 -30.63 -21.45 2.28
N ASN A 307 -30.14 -22.34 1.42
CA ASN A 307 -30.98 -23.17 0.55
C ASN A 307 -31.91 -22.32 -0.31
N SER A 308 -31.40 -21.15 -0.70
CA SER A 308 -32.10 -20.20 -1.55
C SER A 308 -32.58 -20.80 -2.87
N ILE A 309 -33.63 -20.21 -3.41
CA ILE A 309 -34.07 -20.51 -4.79
C ILE A 309 -32.90 -20.40 -5.80
N GLU A 310 -32.14 -19.29 -5.79
CA GLU A 310 -30.90 -19.13 -6.58
C GLU A 310 -30.07 -20.40 -6.52
N HIS A 311 -29.83 -20.85 -5.29
CA HIS A 311 -28.88 -21.92 -5.04
C HIS A 311 -29.37 -23.23 -5.58
N ARG A 312 -30.66 -23.50 -5.33
CA ARG A 312 -31.33 -24.73 -5.79
C ARG A 312 -31.41 -24.75 -7.32
N SER A 313 -31.94 -23.65 -7.88
CA SER A 313 -32.03 -23.42 -9.33
C SER A 313 -30.70 -23.70 -10.04
N GLN A 314 -29.60 -23.20 -9.46
CA GLN A 314 -28.27 -23.48 -9.98
C GLN A 314 -28.10 -24.96 -10.23
N VAL A 315 -28.36 -25.75 -9.18
CA VAL A 315 -28.20 -27.20 -9.17
C VAL A 315 -29.13 -27.87 -10.16
N VAL A 316 -30.41 -27.43 -10.21
CA VAL A 316 -31.35 -27.88 -11.25
C VAL A 316 -30.70 -27.72 -12.63
N LEU A 317 -30.13 -26.55 -12.90
CA LEU A 317 -29.47 -26.32 -14.17
C LEU A 317 -28.26 -27.24 -14.37
N TYR A 318 -27.52 -27.51 -13.30
CA TYR A 318 -26.46 -28.50 -13.37
C TYR A 318 -26.94 -29.91 -13.78
N THR A 319 -28.19 -30.24 -13.44
CA THR A 319 -28.74 -31.54 -13.80
C THR A 319 -28.94 -31.59 -15.31
N LEU A 320 -29.44 -30.50 -15.89
CA LEU A 320 -29.61 -30.36 -17.34
C LEU A 320 -28.29 -30.43 -18.07
N LEU A 321 -27.32 -29.64 -17.61
CA LEU A 321 -25.96 -29.69 -18.12
C LEU A 321 -25.45 -31.13 -18.22
N SER A 322 -25.75 -31.93 -17.21
CA SER A 322 -25.26 -33.31 -17.06
C SER A 322 -25.66 -34.23 -18.23
N GLN A 323 -26.83 -33.97 -18.80
CA GLN A 323 -27.37 -34.77 -19.88
C GLN A 323 -26.53 -34.67 -21.13
N GLU A 324 -25.78 -33.59 -21.25
CA GLU A 324 -24.79 -33.49 -22.33
C GLU A 324 -23.65 -34.56 -22.21
N ARG A 325 -23.59 -35.25 -21.08
CA ARG A 325 -22.45 -36.09 -20.76
C ARG A 325 -22.81 -37.49 -20.31
N ARG A 326 -23.99 -37.62 -19.69
CA ARG A 326 -24.42 -38.86 -19.07
C ARG A 326 -25.96 -38.84 -18.96
N GLU A 327 -26.52 -39.87 -18.33
CA GLU A 327 -27.95 -39.94 -18.08
C GLU A 327 -28.41 -38.81 -17.17
N ASP A 328 -29.67 -38.40 -17.32
CA ASP A 328 -30.27 -37.37 -16.51
C ASP A 328 -30.22 -37.77 -15.03
N PRO A 329 -29.41 -37.06 -14.20
CA PRO A 329 -29.30 -37.44 -12.77
C PRO A 329 -30.56 -37.25 -11.95
N GLU A 330 -31.59 -36.58 -12.48
CA GLU A 330 -32.90 -36.37 -11.82
C GLU A 330 -32.89 -35.41 -10.62
N ALA A 331 -31.77 -35.33 -9.93
CA ALA A 331 -31.57 -34.47 -8.75
C ALA A 331 -30.08 -34.17 -8.55
N GLY A 332 -29.80 -33.18 -7.69
CA GLY A 332 -28.44 -32.79 -7.34
C GLY A 332 -28.31 -32.41 -5.88
N TRP A 333 -27.11 -31.95 -5.50
CA TRP A 333 -26.76 -31.71 -4.11
C TRP A 333 -26.15 -30.34 -3.85
N LEU A 334 -26.62 -29.67 -2.79
CA LEU A 334 -26.03 -28.42 -2.28
C LEU A 334 -25.27 -28.63 -0.99
N LEU A 335 -23.96 -28.31 -0.97
CA LEU A 335 -23.15 -28.65 0.20
C LEU A 335 -23.09 -27.69 1.37
N TYR A 336 -22.88 -26.38 1.20
CA TYR A 336 -22.84 -25.48 2.40
C TYR A 336 -21.74 -25.88 3.40
N LEU A 337 -20.50 -25.71 2.94
CA LEU A 337 -19.32 -26.12 3.68
C LEU A 337 -19.20 -25.49 5.07
N LYS A 338 -19.81 -24.31 5.24
CA LYS A 338 -19.90 -23.64 6.53
C LYS A 338 -20.33 -24.56 7.66
N THR A 339 -21.24 -25.48 7.37
CA THR A 339 -21.89 -26.30 8.40
C THR A 339 -21.71 -27.78 8.13
N GLY A 340 -21.32 -28.11 6.91
CA GLY A 340 -21.15 -29.51 6.47
C GLY A 340 -22.49 -30.15 6.13
N GLN A 341 -23.50 -29.32 5.82
CA GLN A 341 -24.92 -29.71 5.66
C GLN A 341 -25.42 -29.85 4.22
N MET A 342 -25.53 -31.09 3.72
CA MET A 342 -25.94 -31.35 2.32
C MET A 342 -27.45 -31.36 2.19
N TYR A 343 -27.95 -30.76 1.12
CA TYR A 343 -29.38 -30.68 0.84
C TYR A 343 -29.69 -31.29 -0.52
N PRO A 344 -30.79 -32.07 -0.63
CA PRO A 344 -31.14 -32.56 -1.95
C PRO A 344 -31.88 -31.50 -2.77
N VAL A 345 -31.58 -31.46 -4.05
CA VAL A 345 -32.27 -30.59 -4.99
C VAL A 345 -32.74 -31.46 -6.16
N PRO A 346 -34.07 -31.72 -6.21
CA PRO A 346 -34.70 -32.50 -7.27
C PRO A 346 -35.09 -31.65 -8.49
N ALA A 347 -34.70 -32.14 -9.66
CA ALA A 347 -35.13 -31.53 -10.90
C ALA A 347 -36.61 -31.89 -11.25
N ASN A 348 -37.56 -31.14 -10.67
CA ASN A 348 -38.99 -31.20 -11.09
C ASN A 348 -39.15 -30.63 -12.47
N HIS A 349 -40.15 -31.10 -13.20
CA HIS A 349 -40.40 -30.49 -14.50
C HIS A 349 -40.76 -29.01 -14.38
N LEU A 350 -41.56 -28.65 -13.36
CA LEU A 350 -41.93 -27.25 -13.14
C LEU A 350 -40.68 -26.33 -13.10
N ASP A 351 -39.69 -26.75 -12.31
CA ASP A 351 -38.42 -26.04 -12.15
C ASP A 351 -37.66 -25.94 -13.48
N LYS A 352 -37.34 -27.09 -14.06
CA LYS A 352 -36.68 -27.15 -15.34
C LYS A 352 -37.39 -26.31 -16.40
N ARG A 353 -38.72 -26.22 -16.30
CA ARG A 353 -39.50 -25.40 -17.21
C ARG A 353 -39.40 -23.92 -16.86
N GLU A 354 -39.69 -23.58 -15.61
CA GLU A 354 -39.70 -22.21 -15.14
C GLU A 354 -38.39 -21.49 -15.45
N LEU A 355 -37.29 -22.22 -15.17
CA LEU A 355 -35.94 -21.74 -15.36
C LEU A 355 -35.58 -21.58 -16.83
N LEU A 356 -35.92 -22.57 -17.66
CA LEU A 356 -35.68 -22.47 -19.12
C LEU A 356 -36.48 -21.37 -19.84
N LYS A 357 -37.70 -21.09 -19.34
CA LYS A 357 -38.53 -19.93 -19.74
C LYS A 357 -37.84 -18.59 -19.43
N LEU A 358 -37.36 -18.47 -18.19
CA LEU A 358 -36.56 -17.34 -17.72
C LEU A 358 -35.23 -17.19 -18.47
N ARG A 359 -34.65 -18.32 -18.84
CA ARG A 359 -33.39 -18.39 -19.59
C ARG A 359 -33.51 -17.79 -20.99
N ASN A 360 -34.72 -17.91 -21.56
CA ASN A 360 -35.01 -17.36 -22.87
C ASN A 360 -34.93 -15.85 -22.83
N TRP A 361 -35.70 -15.25 -21.93
CA TRP A 361 -35.67 -13.81 -21.71
C TRP A 361 -34.22 -13.30 -21.55
N LEU A 362 -33.40 -14.04 -20.81
CA LEU A 362 -31.99 -13.68 -20.66
C LEU A 362 -31.29 -13.68 -22.02
N ALA A 363 -31.44 -14.77 -22.79
CA ALA A 363 -30.83 -14.86 -24.11
C ALA A 363 -31.30 -13.72 -25.00
N ALA A 364 -32.60 -13.40 -24.95
CA ALA A 364 -33.18 -12.30 -25.71
C ALA A 364 -32.54 -10.97 -25.33
N SER A 365 -32.62 -10.62 -24.04
CA SER A 365 -31.97 -9.42 -23.52
C SER A 365 -30.49 -9.23 -23.91
N LEU A 366 -29.73 -10.33 -23.96
CA LEU A 366 -28.32 -10.30 -24.31
C LEU A 366 -28.09 -10.19 -25.81
N LEU A 367 -29.14 -10.37 -26.60
CA LEU A 367 -29.01 -10.34 -28.06
C LEU A 367 -29.65 -9.12 -28.70
N HIS A 368 -30.72 -8.63 -28.11
CA HIS A 368 -31.45 -7.52 -28.68
C HIS A 368 -30.93 -6.22 -28.14
N ARG A 369 -29.71 -5.87 -28.56
CA ARG A 369 -28.92 -4.81 -27.95
C ARG A 369 -28.94 -3.47 -28.72
N VAL A 370 -29.02 -3.53 -30.04
CA VAL A 370 -29.13 -2.33 -30.88
C VAL A 370 -30.47 -2.26 -31.64
N SER A 371 -31.16 -1.13 -31.49
CA SER A 371 -32.45 -0.86 -32.14
C SER A 371 -32.33 -0.02 -33.40
N ARG A 372 -33.10 -0.40 -34.42
CA ARG A 372 -33.19 0.37 -35.67
C ARG A 372 -34.08 1.59 -35.56
N ALA A 373 -35.27 1.40 -34.97
CA ALA A 373 -36.41 2.34 -35.01
C ALA A 373 -37.16 2.38 -36.36
N ALA A 374 -36.50 1.96 -37.44
CA ALA A 374 -37.09 1.81 -38.78
C ALA A 374 -36.15 0.95 -39.63
N PRO A 375 -36.38 -0.40 -39.69
CA PRO A 375 -35.54 -1.48 -40.28
C PRO A 375 -34.59 -1.11 -41.46
N GLY A 376 -33.49 -0.43 -41.14
CA GLY A 376 -32.56 0.15 -42.14
C GLY A 376 -31.88 1.47 -41.74
N GLU A 377 -32.53 2.24 -40.87
CA GLU A 377 -32.03 3.54 -40.38
C GLU A 377 -31.05 3.42 -39.18
N GLU A 378 -30.30 4.50 -38.93
CA GLU A 378 -29.22 4.59 -37.90
C GLU A 378 -29.54 4.06 -36.49
N ALA A 379 -28.50 3.49 -35.85
CA ALA A 379 -28.58 2.68 -34.60
C ALA A 379 -28.84 3.41 -33.27
N ARG A 380 -29.51 2.70 -32.37
CA ARG A 380 -29.68 3.07 -30.97
C ARG A 380 -29.23 1.87 -30.14
N LEU A 381 -28.81 2.09 -28.91
CA LEU A 381 -28.70 1.00 -27.95
C LEU A 381 -30.12 0.72 -27.46
N SER A 382 -30.55 -0.55 -27.55
CA SER A 382 -31.81 -1.01 -26.93
C SER A 382 -31.75 -0.86 -25.41
N ALA A 383 -32.85 -0.40 -24.80
CA ALA A 383 -32.96 -0.31 -23.35
C ALA A 383 -32.94 -1.70 -22.73
N LEU A 384 -32.28 -1.81 -21.59
CA LEU A 384 -32.16 -3.09 -20.87
C LEU A 384 -33.50 -3.46 -20.20
N PRO A 385 -33.68 -4.75 -19.80
CA PRO A 385 -34.68 -5.12 -18.81
C PRO A 385 -34.88 -4.01 -17.76
N GLN A 386 -36.13 -3.71 -17.42
CA GLN A 386 -36.39 -2.52 -16.61
C GLN A 386 -35.97 -2.66 -15.14
N ILE A 387 -35.90 -1.53 -14.45
CA ILE A 387 -35.49 -1.51 -13.04
C ILE A 387 -36.64 -2.01 -12.18
N ILE A 388 -36.30 -2.98 -11.33
CA ILE A 388 -37.25 -3.65 -10.46
C ILE A 388 -37.83 -2.71 -9.39
N GLU A 389 -38.94 -3.14 -8.77
CA GLU A 389 -39.59 -2.41 -7.66
C GLU A 389 -39.20 -2.99 -6.30
N GLU A 390 -38.49 -4.11 -6.32
CA GLU A 390 -38.06 -4.82 -5.14
C GLU A 390 -36.86 -4.13 -4.48
N GLU A 391 -37.14 -2.99 -3.85
CA GLU A 391 -36.15 -2.07 -3.27
C GLU A 391 -35.20 -2.68 -2.22
N LYS A 392 -35.52 -3.89 -1.77
CA LYS A 392 -34.63 -4.69 -0.89
C LYS A 392 -33.51 -5.35 -1.71
N THR A 393 -33.86 -5.98 -2.84
CA THR A 393 -32.90 -6.62 -3.77
C THR A 393 -31.85 -5.60 -4.23
N CYS A 394 -32.34 -4.48 -4.76
CA CYS A 394 -31.51 -3.33 -5.16
C CYS A 394 -30.43 -2.97 -4.13
N LYS A 395 -30.84 -2.73 -2.87
CA LYS A 395 -29.98 -2.18 -1.82
C LYS A 395 -28.52 -2.64 -1.90
N TYR A 396 -28.33 -3.96 -1.97
CA TYR A 396 -27.01 -4.57 -2.05
C TYR A 396 -26.81 -5.17 -3.45
N CYS A 397 -26.49 -4.33 -4.43
CA CYS A 397 -26.36 -4.83 -5.80
C CYS A 397 -24.94 -4.86 -6.42
N SER A 398 -24.18 -3.76 -6.24
CA SER A 398 -22.85 -3.52 -6.88
C SER A 398 -22.97 -3.19 -8.37
N GLN A 399 -23.98 -3.79 -8.99
CA GLN A 399 -24.36 -3.52 -10.35
C GLN A 399 -25.21 -2.24 -10.43
N ILE A 400 -25.77 -1.79 -9.30
CA ILE A 400 -26.43 -0.47 -9.13
C ILE A 400 -25.66 0.71 -9.79
N GLY A 401 -24.33 0.68 -9.68
CA GLY A 401 -23.46 1.65 -10.35
C GLY A 401 -23.70 1.76 -11.84
N ASN A 402 -23.56 0.63 -12.54
CA ASN A 402 -23.86 0.52 -13.97
C ASN A 402 -25.33 0.64 -14.33
N CYS A 403 -26.20 0.20 -13.43
CA CYS A 403 -27.63 0.29 -13.62
C CYS A 403 -28.06 1.75 -13.66
N ALA A 404 -27.63 2.54 -12.66
CA ALA A 404 -27.93 3.97 -12.58
C ALA A 404 -27.32 4.66 -13.80
N LEU A 405 -26.06 4.30 -14.07
CA LEU A 405 -25.30 4.87 -15.17
C LEU A 405 -25.90 4.57 -16.56
N TYR A 406 -26.34 3.31 -16.79
CA TYR A 406 -26.95 2.92 -18.07
C TYR A 406 -28.28 3.63 -18.25
N SER A 407 -29.08 3.65 -17.17
CA SER A 407 -30.30 4.46 -17.09
C SER A 407 -30.07 5.90 -17.54
N ARG A 408 -29.25 6.66 -16.83
CA ARG A 408 -29.03 8.08 -17.17
C ARG A 408 -28.43 8.37 -18.57
N ALA A 409 -27.53 7.52 -19.03
CA ALA A 409 -26.95 7.70 -20.35
C ALA A 409 -27.80 7.11 -21.50
N VAL A 410 -28.68 6.15 -21.20
CA VAL A 410 -29.66 5.59 -22.20
C VAL A 410 -31.10 5.31 -21.62
N GLU A 411 -31.99 6.31 -21.66
CA GLU A 411 -33.32 6.18 -21.02
C GLU A 411 -34.48 6.87 -21.73
N GLU A 412 -35.60 7.02 -21.02
CA GLU A 412 -36.74 7.79 -21.50
C GLU A 412 -37.58 8.36 -20.33
N ASP A 415 -40.84 12.89 -20.59
CA ASP A 415 -42.15 12.89 -19.93
C ASP A 415 -42.35 11.69 -18.98
N ASP A 416 -41.78 10.53 -19.34
CA ASP A 416 -42.02 9.26 -18.64
C ASP A 416 -41.07 9.03 -17.46
N ALA A 417 -40.31 7.93 -17.51
CA ALA A 417 -39.74 7.21 -16.35
C ALA A 417 -40.79 6.25 -15.74
N SER A 418 -41.62 6.75 -14.81
CA SER A 418 -42.55 5.92 -13.99
C SER A 418 -41.89 4.61 -13.50
N ILE A 419 -40.63 4.79 -13.11
CA ILE A 419 -39.72 3.78 -12.60
C ILE A 419 -39.54 4.20 -11.13
N PRO A 420 -39.59 3.23 -10.18
CA PRO A 420 -39.77 3.52 -8.73
C PRO A 420 -38.99 4.71 -8.20
N GLU A 421 -39.65 5.53 -7.39
CA GLU A 421 -39.13 6.85 -6.98
C GLU A 421 -38.21 6.84 -5.76
N ALA A 422 -38.09 5.68 -5.12
CA ALA A 422 -37.03 5.44 -4.14
C ALA A 422 -35.72 5.10 -4.88
N MET A 423 -35.88 4.60 -6.11
CA MET A 423 -34.76 4.30 -6.99
C MET A 423 -34.36 5.51 -7.84
N LEU A 424 -35.36 6.27 -8.33
CA LEU A 424 -35.15 7.50 -9.10
C LEU A 424 -34.21 8.52 -8.45
N SER A 425 -34.16 8.49 -7.11
CA SER A 425 -33.27 9.36 -6.35
C SER A 425 -31.88 8.76 -6.20
N LYS A 426 -31.80 7.44 -5.96
CA LYS A 426 -30.52 6.68 -5.95
C LYS A 426 -29.76 6.84 -7.26
N ILE A 427 -30.47 6.77 -8.38
CA ILE A 427 -29.93 7.03 -9.72
C ILE A 427 -29.28 8.42 -9.82
N GLN A 428 -29.91 9.44 -9.21
CA GLN A 428 -29.32 10.78 -9.18
C GLN A 428 -28.11 10.94 -8.26
N GLU A 429 -28.19 10.39 -7.04
CA GLU A 429 -27.03 10.37 -6.13
C GLU A 429 -25.85 9.75 -6.83
N GLU A 430 -26.11 8.65 -7.54
CA GLU A 430 -25.06 7.86 -8.20
C GLU A 430 -24.45 8.54 -9.42
N THR A 431 -25.22 9.40 -10.08
CA THR A 431 -24.78 10.01 -11.34
C THR A 431 -24.86 11.56 -11.31
N ARG A 432 -24.75 12.17 -10.14
CA ARG A 432 -24.79 13.65 -10.04
C ARG A 432 -23.45 14.27 -10.41
N HIS A 433 -22.40 13.46 -10.34
CA HIS A 433 -21.04 13.95 -10.56
C HIS A 433 -20.71 14.13 -12.05
N LEU A 434 -21.51 13.49 -12.90
CA LEU A 434 -21.26 13.43 -14.33
C LEU A 434 -21.94 14.56 -15.07
N GLN A 435 -21.30 15.04 -16.12
CA GLN A 435 -21.89 16.02 -17.00
C GLN A 435 -22.42 15.41 -18.29
N LEU A 436 -23.21 16.21 -19.01
CA LEU A 436 -23.89 15.80 -20.22
C LEU A 436 -22.88 15.22 -21.22
N ALA A 437 -21.77 15.93 -21.42
CA ALA A 437 -20.72 15.48 -22.33
C ALA A 437 -20.29 14.08 -21.99
N HIS A 438 -20.11 13.82 -20.69
CA HIS A 438 -19.67 12.55 -20.14
C HIS A 438 -20.63 11.42 -20.42
N LEU A 439 -21.91 11.67 -20.21
CA LEU A 439 -22.94 10.69 -20.49
C LEU A 439 -23.01 10.41 -21.97
N LYS A 440 -23.03 11.46 -22.78
CA LYS A 440 -23.05 11.32 -24.23
C LYS A 440 -21.89 10.44 -24.67
N TYR A 441 -20.68 10.78 -24.21
CA TYR A 441 -19.47 9.99 -24.46
C TYR A 441 -19.63 8.50 -24.10
N PHE A 442 -20.07 8.21 -22.86
CA PHE A 442 -20.33 6.83 -22.42
C PHE A 442 -21.31 6.15 -23.34
N SER A 443 -22.48 6.77 -23.52
CA SER A 443 -23.53 6.19 -24.34
C SER A 443 -23.05 5.83 -25.75
N LEU A 444 -22.29 6.74 -26.41
CA LEU A 444 -21.81 6.48 -27.78
C LEU A 444 -20.78 5.36 -27.83
N TRP A 445 -19.83 5.43 -26.92
CA TRP A 445 -18.81 4.39 -26.88
C TRP A 445 -19.35 2.99 -26.64
N CYS A 446 -20.45 2.88 -25.90
CA CYS A 446 -21.17 1.58 -25.80
C CYS A 446 -21.80 1.19 -27.10
N LEU A 447 -22.53 2.14 -27.70
CA LEU A 447 -23.21 1.85 -28.92
C LEU A 447 -22.17 1.29 -29.90
N MET A 448 -21.09 2.04 -30.11
CA MET A 448 -20.08 1.61 -31.07
C MET A 448 -19.54 0.19 -30.77
N LEU A 449 -19.19 0.01 -29.50
CA LEU A 449 -18.64 -1.24 -29.02
C LEU A 449 -19.57 -2.42 -29.26
N THR A 450 -20.85 -2.23 -28.93
CA THR A 450 -21.91 -3.23 -29.13
C THR A 450 -22.00 -3.67 -30.60
N LEU A 451 -22.09 -2.68 -31.50
CA LEU A 451 -22.18 -2.92 -32.93
C LEU A 451 -20.97 -3.72 -33.40
N GLU A 452 -19.79 -3.26 -32.98
CA GLU A 452 -18.55 -3.95 -33.25
C GLU A 452 -18.60 -5.38 -32.72
N SER A 453 -18.96 -5.54 -31.45
CA SER A 453 -19.11 -6.86 -30.87
C SER A 453 -20.09 -7.75 -31.64
N GLN A 454 -21.20 -7.17 -32.06
CA GLN A 454 -22.24 -7.92 -32.75
C GLN A 454 -21.97 -8.21 -34.22
N SER A 455 -20.87 -7.70 -34.77
CA SER A 455 -20.53 -7.91 -36.18
C SER A 455 -20.51 -9.37 -36.54
N LYS A 456 -20.99 -9.67 -37.75
CA LYS A 456 -21.24 -11.05 -38.22
C LYS A 456 -20.05 -11.99 -38.06
N ASP A 457 -18.83 -11.44 -38.22
CA ASP A 457 -17.55 -12.18 -38.20
C ASP A 457 -17.24 -12.83 -36.85
N ASN A 458 -17.47 -12.08 -35.78
CA ASN A 458 -17.29 -12.59 -34.42
C ASN A 458 -18.59 -13.12 -33.79
N ARG A 459 -19.43 -13.74 -34.63
CA ARG A 459 -20.71 -14.29 -34.19
C ARG A 459 -20.93 -15.75 -34.62
N LYS A 460 -19.82 -16.43 -34.96
CA LYS A 460 -19.85 -17.85 -35.34
C LYS A 460 -20.21 -18.77 -34.19
N THR A 461 -21.09 -19.73 -34.46
CA THR A 461 -21.57 -20.74 -33.50
C THR A 461 -20.62 -21.96 -33.44
N HIS A 462 -20.79 -22.78 -32.40
CA HIS A 462 -19.97 -23.96 -32.20
C HIS A 462 -20.47 -25.19 -32.98
N GLN A 463 -21.41 -24.98 -33.92
CA GLN A 463 -22.06 -26.10 -34.63
C GLN A 463 -21.11 -27.03 -35.39
N SER A 464 -20.11 -26.43 -36.03
CA SER A 464 -19.04 -27.18 -36.68
C SER A 464 -18.47 -28.25 -35.75
N ILE A 465 -18.18 -27.85 -34.50
CA ILE A 465 -17.57 -28.75 -33.49
C ILE A 465 -18.47 -29.93 -33.17
N TRP A 466 -19.77 -29.69 -32.95
CA TRP A 466 -20.65 -30.76 -32.52
C TRP A 466 -21.54 -31.41 -33.57
N LEU A 467 -21.67 -30.81 -34.76
CA LEU A 467 -22.54 -31.41 -35.80
C LEU A 467 -21.83 -32.13 -36.94
N THR A 468 -20.84 -31.49 -37.56
CA THR A 468 -20.08 -32.17 -38.62
C THR A 468 -18.87 -32.83 -37.98
N PRO A 469 -18.55 -34.10 -38.35
CA PRO A 469 -17.41 -34.78 -37.73
C PRO A 469 -16.04 -34.34 -38.28
N ALA A 470 -15.01 -34.95 -37.70
CA ALA A 470 -13.60 -34.56 -37.81
C ALA A 470 -13.07 -34.21 -39.21
N SER A 471 -13.13 -35.17 -40.15
CA SER A 471 -12.51 -35.08 -41.48
C SER A 471 -12.93 -33.85 -42.28
N GLU A 472 -14.25 -33.69 -42.46
CA GLU A 472 -14.83 -32.64 -43.31
C GLU A 472 -14.33 -31.24 -42.96
N LEU A 473 -13.90 -31.06 -41.72
CA LEU A 473 -13.41 -29.78 -41.23
C LEU A 473 -11.87 -29.63 -41.18
N GLU A 474 -11.11 -30.74 -41.20
CA GLU A 474 -9.63 -30.63 -41.12
C GLU A 474 -8.98 -30.07 -42.39
N GLU A 475 -9.66 -30.26 -43.53
CA GLU A 475 -9.18 -29.83 -44.84
C GLU A 475 -8.92 -28.33 -44.99
N SER A 476 -9.40 -27.55 -44.02
CA SER A 476 -9.17 -26.11 -43.94
C SER A 476 -9.25 -25.68 -42.48
N GLY A 477 -9.43 -24.37 -42.24
CA GLY A 477 -9.56 -23.75 -40.91
C GLY A 477 -8.74 -24.46 -39.86
N ASN A 478 -9.40 -24.88 -38.80
CA ASN A 478 -8.78 -25.85 -37.90
C ASN A 478 -9.77 -26.81 -37.25
N CYS A 479 -9.70 -28.06 -37.68
CA CYS A 479 -10.24 -29.19 -36.92
C CYS A 479 -9.35 -30.41 -37.10
N VAL A 480 -8.21 -30.39 -36.41
CA VAL A 480 -7.39 -31.58 -36.26
C VAL A 480 -8.12 -32.51 -35.29
N GLY A 481 -8.34 -33.76 -35.70
CA GLY A 481 -9.10 -34.67 -34.84
C GLY A 481 -9.29 -36.12 -35.22
N ASN A 482 -8.31 -36.93 -34.86
CA ASN A 482 -8.48 -38.38 -34.75
C ASN A 482 -7.43 -38.85 -33.77
N LEU A 483 -7.33 -38.12 -32.66
CA LEU A 483 -6.16 -38.15 -31.79
C LEU A 483 -6.39 -38.85 -30.44
N VAL A 484 -5.37 -39.56 -29.95
CA VAL A 484 -5.43 -40.19 -28.60
C VAL A 484 -4.26 -39.64 -27.79
N ARG A 485 -4.40 -39.69 -26.46
CA ARG A 485 -3.31 -39.39 -25.52
C ARG A 485 -2.97 -40.65 -24.71
N THR A 486 -1.70 -40.77 -24.30
CA THR A 486 -1.26 -41.79 -23.32
C THR A 486 -0.18 -41.26 -22.38
N GLU A 487 0.61 -40.32 -22.89
CA GLU A 487 1.73 -39.68 -22.18
C GLU A 487 1.18 -39.04 -20.91
N PRO A 488 1.81 -39.33 -19.73
CA PRO A 488 1.29 -38.79 -18.45
C PRO A 488 1.11 -37.26 -18.47
N VAL A 489 -0.02 -36.79 -17.94
CA VAL A 489 -0.36 -35.37 -17.92
C VAL A 489 0.50 -34.66 -16.86
N SER A 490 1.31 -33.68 -17.27
CA SER A 490 2.04 -32.85 -16.32
C SER A 490 1.22 -31.62 -15.90
N ARG A 491 1.66 -30.96 -14.82
CA ARG A 491 0.83 -30.01 -14.05
C ARG A 491 1.06 -28.50 -14.25
N VAL A 492 2.32 -28.07 -14.38
CA VAL A 492 2.75 -26.64 -14.45
C VAL A 492 2.29 -25.77 -13.25
N CYS A 493 1.00 -25.38 -13.19
CA CYS A 493 0.33 -24.84 -11.97
C CYS A 493 -1.20 -24.87 -12.11
N ASP A 494 -1.87 -25.35 -11.06
CA ASP A 494 -3.34 -25.51 -10.99
C ASP A 494 -4.01 -25.95 -12.30
N GLY A 495 -4.70 -25.03 -12.99
CA GLY A 495 -5.49 -25.33 -14.18
C GLY A 495 -4.79 -25.02 -15.49
N GLN A 496 -3.58 -25.55 -15.62
CA GLN A 496 -2.81 -25.48 -16.87
C GLN A 496 -2.03 -26.80 -17.08
N TYR A 497 -2.78 -27.84 -17.44
CA TYR A 497 -2.24 -29.20 -17.62
C TYR A 497 -1.70 -29.47 -19.03
N LEU A 498 -0.48 -30.00 -19.09
CA LEU A 498 0.18 -30.30 -20.37
C LEU A 498 -0.22 -31.70 -20.85
N HIS A 499 -0.69 -31.77 -22.09
CA HIS A 499 -1.15 -33.00 -22.73
C HIS A 499 -0.41 -33.24 -24.05
N ASN A 500 -0.49 -34.47 -24.56
CA ASN A 500 0.16 -34.87 -25.81
C ASN A 500 -0.74 -35.82 -26.61
N PHE A 501 -1.01 -35.46 -27.86
CA PHE A 501 -1.97 -36.15 -28.75
C PHE A 501 -1.32 -36.58 -30.06
N GLN A 502 -1.83 -37.68 -30.64
CA GLN A 502 -1.51 -38.11 -32.03
C GLN A 502 -2.58 -39.04 -32.59
N ARG A 503 -2.56 -39.23 -33.91
CA ARG A 503 -3.59 -40.03 -34.59
C ARG A 503 -3.56 -41.54 -34.31
N LYS A 504 -4.74 -42.15 -34.42
CA LYS A 504 -4.86 -43.60 -34.54
C LYS A 504 -4.10 -44.09 -35.77
N ASN A 505 -3.53 -45.28 -35.62
CA ASN A 505 -2.77 -45.99 -36.67
C ASN A 505 -1.45 -45.34 -37.13
N GLY A 506 -1.52 -44.21 -37.85
CA GLY A 506 -0.36 -43.71 -38.59
C GLY A 506 -0.16 -42.23 -38.80
N PRO A 507 -0.59 -41.72 -39.98
CA PRO A 507 0.00 -40.50 -40.54
C PRO A 507 -0.66 -39.22 -40.03
N MET A 508 -0.68 -38.18 -40.88
CA MET A 508 -1.78 -37.18 -41.00
C MET A 508 -1.54 -35.70 -40.63
N PRO A 509 -2.37 -34.78 -41.21
CA PRO A 509 -1.86 -33.54 -41.78
C PRO A 509 -1.56 -32.41 -40.83
N ALA A 510 -1.60 -31.20 -41.37
CA ALA A 510 -1.76 -29.96 -40.65
C ALA A 510 -2.55 -29.06 -41.60
N THR A 511 -2.98 -27.91 -41.11
CA THR A 511 -3.34 -26.75 -41.93
C THR A 511 -3.13 -25.53 -41.02
N ASN A 512 -4.21 -24.82 -40.72
CA ASN A 512 -4.17 -23.52 -40.05
C ASN A 512 -4.33 -23.75 -38.56
N LEU A 513 -3.21 -24.09 -37.92
CA LEU A 513 -3.21 -24.63 -36.56
C LEU A 513 -1.91 -24.30 -35.81
N MET A 514 -1.49 -23.04 -35.89
CA MET A 514 -0.15 -22.64 -35.46
C MET A 514 0.04 -22.61 -33.94
N ALA A 515 1.14 -23.24 -33.49
CA ALA A 515 1.49 -23.41 -32.07
C ALA A 515 1.49 -22.08 -31.29
N GLY A 516 0.43 -21.88 -30.51
CA GLY A 516 0.18 -20.61 -29.81
C GLY A 516 -1.31 -20.32 -29.82
N ASP A 517 -2.02 -20.91 -30.78
CA ASP A 517 -3.48 -20.76 -31.03
C ASP A 517 -4.40 -21.13 -29.85
N ARG A 518 -5.48 -20.35 -29.68
CA ARG A 518 -6.58 -20.71 -28.76
C ARG A 518 -7.37 -21.84 -29.39
N ILE A 519 -7.41 -22.93 -28.66
CA ILE A 519 -8.00 -24.18 -29.14
C ILE A 519 -8.92 -24.82 -28.08
N ILE A 520 -9.96 -25.49 -28.56
CA ILE A 520 -10.94 -26.18 -27.70
C ILE A 520 -10.87 -27.69 -27.96
N LEU A 521 -10.66 -28.48 -26.89
CA LEU A 521 -10.47 -29.93 -27.03
C LEU A 521 -11.67 -30.76 -26.62
N SER A 522 -12.43 -31.21 -27.62
CA SER A 522 -13.54 -32.15 -27.43
C SER A 522 -13.05 -33.57 -27.71
N GLY A 523 -13.89 -34.54 -27.37
CA GLY A 523 -13.69 -35.91 -27.80
C GLY A 523 -14.53 -36.23 -29.04
N GLU A 524 -14.05 -37.21 -29.79
CA GLU A 524 -14.82 -38.00 -30.77
C GLU A 524 -16.34 -37.77 -30.81
N GLU A 525 -17.05 -38.34 -29.83
CA GLU A 525 -18.50 -38.39 -29.84
C GLU A 525 -19.03 -37.10 -29.32
N ARG A 526 -20.29 -36.84 -29.67
CA ARG A 526 -20.99 -35.65 -29.23
C ARG A 526 -21.15 -35.56 -27.72
N LYS A 527 -21.12 -36.72 -27.07
CA LYS A 527 -21.25 -36.84 -25.62
C LYS A 527 -20.01 -36.32 -24.86
N LEU A 528 -18.91 -36.11 -25.59
CA LEU A 528 -17.67 -35.55 -25.03
C LEU A 528 -17.22 -34.24 -25.71
N PHE A 529 -18.21 -33.36 -25.90
CA PHE A 529 -18.05 -32.01 -26.44
C PHE A 529 -17.79 -30.97 -25.33
N ALA A 530 -16.90 -30.02 -25.62
CA ALA A 530 -16.28 -29.08 -24.66
C ALA A 530 -15.16 -29.81 -23.94
N LEU A 531 -15.37 -30.23 -22.70
CA LEU A 531 -14.33 -30.82 -21.86
C LEU A 531 -13.39 -29.74 -21.40
N SER A 532 -12.28 -29.56 -22.14
CA SER A 532 -11.25 -28.58 -21.79
C SER A 532 -10.95 -27.65 -22.95
N LYS A 533 -10.66 -26.39 -22.62
CA LYS A 533 -10.12 -25.42 -23.59
C LYS A 533 -8.66 -25.03 -23.25
N GLY A 534 -7.94 -24.43 -24.20
CA GLY A 534 -6.55 -24.03 -24.00
C GLY A 534 -5.80 -23.51 -25.21
N TYR A 535 -4.48 -23.66 -25.18
CA TYR A 535 -3.61 -23.22 -26.27
C TYR A 535 -2.55 -24.30 -26.55
N VAL A 536 -1.97 -24.22 -27.75
CA VAL A 536 -0.93 -25.15 -28.23
C VAL A 536 0.50 -24.78 -27.74
N LYS A 537 1.28 -25.78 -27.33
CA LYS A 537 2.69 -25.58 -26.96
C LYS A 537 3.61 -25.74 -28.18
N LYS A 538 3.77 -26.98 -28.64
CA LYS A 538 4.53 -27.27 -29.85
C LYS A 538 3.69 -28.00 -30.91
N MET A 539 4.31 -28.25 -32.06
CA MET A 539 3.65 -28.86 -33.20
C MET A 539 4.59 -29.70 -34.10
N ASN A 540 4.74 -30.99 -33.76
CA ASN A 540 5.31 -31.98 -34.70
C ASN A 540 4.26 -32.31 -35.75
N LYS A 541 4.65 -33.05 -36.79
CA LYS A 541 3.65 -33.68 -37.66
C LYS A 541 3.60 -35.19 -37.37
N ALA A 542 4.26 -35.55 -36.26
CA ALA A 542 4.10 -36.83 -35.58
C ALA A 542 3.12 -36.72 -34.39
N ALA A 543 3.25 -35.65 -33.59
CA ALA A 543 2.44 -35.43 -32.37
C ALA A 543 2.01 -33.96 -32.16
N VAL A 544 1.13 -33.71 -31.19
CA VAL A 544 0.71 -32.33 -30.78
C VAL A 544 0.56 -32.11 -29.26
N THR A 545 1.45 -31.30 -28.69
CA THR A 545 1.35 -30.89 -27.28
C THR A 545 0.57 -29.58 -27.15
N CYS A 546 -0.40 -29.57 -26.23
CA CYS A 546 -1.13 -28.35 -25.85
C CYS A 546 -1.39 -28.27 -24.35
N LEU A 547 -1.44 -27.04 -23.83
CA LEU A 547 -1.75 -26.78 -22.41
C LEU A 547 -3.22 -26.43 -22.27
N LEU A 548 -3.85 -27.07 -21.28
CA LEU A 548 -5.31 -27.03 -21.05
C LEU A 548 -5.65 -26.75 -19.59
N ASP A 549 -6.92 -26.47 -19.30
CA ASP A 549 -7.30 -26.17 -17.93
C ASP A 549 -7.71 -27.41 -17.15
N ARG A 550 -7.99 -28.50 -17.85
CA ARG A 550 -8.41 -29.75 -17.20
C ARG A 550 -7.37 -30.87 -17.33
N ASN A 551 -7.22 -31.64 -16.26
CA ASN A 551 -6.54 -32.92 -16.32
C ASN A 551 -7.50 -33.95 -16.86
N LEU A 552 -7.01 -34.73 -17.82
CA LEU A 552 -7.86 -35.63 -18.57
C LEU A 552 -7.36 -37.07 -18.53
N SER A 553 -7.72 -37.78 -17.46
CA SER A 553 -7.37 -39.19 -17.29
C SER A 553 -8.59 -40.10 -17.55
N THR A 554 -9.71 -39.73 -16.93
CA THR A 554 -10.94 -40.53 -16.76
C THR A 554 -11.22 -41.72 -17.74
N LEU A 555 -11.12 -41.51 -19.06
CA LEU A 555 -11.23 -42.65 -20.01
C LEU A 555 -10.10 -42.72 -21.04
N PRO A 556 -9.04 -43.51 -20.74
CA PRO A 556 -7.89 -43.52 -21.66
C PRO A 556 -8.13 -44.33 -22.93
N ALA A 557 -7.11 -44.40 -23.77
CA ALA A 557 -7.00 -45.31 -24.91
C ALA A 557 -8.18 -45.31 -25.90
N THR A 558 -9.35 -45.78 -25.44
CA THR A 558 -10.59 -45.86 -26.24
C THR A 558 -10.97 -44.51 -26.85
N THR A 559 -10.46 -43.43 -26.25
CA THR A 559 -10.91 -42.07 -26.55
C THR A 559 -10.13 -41.38 -27.67
N VAL A 560 -10.90 -40.99 -28.69
CA VAL A 560 -10.48 -40.16 -29.83
C VAL A 560 -10.87 -38.70 -29.48
N PHE A 561 -10.00 -37.75 -29.81
CA PHE A 561 -10.22 -36.34 -29.45
C PHE A 561 -10.11 -35.41 -30.65
N ARG A 562 -11.06 -34.47 -30.77
CA ARG A 562 -10.93 -33.37 -31.76
C ARG A 562 -10.53 -32.03 -31.13
N LEU A 563 -9.52 -31.39 -31.75
CA LEU A 563 -9.10 -30.00 -31.47
C LEU A 563 -9.75 -29.03 -32.47
N ASP A 564 -10.17 -27.84 -32.01
CA ASP A 564 -10.80 -26.80 -32.87
C ASP A 564 -10.30 -25.38 -32.54
N ARG A 565 -10.62 -24.41 -33.40
CA ARG A 565 -10.24 -22.99 -33.28
C ARG A 565 -11.07 -22.24 -32.20
N GLU A 566 -11.52 -21.02 -32.51
CA GLU A 566 -12.40 -20.19 -31.64
C GLU A 566 -12.78 -18.80 -32.19
N GLU A 567 -13.70 -18.12 -31.49
CA GLU A 567 -14.00 -16.68 -31.65
C GLU A 567 -14.64 -15.98 -30.41
N ARG A 568 -13.87 -15.13 -29.74
CA ARG A 568 -14.46 -14.12 -28.83
C ARG A 568 -14.97 -12.89 -29.64
N HIS A 569 -15.12 -11.76 -28.96
CA HIS A 569 -15.88 -10.54 -29.36
C HIS A 569 -16.33 -9.92 -28.04
N GLY A 570 -16.65 -10.81 -27.09
CA GLY A 570 -16.76 -10.51 -25.65
C GLY A 570 -15.39 -10.10 -25.14
N ASP A 571 -14.51 -9.81 -26.10
CA ASP A 571 -13.47 -8.87 -25.89
C ASP A 571 -14.07 -7.63 -25.24
N ILE A 572 -15.27 -7.20 -25.70
CA ILE A 572 -15.81 -5.88 -25.28
C ILE A 572 -15.95 -5.67 -23.78
N SER A 573 -15.76 -6.72 -22.99
CA SER A 573 -15.71 -6.59 -21.55
C SER A 573 -14.66 -5.58 -21.05
N THR A 574 -13.41 -5.71 -21.49
CA THR A 574 -12.33 -4.78 -21.08
C THR A 574 -12.63 -3.32 -21.46
N PRO A 575 -12.95 -3.04 -22.76
CA PRO A 575 -13.34 -1.69 -23.11
C PRO A 575 -14.47 -1.21 -22.22
N LEU A 576 -15.52 -2.04 -22.05
CA LEU A 576 -16.68 -1.65 -21.23
C LEU A 576 -16.28 -1.33 -19.81
N GLY A 577 -15.35 -2.14 -19.28
CA GLY A 577 -14.79 -1.94 -17.95
C GLY A 577 -14.20 -0.54 -17.86
N ASN A 578 -13.28 -0.23 -18.78
CA ASN A 578 -12.60 1.05 -18.80
C ASN A 578 -13.60 2.21 -18.89
N LEU A 579 -14.66 2.04 -19.68
CA LEU A 579 -15.72 3.05 -19.79
C LEU A 579 -16.52 3.25 -18.53
N SER A 580 -16.83 2.15 -17.88
CA SER A 580 -17.46 2.17 -16.58
C SER A 580 -16.55 2.88 -15.53
N LYS A 581 -15.26 2.52 -15.50
CA LYS A 581 -14.28 3.13 -14.61
C LYS A 581 -14.15 4.63 -14.86
N LEU A 582 -14.18 5.02 -16.13
CA LEU A 582 -14.14 6.44 -16.49
C LEU A 582 -15.29 7.22 -15.84
N MET A 583 -16.48 6.61 -15.83
CA MET A 583 -17.65 7.24 -15.24
C MET A 583 -17.68 7.29 -13.69
N GLU A 584 -16.85 6.48 -13.01
CA GLU A 584 -16.77 6.49 -11.55
C GLU A 584 -16.45 7.89 -11.04
N SER A 585 -16.94 8.25 -9.86
CA SER A 585 -16.53 9.51 -9.26
C SER A 585 -15.36 9.26 -8.32
N THR A 586 -14.18 9.18 -8.91
CA THR A 586 -12.94 9.17 -8.16
C THR A 586 -12.18 10.34 -8.76
N ASP A 587 -11.17 10.85 -8.05
CA ASP A 587 -10.36 11.93 -8.63
C ASP A 587 -9.61 11.58 -9.94
N PRO A 588 -8.96 10.38 -10.01
CA PRO A 588 -8.41 9.99 -11.31
C PRO A 588 -9.42 9.95 -12.49
N SER A 589 -10.62 9.41 -12.27
CA SER A 589 -11.67 9.41 -13.31
C SER A 589 -12.13 10.82 -13.71
N LYS A 590 -12.23 11.74 -12.76
CA LYS A 590 -12.53 13.13 -13.08
C LYS A 590 -11.45 13.68 -14.03
N ARG A 591 -10.19 13.53 -13.60
CA ARG A 591 -9.03 14.01 -14.33
C ARG A 591 -9.05 13.50 -15.77
N LEU A 592 -9.36 12.22 -15.97
CA LEU A 592 -9.41 11.63 -17.29
C LEU A 592 -10.60 12.09 -18.11
N ARG A 593 -11.76 12.22 -17.45
CA ARG A 593 -12.95 12.82 -18.04
C ARG A 593 -12.67 14.19 -18.65
N GLU A 594 -12.03 15.05 -17.86
CA GLU A 594 -11.71 16.38 -18.28
C GLU A 594 -10.70 16.41 -19.40
N LEU A 595 -9.64 15.62 -19.29
CA LEU A 595 -8.61 15.57 -20.34
C LEU A 595 -9.08 14.91 -21.64
N ILE A 596 -9.82 13.82 -21.51
CA ILE A 596 -10.33 13.09 -22.68
C ILE A 596 -11.69 13.58 -23.19
N ILE A 597 -12.76 13.43 -22.41
CA ILE A 597 -14.09 13.85 -22.88
C ILE A 597 -14.14 15.38 -23.12
N ASP A 598 -13.63 16.17 -22.18
CA ASP A 598 -13.89 17.60 -22.18
C ASP A 598 -12.76 18.37 -22.87
N PHE A 599 -11.76 17.64 -23.39
CA PHE A 599 -10.63 18.24 -24.13
C PHE A 599 -9.87 19.34 -23.39
N ARG A 600 -9.90 19.31 -22.06
CA ARG A 600 -9.12 20.24 -21.25
C ARG A 600 -7.68 20.29 -21.71
N GLU A 601 -7.16 21.50 -21.85
CA GLU A 601 -5.85 21.71 -22.45
C GLU A 601 -4.75 21.18 -21.52
N PRO A 602 -3.86 20.34 -22.05
CA PRO A 602 -2.76 19.89 -21.24
C PRO A 602 -1.80 21.04 -20.97
N GLN A 603 -1.30 21.06 -19.75
CA GLN A 603 -0.30 22.01 -19.32
C GLN A 603 1.14 21.47 -19.47
N PHE A 604 2.04 22.41 -19.79
CA PHE A 604 3.50 22.23 -19.70
C PHE A 604 4.15 23.40 -18.96
N ILE A 605 5.07 23.13 -18.04
CA ILE A 605 5.76 24.22 -17.39
C ILE A 605 6.96 24.64 -18.25
N ALA A 606 7.46 25.87 -18.01
CA ALA A 606 8.70 26.38 -18.63
C ALA A 606 9.92 25.88 -17.88
N TYR A 607 10.95 25.48 -18.63
CA TYR A 607 12.16 24.84 -18.06
C TYR A 607 12.86 25.65 -16.97
N LEU A 608 13.18 25.00 -15.86
CA LEU A 608 14.01 25.63 -14.82
C LEU A 608 15.16 24.70 -14.43
N SER A 609 16.18 25.24 -13.78
CA SER A 609 17.37 24.44 -13.42
C SER A 609 17.05 23.12 -12.70
N SER A 610 16.12 23.20 -11.76
CA SER A 610 15.80 22.07 -10.91
C SER A 610 14.42 21.43 -11.22
N VAL A 611 14.11 21.25 -12.51
CA VAL A 611 12.97 20.43 -12.91
C VAL A 611 13.31 18.94 -12.69
N LEU A 612 14.60 18.64 -12.59
CA LEU A 612 15.05 17.27 -12.32
C LEU A 612 15.86 17.27 -11.03
N PRO A 613 15.72 16.20 -10.21
CA PRO A 613 16.64 15.99 -9.08
C PRO A 613 18.08 16.24 -9.50
N HIS A 614 18.76 17.10 -8.75
CA HIS A 614 20.14 17.46 -9.06
C HIS A 614 21.00 16.25 -9.45
N ASP A 615 20.88 15.18 -8.68
CA ASP A 615 21.65 14.00 -8.94
C ASP A 615 21.37 13.30 -10.25
N ALA A 616 20.19 13.50 -10.82
CA ALA A 616 19.84 12.86 -12.11
C ALA A 616 20.53 13.47 -13.34
N LYS A 617 21.04 14.70 -13.17
CA LYS A 617 21.31 15.61 -14.28
C LYS A 617 22.41 15.19 -15.21
N ASP A 618 23.51 14.68 -14.66
CA ASP A 618 24.60 14.14 -15.47
C ASP A 618 24.11 12.96 -16.28
N THR A 619 23.40 12.07 -15.62
CA THR A 619 22.91 10.86 -16.24
C THR A 619 21.94 11.19 -17.36
N VAL A 620 21.03 12.13 -17.09
CA VAL A 620 20.09 12.62 -18.10
C VAL A 620 20.80 13.28 -19.29
N ALA A 621 21.77 14.15 -19.01
CA ALA A 621 22.55 14.79 -20.07
C ALA A 621 23.26 13.79 -20.96
N ASN A 622 23.90 12.76 -20.37
CA ASN A 622 24.46 11.67 -21.16
C ASN A 622 23.47 10.99 -22.06
N ILE A 623 22.32 10.61 -21.50
CA ILE A 623 21.27 9.96 -22.29
C ILE A 623 20.82 10.84 -23.48
N LEU A 624 20.54 12.11 -23.18
CA LEU A 624 20.17 13.10 -24.18
C LEU A 624 21.19 13.18 -25.32
N LYS A 625 22.48 13.22 -24.97
CA LYS A 625 23.56 13.39 -25.95
C LYS A 625 23.59 12.26 -26.99
N GLY A 626 23.06 11.08 -26.65
CA GLY A 626 22.83 10.01 -27.63
C GLY A 626 21.75 10.28 -28.68
N LEU A 627 20.88 11.26 -28.46
CA LEU A 627 19.64 11.34 -29.23
C LEU A 627 19.65 12.49 -30.22
N ASN A 628 19.08 12.26 -31.42
CA ASN A 628 18.82 13.33 -32.42
C ASN A 628 17.91 14.45 -31.85
N LYS A 629 17.92 15.63 -32.46
CA LYS A 629 17.23 16.78 -31.86
C LYS A 629 15.72 16.57 -31.56
N PRO A 630 14.87 16.10 -32.53
CA PRO A 630 13.44 15.95 -32.17
C PRO A 630 13.19 14.94 -31.04
N GLN A 631 14.04 13.93 -30.95
CA GLN A 631 14.04 13.02 -29.84
C GLN A 631 14.24 13.79 -28.54
N ARG A 632 15.26 14.64 -28.50
CA ARG A 632 15.57 15.40 -27.28
C ARG A 632 14.40 16.28 -26.92
N GLN A 633 13.83 16.95 -27.93
CA GLN A 633 12.62 17.74 -27.81
C GLN A 633 11.46 16.94 -27.19
N ALA A 634 11.32 15.66 -27.58
CA ALA A 634 10.32 14.76 -27.04
C ALA A 634 10.54 14.56 -25.55
N MET A 635 11.76 14.22 -25.18
CA MET A 635 12.12 14.01 -23.77
C MET A 635 11.82 15.26 -22.91
N LYS A 636 12.13 16.42 -23.49
CA LYS A 636 11.90 17.69 -22.82
C LYS A 636 10.41 17.82 -22.53
N ARG A 637 9.57 17.52 -23.53
CA ARG A 637 8.13 17.76 -23.40
C ARG A 637 7.52 16.89 -22.31
N VAL A 638 8.04 15.67 -22.20
CA VAL A 638 7.58 14.76 -21.19
C VAL A 638 8.00 15.33 -19.84
N LEU A 639 9.24 15.78 -19.75
CA LEU A 639 9.77 16.32 -18.49
C LEU A 639 9.07 17.60 -18.05
N LEU A 640 8.69 18.43 -19.01
CA LEU A 640 7.94 19.63 -18.72
C LEU A 640 6.42 19.44 -18.64
N SER A 641 5.93 18.21 -18.86
CA SER A 641 4.49 17.96 -18.87
C SER A 641 3.90 17.98 -17.49
N LYS A 642 2.63 18.40 -17.43
CA LYS A 642 1.81 18.31 -16.21
C LYS A 642 0.70 17.31 -16.41
N ASP A 643 0.28 17.13 -17.66
CA ASP A 643 -0.82 16.23 -17.99
C ASP A 643 -0.40 15.04 -18.87
N TYR A 644 -0.16 15.28 -20.15
CA TYR A 644 0.29 14.26 -21.11
C TYR A 644 1.10 14.82 -22.26
N THR A 645 1.78 13.93 -22.96
CA THR A 645 2.63 14.24 -24.10
C THR A 645 2.26 13.25 -25.20
N LEU A 646 2.20 13.73 -26.44
CA LEU A 646 2.03 12.85 -27.61
C LEU A 646 3.30 12.85 -28.49
N ILE A 647 4.01 11.72 -28.51
CA ILE A 647 5.16 11.52 -29.38
C ILE A 647 4.68 10.86 -30.67
N VAL A 648 4.80 11.62 -31.75
CA VAL A 648 4.52 11.12 -33.11
C VAL A 648 5.75 10.37 -33.64
N GLY A 649 5.60 9.05 -33.79
CA GLY A 649 6.70 8.22 -34.23
C GLY A 649 6.56 7.99 -35.71
N MET A 650 7.02 8.95 -36.51
CA MET A 650 7.02 8.80 -37.98
C MET A 650 7.92 7.61 -38.37
N PRO A 651 7.70 6.98 -39.55
CA PRO A 651 8.35 5.69 -39.81
C PRO A 651 9.88 5.78 -39.78
N GLY A 652 10.54 4.69 -39.40
CA GLY A 652 11.99 4.68 -39.30
C GLY A 652 12.63 5.58 -38.25
N THR A 653 11.82 6.32 -37.48
CA THR A 653 12.40 7.30 -36.52
C THR A 653 12.91 6.75 -35.19
N GLY A 654 12.68 5.46 -34.94
CA GLY A 654 13.24 4.82 -33.77
C GLY A 654 12.43 5.02 -32.50
N LYS A 655 11.12 4.75 -32.58
CA LYS A 655 10.24 4.84 -31.42
C LYS A 655 10.71 3.87 -30.30
N THR A 656 11.11 2.64 -30.66
CA THR A 656 11.72 1.72 -29.67
C THR A 656 12.97 2.30 -28.95
N THR A 657 13.94 2.82 -29.70
CA THR A 657 15.12 3.51 -29.15
C THR A 657 14.69 4.71 -28.29
N THR A 658 13.66 5.43 -28.73
CA THR A 658 13.16 6.61 -28.02
C THR A 658 12.46 6.28 -26.71
N ILE A 659 11.54 5.32 -26.75
CA ILE A 659 10.85 4.93 -25.53
C ILE A 659 11.83 4.45 -24.46
N CYS A 660 12.81 3.61 -24.84
CA CYS A 660 13.87 3.17 -23.95
C CYS A 660 14.57 4.36 -23.26
N ALA A 661 14.99 5.33 -24.08
CA ALA A 661 15.60 6.61 -23.62
C ALA A 661 14.75 7.34 -22.56
N LEU A 662 13.47 7.57 -22.89
CA LEU A 662 12.53 8.17 -21.95
C LEU A 662 12.48 7.40 -20.64
N VAL A 663 12.34 6.08 -20.75
CA VAL A 663 12.30 5.21 -19.57
C VAL A 663 13.59 5.34 -18.78
N ARG A 664 14.71 5.36 -19.46
CA ARG A 664 15.99 5.61 -18.79
C ARG A 664 16.06 6.97 -18.06
N ILE A 665 15.57 8.03 -18.71
CA ILE A 665 15.54 9.37 -18.12
C ILE A 665 14.59 9.44 -16.93
N LEU A 666 13.35 8.96 -17.11
CA LEU A 666 12.34 8.92 -16.05
C LEU A 666 12.84 8.14 -14.83
N SER A 667 13.47 7.02 -15.12
CA SER A 667 14.09 6.20 -14.13
C SER A 667 15.12 6.95 -13.31
N ALA A 668 16.12 7.53 -13.98
CA ALA A 668 17.14 8.41 -13.39
C ALA A 668 16.57 9.53 -12.53
N CYS A 669 15.39 10.02 -12.92
CA CYS A 669 14.67 11.04 -12.19
C CYS A 669 13.89 10.54 -10.97
N GLY A 670 13.85 9.22 -10.77
CA GLY A 670 13.18 8.63 -9.61
C GLY A 670 11.66 8.60 -9.74
N PHE A 671 11.21 8.43 -10.97
CA PHE A 671 9.82 8.18 -11.26
C PHE A 671 9.55 6.69 -11.38
N SER A 672 8.34 6.30 -10.99
CA SER A 672 7.80 4.97 -11.27
C SER A 672 7.10 5.07 -12.62
N VAL A 673 7.40 4.12 -13.50
CA VAL A 673 6.80 4.11 -14.83
C VAL A 673 6.10 2.79 -15.12
N LEU A 674 4.86 2.91 -15.57
CA LEU A 674 4.13 1.79 -16.12
C LEU A 674 4.26 1.80 -17.65
N LEU A 675 4.94 0.78 -18.17
CA LEU A 675 5.22 0.67 -19.61
C LEU A 675 4.31 -0.32 -20.33
N THR A 676 3.49 0.19 -21.24
CA THR A 676 2.48 -0.63 -21.91
C THR A 676 2.50 -0.41 -23.41
N SER A 677 1.91 -1.35 -24.15
CA SER A 677 1.77 -1.24 -25.63
C SER A 677 0.57 -2.08 -26.05
N TYR A 678 0.28 -2.15 -27.36
CA TYR A 678 -0.68 -3.14 -27.83
C TYR A 678 -0.17 -4.57 -27.86
N THR A 679 0.96 -4.83 -28.48
CA THR A 679 1.41 -6.22 -28.62
C THR A 679 2.55 -6.59 -27.71
N HIS A 680 2.56 -7.85 -27.25
CA HIS A 680 3.67 -8.37 -26.42
C HIS A 680 5.02 -8.04 -27.09
N SER A 681 5.13 -8.30 -28.38
CA SER A 681 6.34 -7.99 -29.13
C SER A 681 6.84 -6.56 -28.91
N ALA A 682 5.94 -5.58 -29.05
CA ALA A 682 6.34 -4.18 -28.97
C ALA A 682 6.89 -3.84 -27.60
N VAL A 683 6.19 -4.29 -26.56
CA VAL A 683 6.58 -4.00 -25.18
C VAL A 683 7.93 -4.71 -24.92
N ASP A 684 8.04 -5.94 -25.37
CA ASP A 684 9.29 -6.69 -25.21
C ASP A 684 10.48 -6.09 -25.94
N ASN A 685 10.25 -5.51 -27.12
CA ASN A 685 11.34 -4.85 -27.85
C ASN A 685 11.94 -3.72 -27.05
N ILE A 686 11.09 -2.89 -26.44
CA ILE A 686 11.57 -1.76 -25.62
C ILE A 686 12.37 -2.33 -24.45
N LEU A 687 11.82 -3.40 -23.86
CA LEU A 687 12.39 -4.06 -22.70
C LEU A 687 13.77 -4.65 -22.97
N LEU A 688 13.93 -5.28 -24.14
CA LEU A 688 15.20 -5.84 -24.56
C LEU A 688 16.27 -4.77 -24.62
N LYS A 689 15.94 -3.60 -25.19
CA LYS A 689 16.87 -2.46 -25.20
C LYS A 689 17.25 -2.06 -23.75
N LEU A 690 16.26 -2.09 -22.87
CA LEU A 690 16.42 -1.64 -21.48
C LEU A 690 17.26 -2.59 -20.64
N ALA A 691 17.10 -3.88 -20.95
CA ALA A 691 17.95 -4.92 -20.42
C ALA A 691 19.42 -4.60 -20.71
N LYS A 692 19.79 -4.40 -22.00
CA LYS A 692 21.15 -3.96 -22.38
C LYS A 692 21.68 -2.84 -21.49
N PHE A 693 20.90 -1.78 -21.27
CA PHE A 693 21.30 -0.68 -20.38
C PHE A 693 21.26 -0.98 -18.88
N LYS A 694 20.97 -2.25 -18.55
CA LYS A 694 20.89 -2.75 -17.19
C LYS A 694 19.97 -1.87 -16.36
N VAL A 695 18.80 -1.55 -16.91
CA VAL A 695 17.68 -0.87 -16.21
C VAL A 695 16.69 -1.97 -15.82
N GLY A 696 16.37 -2.05 -14.53
CA GLY A 696 15.53 -3.13 -14.00
C GLY A 696 14.05 -2.85 -14.11
N PHE A 697 13.29 -3.92 -14.32
CA PHE A 697 11.84 -3.84 -14.50
C PHE A 697 11.19 -5.19 -14.21
N LEU A 698 9.91 -5.18 -13.86
CA LEU A 698 9.17 -6.41 -13.72
C LEU A 698 8.21 -6.52 -14.89
N ARG A 699 8.17 -7.68 -15.52
CA ARG A 699 7.28 -7.91 -16.67
C ARG A 699 6.13 -8.74 -16.20
N LEU A 700 4.94 -8.18 -16.28
CA LEU A 700 3.72 -8.94 -16.03
C LEU A 700 3.24 -9.71 -17.27
N GLY A 701 2.24 -10.56 -17.09
CA GLY A 701 1.69 -11.32 -18.20
C GLY A 701 2.24 -12.74 -18.21
N GLN A 702 1.73 -13.51 -19.18
CA GLN A 702 1.96 -14.94 -19.32
C GLN A 702 3.25 -15.24 -20.03
N SER A 703 4.15 -15.92 -19.32
CA SER A 703 5.55 -16.04 -19.77
C SER A 703 5.71 -16.76 -21.13
N HIS A 704 4.69 -17.52 -21.54
CA HIS A 704 4.66 -18.07 -22.91
C HIS A 704 4.38 -17.03 -24.03
N LYS A 705 3.67 -15.95 -23.69
CA LYS A 705 3.39 -14.86 -24.64
C LYS A 705 4.53 -13.87 -24.69
N VAL A 706 5.36 -13.88 -23.64
CA VAL A 706 6.52 -13.00 -23.48
C VAL A 706 7.70 -13.54 -24.28
N HIS A 707 8.42 -12.65 -24.96
CA HIS A 707 9.67 -12.96 -25.67
C HIS A 707 10.70 -13.65 -24.80
N PRO A 708 11.33 -14.73 -25.32
CA PRO A 708 12.35 -15.62 -24.73
C PRO A 708 13.31 -15.03 -23.73
N ASP A 709 13.91 -13.90 -24.08
CA ASP A 709 14.96 -13.26 -23.29
C ASP A 709 14.45 -12.30 -22.22
N ILE A 710 13.14 -12.12 -22.19
CA ILE A 710 12.48 -11.24 -21.23
C ILE A 710 11.78 -12.12 -20.18
N GLN A 711 11.65 -13.39 -20.53
CA GLN A 711 10.97 -14.36 -19.68
C GLN A 711 11.60 -14.51 -18.31
N LYS A 712 12.93 -14.35 -18.24
CA LYS A 712 13.60 -14.30 -16.95
C LYS A 712 13.10 -13.15 -16.04
N PHE A 713 12.68 -12.01 -16.62
CA PHE A 713 12.14 -10.87 -15.85
C PHE A 713 10.65 -10.89 -15.47
N THR A 714 9.96 -11.98 -15.85
CA THR A 714 8.53 -12.17 -15.66
C THR A 714 8.15 -12.57 -14.24
N GLU A 715 7.04 -12.04 -13.76
CA GLU A 715 6.44 -12.44 -12.48
C GLU A 715 6.22 -13.95 -12.38
N GLU A 716 5.80 -14.56 -13.48
CA GLU A 716 5.53 -15.99 -13.52
C GLU A 716 6.82 -16.79 -13.28
N GLU A 717 7.86 -16.44 -14.06
CA GLU A 717 9.15 -17.08 -13.98
C GLU A 717 9.89 -16.82 -12.66
N ILE A 718 9.91 -15.57 -12.21
CA ILE A 718 10.59 -15.16 -10.96
C ILE A 718 10.05 -15.95 -9.78
N CYS A 719 8.74 -16.09 -9.73
CA CYS A 719 8.05 -16.85 -8.73
C CYS A 719 8.53 -18.27 -8.71
N ARG A 720 8.34 -19.02 -9.82
CA ARG A 720 8.73 -20.43 -9.84
C ARG A 720 10.22 -20.57 -9.56
N SER A 721 10.99 -19.70 -10.17
CA SER A 721 12.43 -19.69 -9.99
C SER A 721 12.84 -19.52 -8.54
N ARG A 722 12.45 -18.41 -7.91
CA ARG A 722 12.81 -18.09 -6.51
C ARG A 722 11.83 -18.69 -5.48
N SER A 723 11.04 -19.67 -5.93
CA SER A 723 9.90 -20.28 -5.16
C SER A 723 9.26 -19.37 -4.07
N ILE A 724 8.53 -18.36 -4.55
CA ILE A 724 7.77 -17.41 -3.76
C ILE A 724 6.49 -18.05 -3.22
N ALA A 725 6.41 -18.15 -1.90
CA ALA A 725 5.31 -18.85 -1.27
C ALA A 725 4.77 -18.10 -0.04
N SER A 726 4.95 -16.78 -0.05
CA SER A 726 4.42 -15.92 1.03
C SER A 726 3.94 -14.63 0.45
N LEU A 727 2.91 -14.07 1.06
CA LEU A 727 2.45 -12.76 0.65
C LEU A 727 3.56 -11.73 0.70
N ALA A 728 4.41 -11.79 1.72
CA ALA A 728 5.49 -10.82 1.87
C ALA A 728 6.52 -10.94 0.73
N HIS A 729 6.88 -12.16 0.33
CA HIS A 729 7.81 -12.33 -0.79
C HIS A 729 7.21 -11.94 -2.15
N LEU A 730 5.91 -12.15 -2.34
CA LEU A 730 5.21 -11.68 -3.54
C LEU A 730 5.14 -10.16 -3.56
N GLU A 731 4.75 -9.59 -2.43
CA GLU A 731 4.73 -8.15 -2.27
C GLU A 731 6.12 -7.57 -2.47
N GLU A 732 7.16 -8.30 -2.10
CA GLU A 732 8.53 -7.83 -2.26
C GLU A 732 8.81 -7.69 -3.74
N LEU A 733 8.42 -8.72 -4.49
CA LEU A 733 8.66 -8.74 -5.92
C LEU A 733 7.90 -7.59 -6.56
N TYR A 734 6.66 -7.39 -6.17
CA TYR A 734 5.85 -6.31 -6.72
C TYR A 734 6.44 -4.91 -6.46
N ASN A 735 7.17 -4.74 -5.34
CA ASN A 735 7.78 -3.46 -5.00
C ASN A 735 9.26 -3.43 -5.35
N SER A 736 9.76 -4.54 -5.86
CA SER A 736 11.14 -4.63 -6.34
C SER A 736 11.50 -3.63 -7.48
N HIS A 737 10.58 -3.37 -8.40
CA HIS A 737 10.90 -2.41 -9.48
C HIS A 737 9.96 -1.25 -9.70
N PRO A 738 10.52 -0.01 -9.78
CA PRO A 738 9.76 1.21 -10.09
C PRO A 738 9.12 1.11 -11.45
N ILE A 739 9.73 0.30 -12.33
CA ILE A 739 9.22 0.11 -13.70
C ILE A 739 8.50 -1.23 -13.83
N VAL A 740 7.23 -1.17 -14.21
CA VAL A 740 6.41 -2.36 -14.42
C VAL A 740 5.85 -2.33 -15.84
N ALA A 741 6.04 -3.43 -16.58
CA ALA A 741 5.75 -3.48 -18.00
C ALA A 741 4.72 -4.55 -18.35
N THR A 742 3.65 -4.13 -19.00
CA THR A 742 2.55 -5.03 -19.34
C THR A 742 1.85 -4.57 -20.63
N THR A 743 0.92 -5.37 -21.16
CA THR A 743 0.13 -4.92 -22.34
C THR A 743 -1.16 -4.27 -21.87
N CYS A 744 -1.78 -3.50 -22.77
CA CYS A 744 -3.01 -2.73 -22.49
C CYS A 744 -4.18 -3.54 -21.96
N MET A 745 -4.21 -4.79 -22.36
CA MET A 745 -5.21 -5.70 -21.89
C MET A 745 -4.95 -6.17 -20.46
N GLY A 746 -3.67 -6.31 -20.10
CA GLY A 746 -3.29 -6.86 -18.80
C GLY A 746 -3.43 -5.93 -17.61
N ILE A 747 -4.37 -5.00 -17.69
CA ILE A 747 -4.67 -4.04 -16.61
C ILE A 747 -5.52 -4.62 -15.50
N ASN A 748 -5.73 -5.94 -15.54
CA ASN A 748 -6.55 -6.52 -14.52
C ASN A 748 -5.83 -7.12 -13.38
N HIS A 749 -4.51 -7.09 -13.54
CA HIS A 749 -3.56 -7.58 -12.58
C HIS A 749 -3.74 -6.94 -11.22
N PRO A 750 -3.60 -7.74 -10.14
CA PRO A 750 -3.74 -7.21 -8.78
C PRO A 750 -2.74 -6.13 -8.42
N ILE A 751 -1.67 -5.95 -9.20
CA ILE A 751 -0.73 -4.86 -8.95
C ILE A 751 -1.39 -3.48 -9.01
N PHE A 752 -2.40 -3.37 -9.88
CA PHE A 752 -3.08 -2.11 -10.17
C PHE A 752 -4.20 -1.85 -9.19
N SER A 753 -4.37 -2.79 -8.25
CA SER A 753 -5.28 -2.61 -7.13
C SER A 753 -4.61 -1.79 -6.10
N ARG A 754 -3.27 -1.84 -6.13
CA ARG A 754 -2.51 -1.32 -5.02
C ARG A 754 -1.35 -0.39 -5.37
N LYS A 755 -0.93 -0.34 -6.63
CA LYS A 755 0.12 0.62 -7.00
C LYS A 755 -0.39 1.68 -7.97
N THR A 756 0.15 2.90 -7.88
CA THR A 756 -0.04 3.89 -8.94
C THR A 756 1.34 4.28 -9.46
N PHE A 757 1.42 4.96 -10.60
CA PHE A 757 2.73 5.28 -11.19
C PHE A 757 2.87 6.76 -11.49
N ASP A 758 4.08 7.29 -11.39
CA ASP A 758 4.35 8.65 -11.88
C ASP A 758 3.99 8.85 -13.36
N PHE A 759 4.33 7.86 -14.16
CA PHE A 759 4.16 7.91 -15.58
C PHE A 759 3.61 6.58 -16.10
N CYS A 760 2.71 6.67 -17.07
CA CYS A 760 2.39 5.52 -17.90
C CYS A 760 2.78 5.89 -19.32
N ILE A 761 3.41 4.96 -20.02
CA ILE A 761 3.75 5.17 -21.42
C ILE A 761 2.98 4.12 -22.25
N VAL A 762 2.37 4.55 -23.35
CA VAL A 762 1.62 3.63 -24.19
C VAL A 762 2.24 3.64 -25.57
N ASP A 763 2.87 2.53 -25.91
CA ASP A 763 3.44 2.41 -27.22
C ASP A 763 2.31 1.98 -28.15
N GLU A 764 2.44 2.30 -29.44
CA GLU A 764 1.44 1.98 -30.48
C GLU A 764 0.06 2.53 -30.10
N ALA A 765 0.05 3.70 -29.47
CA ALA A 765 -1.18 4.30 -28.95
C ALA A 765 -2.19 4.58 -30.05
N SER A 766 -1.65 4.86 -31.23
CA SER A 766 -2.44 5.14 -32.41
C SER A 766 -3.10 3.89 -33.04
N GLN A 767 -2.69 2.68 -32.65
CA GLN A 767 -3.32 1.45 -33.16
C GLN A 767 -4.38 0.91 -32.22
N ILE A 768 -4.18 1.10 -30.92
CA ILE A 768 -5.08 0.63 -29.88
C ILE A 768 -6.40 1.37 -29.97
N SER A 769 -7.50 0.60 -29.93
CA SER A 769 -8.84 1.13 -29.77
C SER A 769 -8.94 2.05 -28.56
N GLN A 770 -9.60 3.18 -28.76
CA GLN A 770 -9.63 4.23 -27.76
C GLN A 770 -9.99 3.77 -26.33
N PRO A 771 -11.13 3.04 -26.16
CA PRO A 771 -11.45 2.64 -24.79
C PRO A 771 -10.47 1.60 -24.18
N VAL A 772 -9.74 0.86 -25.01
CA VAL A 772 -8.69 -0.01 -24.47
C VAL A 772 -7.47 0.80 -23.99
N CYS A 773 -7.05 1.73 -24.82
CA CYS A 773 -5.95 2.60 -24.50
C CYS A 773 -6.16 3.32 -23.15
N LEU A 774 -7.41 3.63 -22.84
CA LEU A 774 -7.81 4.33 -21.62
C LEU A 774 -7.34 3.67 -20.34
N GLY A 775 -7.22 2.33 -20.39
CA GLY A 775 -7.03 1.43 -19.25
C GLY A 775 -5.87 1.73 -18.33
N PRO A 776 -4.62 1.64 -18.83
CA PRO A 776 -3.44 1.81 -17.94
C PRO A 776 -3.32 3.21 -17.36
N LEU A 777 -4.05 4.15 -17.94
CA LEU A 777 -3.93 5.54 -17.59
C LEU A 777 -4.51 5.85 -16.21
N PHE A 778 -5.51 5.07 -15.80
CA PHE A 778 -6.16 5.20 -14.51
C PHE A 778 -5.22 5.05 -13.37
N PHE A 779 -4.03 4.52 -13.64
CA PHE A 779 -3.06 4.23 -12.58
C PHE A 779 -1.78 5.04 -12.79
N SER A 780 -1.90 6.09 -13.57
CA SER A 780 -0.74 6.84 -13.93
C SER A 780 -1.01 8.28 -13.59
N ARG A 781 0.00 9.02 -13.14
CA ARG A 781 -0.21 10.46 -12.87
C ARG A 781 -0.10 11.31 -14.13
N ARG A 782 0.89 11.02 -14.97
CA ARG A 782 1.04 11.68 -16.25
C ARG A 782 1.29 10.59 -17.26
N PHE A 783 0.82 10.79 -18.48
CA PHE A 783 1.04 9.80 -19.52
C PHE A 783 1.69 10.34 -20.80
N VAL A 784 2.17 9.38 -21.58
CA VAL A 784 2.81 9.62 -22.86
C VAL A 784 2.23 8.58 -23.78
N LEU A 785 1.62 9.04 -24.89
CA LEU A 785 1.13 8.17 -25.94
C LEU A 785 2.10 8.27 -27.08
N VAL A 786 2.48 7.13 -27.64
CA VAL A 786 3.38 7.14 -28.80
C VAL A 786 2.64 6.55 -30.00
N GLY A 787 2.60 7.29 -31.10
CA GLY A 787 1.89 6.81 -32.29
C GLY A 787 2.10 7.63 -33.55
N ASP A 788 1.43 7.20 -34.62
CA ASP A 788 1.40 7.90 -35.88
C ASP A 788 0.08 7.66 -36.55
N HIS A 789 -0.80 8.66 -36.57
CA HIS A 789 -2.12 8.47 -37.20
C HIS A 789 -2.10 8.37 -38.74
N GLN A 790 -0.95 8.66 -39.34
CA GLN A 790 -0.73 8.38 -40.76
C GLN A 790 -0.55 6.91 -41.03
N GLN A 791 -0.23 6.17 -39.98
CA GLN A 791 -0.14 4.72 -40.06
C GLN A 791 -1.49 4.06 -39.65
N LEU A 792 -1.51 2.75 -39.39
CA LEU A 792 -2.79 2.07 -39.23
C LEU A 792 -3.52 2.49 -37.97
N PRO A 793 -4.85 2.68 -38.09
CA PRO A 793 -5.75 2.92 -36.96
C PRO A 793 -6.15 1.61 -36.29
N PRO A 794 -6.83 1.68 -35.10
CA PRO A 794 -7.54 0.48 -34.61
C PRO A 794 -8.49 -0.08 -35.64
N LEU A 795 -8.41 -1.39 -35.84
CA LEU A 795 -9.33 -2.14 -36.69
C LEU A 795 -10.79 -2.09 -36.21
N VAL A 796 -11.68 -1.58 -37.05
CA VAL A 796 -13.10 -1.52 -36.71
C VAL A 796 -13.86 -2.13 -37.86
N VAL A 797 -14.31 -3.37 -37.62
CA VAL A 797 -14.96 -4.20 -38.64
C VAL A 797 -16.32 -3.64 -39.08
N ASN A 798 -17.18 -3.28 -38.12
CA ASN A 798 -18.52 -2.82 -38.42
C ASN A 798 -18.52 -1.45 -39.03
N ARG A 799 -18.97 -1.42 -40.28
CA ARG A 799 -19.19 -0.20 -41.05
C ARG A 799 -19.81 0.94 -40.24
N GLU A 800 -20.94 0.64 -39.60
CA GLU A 800 -21.74 1.66 -38.98
C GLU A 800 -20.96 2.27 -37.85
N ALA A 801 -20.28 1.39 -37.09
CA ALA A 801 -19.47 1.77 -35.94
C ALA A 801 -18.33 2.69 -36.35
N ARG A 802 -17.59 2.25 -37.39
CA ARG A 802 -16.51 3.03 -38.05
C ARG A 802 -17.03 4.41 -38.44
N ALA A 803 -18.28 4.47 -38.86
CA ALA A 803 -18.93 5.69 -39.30
C ALA A 803 -19.22 6.62 -38.15
N LEU A 804 -19.33 6.09 -36.95
CA LEU A 804 -19.59 6.91 -35.76
C LEU A 804 -18.34 7.46 -35.05
N GLY A 805 -17.16 7.04 -35.51
CA GLY A 805 -15.88 7.52 -35.02
C GLY A 805 -15.11 6.48 -34.25
N MET A 806 -15.53 5.23 -34.34
CA MET A 806 -14.93 4.15 -33.54
C MET A 806 -13.45 3.92 -33.85
N SER A 807 -12.99 4.32 -35.02
CA SER A 807 -11.63 4.03 -35.44
C SER A 807 -10.66 5.15 -35.05
N GLU A 808 -11.15 6.16 -34.33
CA GLU A 808 -10.31 7.21 -33.80
C GLU A 808 -9.57 6.75 -32.57
N SER A 809 -8.25 6.65 -32.71
CA SER A 809 -7.47 6.22 -31.58
C SER A 809 -7.51 7.33 -30.55
N LEU A 810 -7.33 6.97 -29.29
CA LEU A 810 -7.13 7.98 -28.24
C LEU A 810 -6.02 8.94 -28.61
N PHE A 811 -4.96 8.41 -29.21
CA PHE A 811 -3.84 9.20 -29.63
C PHE A 811 -4.28 10.29 -30.55
N LYS A 812 -4.96 9.94 -31.64
CA LYS A 812 -5.45 10.96 -32.56
C LYS A 812 -6.39 11.90 -31.89
N ARG A 813 -7.34 11.38 -31.09
CA ARG A 813 -8.31 12.27 -30.43
C ARG A 813 -7.59 13.45 -29.74
N LEU A 814 -6.61 13.11 -28.89
CA LEU A 814 -5.86 14.06 -28.06
C LEU A 814 -4.88 14.91 -28.87
N GLU A 815 -4.64 14.53 -30.11
CA GLU A 815 -3.69 15.21 -30.94
C GLU A 815 -4.13 16.61 -31.36
N ARG A 816 -5.39 16.95 -31.13
CA ARG A 816 -5.87 18.27 -31.45
C ARG A 816 -5.40 19.39 -30.55
N ASN A 817 -4.68 19.06 -29.50
CA ASN A 817 -3.92 20.00 -28.71
C ASN A 817 -2.51 19.93 -29.18
N GLU A 818 -2.12 20.83 -30.07
CA GLU A 818 -0.75 20.76 -30.59
C GLU A 818 0.36 21.05 -29.57
N SER A 819 0.01 21.65 -28.44
CA SER A 819 0.94 21.92 -27.35
C SER A 819 1.65 20.64 -26.92
N ALA A 820 0.89 19.55 -26.95
CA ALA A 820 1.29 18.29 -26.36
C ALA A 820 2.02 17.39 -27.35
N VAL A 821 1.99 17.79 -28.63
CA VAL A 821 2.49 16.96 -29.74
C VAL A 821 3.93 17.31 -30.04
N VAL A 822 4.81 16.31 -30.03
CA VAL A 822 6.19 16.45 -30.50
C VAL A 822 6.46 15.37 -31.57
N GLN A 823 7.02 15.74 -32.72
CA GLN A 823 7.23 14.77 -33.81
C GLN A 823 8.66 14.22 -33.90
N LEU A 824 8.74 12.92 -34.14
CA LEU A 824 10.01 12.28 -34.42
C LEU A 824 10.13 12.26 -35.93
N THR A 825 11.12 12.98 -36.48
CA THR A 825 11.24 13.18 -37.95
C THR A 825 12.52 12.64 -38.57
N VAL A 826 13.57 12.45 -37.78
CA VAL A 826 14.81 11.89 -38.29
C VAL A 826 14.74 10.37 -38.29
N GLN A 827 14.74 9.82 -39.50
CA GLN A 827 14.55 8.39 -39.75
C GLN A 827 15.80 7.66 -40.24
N TYR A 828 15.87 6.35 -39.99
CA TYR A 828 17.07 5.52 -40.20
C TYR A 828 16.77 4.24 -40.99
N ARG A 829 15.62 4.22 -41.67
CA ARG A 829 15.13 3.02 -42.37
C ARG A 829 15.35 3.16 -43.86
N MET A 830 14.85 4.24 -44.44
CA MET A 830 14.75 4.37 -45.89
C MET A 830 15.89 5.17 -46.50
N ASN A 831 16.36 4.75 -47.68
CA ASN A 831 17.28 5.59 -48.45
C ASN A 831 16.54 6.77 -49.03
N ARG A 832 17.22 7.90 -49.16
CA ARG A 832 16.59 9.17 -49.56
C ARG A 832 15.53 9.05 -50.68
N LYS A 833 15.71 8.08 -51.60
CA LYS A 833 14.80 7.94 -52.73
C LYS A 833 13.50 7.37 -52.24
N ILE A 834 13.58 6.31 -51.44
CA ILE A 834 12.40 5.67 -50.86
C ILE A 834 11.68 6.58 -49.89
N MET A 835 12.46 7.26 -49.04
CA MET A 835 11.93 8.32 -48.16
C MET A 835 11.19 9.39 -48.95
N SER A 836 11.79 9.85 -50.06
CA SER A 836 11.26 10.97 -50.85
C SER A 836 9.80 10.76 -51.20
N LEU A 837 9.44 9.50 -51.40
CA LEU A 837 8.11 9.07 -51.80
C LEU A 837 7.07 9.43 -50.75
N SER A 838 7.18 8.77 -49.60
CA SER A 838 6.30 8.95 -48.44
C SER A 838 6.33 10.43 -47.95
N ASN A 839 7.49 11.07 -48.07
CA ASN A 839 7.65 12.49 -47.82
C ASN A 839 6.83 13.43 -48.69
N LYS A 840 6.68 13.10 -49.98
CA LYS A 840 5.91 13.87 -50.96
C LYS A 840 4.43 13.56 -50.82
N LEU A 841 4.13 12.29 -50.55
CA LEU A 841 2.77 11.77 -50.49
C LEU A 841 2.00 12.04 -49.19
N THR A 842 2.68 11.92 -48.05
CA THR A 842 2.05 11.76 -46.75
C THR A 842 2.63 12.70 -45.67
N TYR A 843 3.96 12.76 -45.55
CA TYR A 843 4.60 13.46 -44.39
C TYR A 843 4.96 14.96 -44.57
N ALA A 844 4.39 15.56 -45.63
CA ALA A 844 4.65 16.94 -46.08
C ALA A 844 6.11 17.39 -45.93
N GLY A 845 7.02 16.53 -46.40
CA GLY A 845 8.44 16.85 -46.44
C GLY A 845 9.17 16.89 -45.10
N LYS A 846 8.56 16.37 -44.04
CA LYS A 846 9.16 16.47 -42.72
C LYS A 846 10.25 15.42 -42.39
N LEU A 847 10.30 14.31 -43.12
CA LEU A 847 11.33 13.30 -42.87
C LEU A 847 12.70 13.66 -43.42
N GLU A 848 13.74 13.41 -42.62
CA GLU A 848 15.16 13.54 -43.00
C GLU A 848 15.86 12.20 -42.77
N CYS A 849 17.00 12.02 -43.42
CA CYS A 849 17.78 10.80 -43.22
C CYS A 849 18.65 10.89 -41.98
N GLY A 850 18.85 9.76 -41.32
CA GLY A 850 19.63 9.74 -40.10
C GLY A 850 21.11 9.96 -40.31
N SER A 851 21.59 9.67 -41.51
CA SER A 851 23.00 9.79 -41.93
C SER A 851 23.05 9.66 -43.43
N ASP A 852 24.22 9.94 -44.00
CA ASP A 852 24.47 9.70 -45.41
C ASP A 852 24.46 8.19 -45.69
N ARG A 853 24.94 7.40 -44.74
CA ARG A 853 24.85 5.94 -44.79
C ARG A 853 23.44 5.46 -45.11
N VAL A 854 22.50 5.87 -44.28
CA VAL A 854 21.08 5.56 -44.41
C VAL A 854 20.60 6.07 -45.76
N ALA A 855 20.85 7.36 -46.03
CA ALA A 855 20.43 8.02 -47.28
C ALA A 855 20.82 7.28 -48.54
N ASN A 856 22.06 6.79 -48.59
CA ASN A 856 22.67 6.27 -49.82
C ASN A 856 22.64 4.78 -49.99
N ALA A 857 22.21 4.06 -48.94
CA ALA A 857 22.11 2.60 -48.98
C ALA A 857 21.20 2.09 -50.12
N VAL A 858 21.75 1.22 -50.97
CA VAL A 858 21.00 0.54 -52.04
C VAL A 858 21.08 -0.98 -51.87
N LEU A 859 20.22 -1.75 -52.54
CA LEU A 859 20.08 -3.18 -52.17
C LEU A 859 21.37 -4.00 -52.24
N ALA A 860 21.68 -4.67 -51.13
CA ALA A 860 22.79 -5.63 -51.04
C ALA A 860 22.57 -6.83 -51.97
N LEU A 861 23.20 -6.78 -53.14
CA LEU A 861 23.09 -7.84 -54.15
C LEU A 861 24.47 -8.29 -54.63
N PRO A 862 25.12 -9.19 -53.86
CA PRO A 862 26.55 -9.50 -54.06
C PRO A 862 26.85 -10.09 -55.43
N ASN A 863 25.88 -10.76 -56.05
CA ASN A 863 26.11 -11.39 -57.34
C ASN A 863 24.97 -11.27 -58.33
N LEU A 864 24.71 -10.02 -58.71
CA LEU A 864 23.87 -9.70 -59.87
C LEU A 864 24.45 -10.36 -61.11
N LYS A 865 25.78 -10.30 -61.23
CA LYS A 865 26.50 -10.60 -62.45
C LYS A 865 26.09 -11.92 -63.10
N ASP A 866 26.31 -13.01 -62.37
CA ASP A 866 25.97 -14.35 -62.86
C ASP A 866 24.46 -14.66 -62.76
N ALA A 867 23.73 -13.89 -61.96
CA ALA A 867 22.28 -14.04 -61.89
C ALA A 867 21.59 -13.42 -63.12
N ARG A 868 22.12 -12.29 -63.61
CA ARG A 868 21.60 -11.65 -64.84
C ARG A 868 21.79 -12.56 -66.06
N LEU A 869 22.88 -13.34 -66.04
CA LEU A 869 23.22 -14.30 -67.10
C LEU A 869 22.30 -15.52 -67.10
N SER A 870 22.19 -16.20 -65.95
CA SER A 870 21.35 -17.41 -65.77
C SER A 870 19.88 -17.20 -66.13
N LEU A 871 19.45 -15.95 -66.02
CA LEU A 871 18.11 -15.54 -66.41
C LEU A 871 17.98 -15.31 -67.91
N GLN A 872 19.11 -15.10 -68.59
CA GLN A 872 19.09 -14.95 -70.04
C GLN A 872 18.96 -16.30 -70.77
N LEU A 873 19.06 -17.42 -70.02
CA LEU A 873 18.83 -18.81 -70.53
C LEU A 873 17.34 -19.15 -70.73
N TYR A 874 16.68 -18.23 -71.46
CA TYR A 874 15.29 -18.28 -71.92
C TYR A 874 14.80 -16.87 -72.30
N ALA A 875 15.11 -15.89 -71.44
CA ALA A 875 14.73 -14.47 -71.64
C ALA A 875 15.61 -13.73 -72.67
N ASP A 876 15.60 -12.41 -72.59
CA ASP A 876 16.39 -11.58 -73.48
C ASP A 876 17.06 -10.41 -72.78
N TYR A 877 18.09 -9.86 -73.42
CA TYR A 877 18.78 -8.64 -72.99
C TYR A 877 18.19 -7.40 -73.66
N SER A 878 17.47 -7.63 -74.77
CA SER A 878 16.76 -6.58 -75.53
C SER A 878 15.42 -6.21 -74.92
N ASP A 879 14.97 -7.02 -73.96
CA ASP A 879 13.93 -6.62 -73.03
C ASP A 879 14.53 -6.20 -71.67
N SER A 880 15.58 -5.38 -71.74
CA SER A 880 16.11 -4.68 -70.58
C SER A 880 15.20 -3.57 -70.00
N PRO A 881 14.31 -2.93 -70.84
CA PRO A 881 13.35 -1.95 -70.34
C PRO A 881 13.01 -2.05 -68.85
N TRP A 882 12.49 -3.20 -68.43
CA TRP A 882 12.13 -3.38 -67.05
C TRP A 882 13.20 -4.06 -66.21
N LEU A 883 13.53 -5.32 -66.51
CA LEU A 883 14.42 -6.10 -65.64
C LEU A 883 15.68 -5.37 -65.19
N ALA A 884 16.34 -4.70 -66.14
CA ALA A 884 17.53 -3.89 -65.85
C ALA A 884 17.19 -2.77 -64.85
N GLY A 885 16.04 -2.11 -65.08
CA GLY A 885 15.54 -1.05 -64.20
C GLY A 885 15.03 -1.53 -62.85
N VAL A 886 14.49 -2.74 -62.82
CA VAL A 886 14.05 -3.40 -61.59
C VAL A 886 15.23 -3.82 -60.69
N LEU A 887 16.21 -4.53 -61.25
CA LEU A 887 17.27 -5.14 -60.44
C LEU A 887 18.34 -4.14 -59.99
N GLU A 888 18.59 -3.15 -60.85
CA GLU A 888 19.54 -2.09 -60.60
C GLU A 888 19.35 -1.57 -59.18
N PRO A 889 20.33 -1.79 -58.29
CA PRO A 889 20.22 -1.28 -56.93
C PRO A 889 20.09 0.25 -56.87
N ASP A 890 20.71 0.94 -57.84
CA ASP A 890 20.61 2.40 -57.97
C ASP A 890 19.27 2.91 -58.47
N ASN A 891 18.34 1.99 -58.66
CA ASN A 891 16.95 2.32 -58.87
C ASN A 891 16.09 1.77 -57.71
N PRO A 892 16.05 2.49 -56.56
CA PRO A 892 15.51 1.91 -55.32
C PRO A 892 13.96 1.86 -55.27
N VAL A 893 13.31 2.78 -56.00
CA VAL A 893 11.85 2.83 -56.18
C VAL A 893 11.54 2.50 -57.65
N CYS A 894 10.56 1.62 -57.85
CA CYS A 894 10.17 1.19 -59.18
C CYS A 894 8.73 0.65 -59.27
N PHE A 895 7.92 1.22 -60.17
CA PHE A 895 6.55 0.73 -60.40
C PHE A 895 6.44 0.01 -61.72
N LEU A 896 5.95 -1.24 -61.64
CA LEU A 896 5.76 -2.14 -62.78
C LEU A 896 4.31 -2.21 -63.18
N ASN A 897 4.05 -1.71 -64.39
CA ASN A 897 2.71 -1.56 -64.90
C ASN A 897 2.20 -2.79 -65.63
N THR A 898 1.20 -3.44 -65.04
CA THR A 898 0.66 -4.69 -65.57
C THR A 898 -0.43 -4.40 -66.59
N ASP A 899 -0.20 -3.40 -67.44
CA ASP A 899 -1.19 -2.96 -68.42
C ASP A 899 -1.05 -3.60 -69.80
N LYS A 900 0.14 -3.55 -70.39
CA LYS A 900 0.33 -4.09 -71.74
C LYS A 900 0.41 -5.63 -71.84
N VAL A 901 0.87 -6.27 -70.76
CA VAL A 901 0.48 -7.65 -70.46
C VAL A 901 -0.88 -7.50 -69.81
N PRO A 902 -1.88 -8.25 -70.29
CA PRO A 902 -3.08 -8.26 -69.46
C PRO A 902 -2.76 -9.02 -68.17
N ALA A 903 -3.06 -8.41 -67.03
CA ALA A 903 -2.90 -9.10 -65.76
C ALA A 903 -4.20 -9.03 -64.96
N PRO A 904 -5.24 -9.77 -65.41
CA PRO A 904 -6.56 -9.64 -64.80
C PRO A 904 -6.67 -10.18 -63.38
N GLU A 905 -7.51 -9.54 -62.59
CA GLU A 905 -7.88 -10.05 -61.29
C GLU A 905 -8.85 -11.21 -61.42
N GLN A 906 -8.87 -12.09 -60.42
CA GLN A 906 -9.95 -13.06 -60.32
C GLN A 906 -10.69 -12.84 -59.02
N VAL A 907 -12.01 -12.95 -59.08
CA VAL A 907 -12.90 -12.76 -57.94
C VAL A 907 -13.49 -14.13 -57.56
N GLU A 908 -13.25 -14.58 -56.32
CA GLU A 908 -13.84 -15.82 -55.80
C GLU A 908 -14.32 -15.69 -54.36
N ASN A 909 -15.63 -15.46 -54.24
CA ASN A 909 -16.35 -15.45 -52.98
C ASN A 909 -15.75 -14.48 -51.94
N GLY A 910 -15.95 -13.18 -52.18
CA GLY A 910 -15.52 -12.11 -51.25
C GLY A 910 -14.09 -11.63 -51.43
N GLY A 911 -13.19 -12.57 -51.78
CA GLY A 911 -11.77 -12.27 -51.97
C GLY A 911 -11.39 -12.05 -53.42
N VAL A 912 -10.21 -11.46 -53.61
CA VAL A 912 -9.64 -11.16 -54.93
C VAL A 912 -8.23 -11.74 -55.02
N SER A 913 -7.91 -12.29 -56.17
CA SER A 913 -6.56 -12.74 -56.47
C SER A 913 -6.12 -12.19 -57.82
N ASN A 914 -4.85 -12.43 -58.15
CA ASN A 914 -4.28 -12.07 -59.44
C ASN A 914 -3.08 -12.98 -59.70
N VAL A 915 -3.29 -14.02 -60.52
CA VAL A 915 -2.27 -15.07 -60.76
C VAL A 915 -1.15 -14.56 -61.65
N THR A 916 -1.46 -13.58 -62.50
CA THR A 916 -0.45 -12.95 -63.37
C THR A 916 0.58 -12.18 -62.54
N GLU A 917 0.09 -11.35 -61.63
CA GLU A 917 0.93 -10.58 -60.73
C GLU A 917 1.64 -11.54 -59.78
N ALA A 918 0.92 -12.56 -59.30
CA ALA A 918 1.46 -13.55 -58.36
C ALA A 918 2.64 -14.28 -58.96
N ARG A 919 2.46 -14.76 -60.19
CA ARG A 919 3.50 -15.44 -60.96
C ARG A 919 4.67 -14.48 -61.23
N LEU A 920 4.33 -13.22 -61.44
CA LEU A 920 5.29 -12.20 -61.72
C LEU A 920 6.22 -11.92 -60.53
N ILE A 921 5.66 -11.63 -59.35
CA ILE A 921 6.50 -11.35 -58.15
C ILE A 921 7.31 -12.57 -57.70
N VAL A 922 6.72 -13.77 -57.78
CA VAL A 922 7.43 -15.01 -57.44
C VAL A 922 8.73 -15.17 -58.28
N PHE A 923 8.66 -14.88 -59.58
CA PHE A 923 9.86 -14.78 -60.42
C PHE A 923 10.87 -13.80 -59.81
N LEU A 924 10.45 -12.53 -59.65
CA LEU A 924 11.27 -11.45 -59.10
C LEU A 924 11.93 -11.75 -57.77
N THR A 925 11.17 -12.40 -56.88
CA THR A 925 11.69 -12.85 -55.62
C THR A 925 12.88 -13.77 -55.88
N SER A 926 12.64 -14.84 -56.66
CA SER A 926 13.63 -15.89 -56.91
C SER A 926 14.91 -15.35 -57.51
N THR A 927 14.71 -14.42 -58.45
CA THR A 927 15.78 -13.65 -59.06
C THR A 927 16.65 -12.95 -58.00
N PHE A 928 16.02 -12.17 -57.13
CA PHE A 928 16.75 -11.37 -56.13
C PHE A 928 17.48 -12.22 -55.08
N ILE A 929 16.96 -13.40 -54.76
CA ILE A 929 17.68 -14.34 -53.88
C ILE A 929 18.92 -14.85 -54.62
N LYS A 930 18.72 -15.25 -55.88
CA LYS A 930 19.78 -15.71 -56.75
C LYS A 930 20.77 -14.59 -57.07
N ALA A 931 20.32 -13.33 -57.05
CA ALA A 931 21.22 -12.16 -57.15
C ALA A 931 21.93 -11.83 -55.82
N GLY A 932 21.71 -12.69 -54.83
CA GLY A 932 22.47 -12.66 -53.59
C GLY A 932 21.82 -12.04 -52.36
N CYS A 933 20.66 -11.40 -52.52
CA CYS A 933 19.86 -10.93 -51.37
C CYS A 933 19.17 -12.12 -50.68
N SER A 934 19.39 -12.26 -49.37
CA SER A 934 18.87 -13.41 -48.61
C SER A 934 17.37 -13.28 -48.41
N PRO A 935 16.65 -14.42 -48.38
CA PRO A 935 15.17 -14.40 -48.38
C PRO A 935 14.59 -13.70 -47.15
N SER A 936 15.30 -13.87 -46.03
CA SER A 936 15.04 -13.17 -44.77
C SER A 936 14.79 -11.66 -44.93
N ASP A 937 15.52 -11.01 -45.84
CA ASP A 937 15.46 -9.56 -46.01
C ASP A 937 14.39 -9.12 -47.00
N ILE A 938 13.47 -10.04 -47.29
CA ILE A 938 12.45 -9.79 -48.31
C ILE A 938 11.00 -9.89 -47.79
N GLY A 939 10.25 -8.83 -48.05
CA GLY A 939 8.82 -8.82 -47.75
C GLY A 939 7.90 -8.69 -48.96
N VAL A 940 6.94 -9.61 -49.03
CA VAL A 940 5.86 -9.49 -50.02
C VAL A 940 4.57 -8.94 -49.37
N ILE A 941 4.05 -7.87 -49.96
CA ILE A 941 2.82 -7.23 -49.49
C ILE A 941 1.75 -7.27 -50.59
N ALA A 942 0.57 -7.75 -50.22
CA ALA A 942 -0.63 -7.67 -51.06
C ALA A 942 -1.82 -7.19 -50.21
N PRO A 943 -2.82 -6.53 -50.84
CA PRO A 943 -3.93 -6.02 -50.05
C PRO A 943 -4.96 -7.08 -49.74
N TYR A 944 -5.01 -8.13 -50.57
CA TYR A 944 -6.07 -9.12 -50.47
C TYR A 944 -5.62 -10.43 -49.82
N ARG A 945 -6.41 -10.88 -48.84
CA ARG A 945 -6.09 -12.07 -48.03
C ARG A 945 -5.88 -13.23 -49.00
N GLN A 946 -6.84 -13.40 -49.90
CA GLN A 946 -6.87 -14.44 -50.93
C GLN A 946 -5.60 -14.49 -51.83
N GLN A 947 -5.10 -13.32 -52.23
CA GLN A 947 -3.88 -13.20 -53.05
C GLN A 947 -2.62 -13.69 -52.35
N LEU A 948 -2.58 -13.58 -51.03
CA LEU A 948 -1.42 -13.97 -50.24
C LEU A 948 -1.23 -15.47 -50.32
N ARG A 949 -2.36 -16.19 -50.26
CA ARG A 949 -2.45 -17.66 -50.36
C ARG A 949 -1.77 -18.12 -51.66
N ILE A 950 -2.25 -17.57 -52.77
CA ILE A 950 -1.69 -17.81 -54.11
C ILE A 950 -0.17 -17.59 -54.19
N ILE A 951 0.32 -16.50 -53.58
CA ILE A 951 1.73 -16.13 -53.64
C ILE A 951 2.61 -17.06 -52.79
N SER A 952 2.07 -17.48 -51.64
CA SER A 952 2.73 -18.47 -50.79
C SER A 952 2.87 -19.80 -51.52
N ASP A 953 1.76 -20.28 -52.12
CA ASP A 953 1.72 -21.51 -52.92
C ASP A 953 2.77 -21.48 -54.02
N LEU A 954 2.63 -20.53 -54.94
CA LEU A 954 3.60 -20.31 -55.99
C LEU A 954 5.06 -20.25 -55.50
N LEU A 955 5.28 -19.70 -54.30
CA LEU A 955 6.63 -19.64 -53.74
C LEU A 955 7.10 -20.99 -53.19
N ALA A 956 6.16 -21.80 -52.70
CA ALA A 956 6.47 -23.17 -52.27
C ALA A 956 6.73 -24.05 -53.51
N ARG A 957 5.97 -23.80 -54.58
CA ARG A 957 6.13 -24.47 -55.88
C ARG A 957 7.54 -24.22 -56.43
N SER A 958 8.06 -23.01 -56.17
CA SER A 958 9.41 -22.67 -56.56
C SER A 958 10.40 -22.97 -55.43
N SER A 959 9.92 -23.75 -54.46
CA SER A 959 10.62 -24.06 -53.17
C SER A 959 11.61 -22.99 -52.63
N VAL A 960 11.15 -21.74 -52.73
CA VAL A 960 11.77 -20.55 -52.13
C VAL A 960 10.68 -20.04 -51.17
N GLY A 961 10.69 -20.54 -49.95
CA GLY A 961 9.57 -20.34 -49.02
C GLY A 961 9.84 -19.43 -47.85
N MET A 962 11.11 -19.03 -47.69
CA MET A 962 11.59 -18.30 -46.50
C MET A 962 11.26 -16.79 -46.48
N VAL A 963 10.71 -16.25 -47.58
CA VAL A 963 10.23 -14.84 -47.58
C VAL A 963 8.81 -14.82 -47.07
N GLU A 964 8.43 -13.73 -46.41
CA GLU A 964 7.05 -13.62 -45.91
C GLU A 964 6.14 -12.84 -46.83
N VAL A 965 4.94 -13.40 -46.97
CA VAL A 965 3.87 -12.81 -47.75
C VAL A 965 2.88 -12.38 -46.68
N ASN A 966 2.45 -11.12 -46.74
CA ASN A 966 1.44 -10.60 -45.80
C ASN A 966 0.83 -9.25 -46.14
N THR A 967 -0.30 -8.95 -45.51
CA THR A 967 -0.92 -7.65 -45.53
C THR A 967 -0.19 -6.68 -44.60
N VAL A 968 -0.28 -5.37 -44.88
CA VAL A 968 0.40 -4.32 -44.10
C VAL A 968 0.25 -4.45 -42.58
N ASP A 969 -0.93 -4.88 -42.12
CA ASP A 969 -1.20 -5.07 -40.68
C ASP A 969 -0.10 -5.81 -40.02
N LYS A 970 0.29 -6.93 -40.60
CA LYS A 970 1.26 -7.79 -39.98
C LYS A 970 2.69 -7.26 -40.21
N TYR A 971 2.81 -6.08 -40.79
CA TYR A 971 4.11 -5.43 -41.05
C TYR A 971 4.40 -4.12 -40.29
N GLN A 972 3.46 -3.63 -39.46
CA GLN A 972 3.64 -2.35 -38.73
C GLN A 972 4.95 -2.34 -37.94
N GLY A 973 5.63 -1.19 -37.97
CA GLY A 973 6.94 -0.97 -37.32
C GLY A 973 7.93 -2.12 -37.45
N ARG A 974 7.80 -2.92 -38.52
CA ARG A 974 8.89 -3.75 -39.01
C ARG A 974 9.29 -3.27 -40.42
N ASP A 975 10.52 -3.60 -40.83
CA ASP A 975 11.03 -3.23 -42.14
C ASP A 975 11.72 -4.41 -42.79
N LYS A 976 11.79 -4.38 -44.12
CA LYS A 976 12.65 -5.31 -44.85
C LYS A 976 13.57 -4.52 -45.79
N SER A 977 14.62 -5.17 -46.29
CA SER A 977 15.59 -4.53 -47.18
C SER A 977 15.04 -4.34 -48.58
N LEU A 978 14.24 -5.34 -48.99
CA LEU A 978 13.45 -5.31 -50.22
C LEU A 978 11.98 -5.66 -49.98
N ILE A 979 11.11 -4.70 -50.30
CA ILE A 979 9.66 -4.90 -50.29
C ILE A 979 9.15 -5.01 -51.72
N LEU A 980 8.27 -5.99 -51.94
CA LEU A 980 7.58 -6.14 -53.22
C LEU A 980 6.07 -6.12 -52.97
N VAL A 981 5.38 -5.30 -53.78
CA VAL A 981 3.93 -5.09 -53.62
C VAL A 981 3.08 -5.47 -54.85
N SER A 982 2.32 -6.55 -54.72
CA SER A 982 1.26 -6.83 -55.67
C SER A 982 -0.01 -6.12 -55.19
N PHE A 983 -0.56 -5.24 -56.04
CA PHE A 983 -1.79 -4.50 -55.74
C PHE A 983 -3.10 -5.20 -56.17
N VAL A 984 -2.94 -6.28 -56.94
CA VAL A 984 -4.02 -7.17 -57.40
C VAL A 984 -5.20 -6.59 -58.19
N ARG A 985 -5.73 -5.42 -57.82
CA ARG A 985 -6.77 -4.77 -58.64
C ARG A 985 -6.28 -4.52 -60.04
N SER A 986 -7.02 -5.11 -60.98
CA SER A 986 -6.84 -4.97 -62.43
C SER A 986 -8.13 -5.45 -63.10
N ASN A 987 -8.96 -4.49 -63.55
CA ASN A 987 -10.32 -4.81 -64.01
C ASN A 987 -10.87 -3.85 -65.09
N GLU A 988 -11.79 -4.40 -65.91
CA GLU A 988 -12.34 -3.77 -67.13
C GLU A 988 -12.59 -2.28 -67.05
N ASP A 989 -13.28 -1.86 -65.98
CA ASP A 989 -13.48 -0.48 -65.49
C ASP A 989 -14.63 -0.46 -64.47
N GLY A 990 -14.87 -1.61 -63.86
CA GLY A 990 -15.95 -1.79 -62.91
C GLY A 990 -15.49 -1.80 -61.47
N THR A 991 -15.58 -2.98 -60.87
CA THR A 991 -15.48 -3.18 -59.42
C THR A 991 -14.26 -2.53 -58.74
N LEU A 992 -14.56 -1.61 -57.84
CA LEU A 992 -13.59 -0.71 -57.28
C LEU A 992 -13.56 -0.90 -55.78
N GLY A 993 -12.41 -1.31 -55.25
CA GLY A 993 -12.29 -1.61 -53.82
C GLY A 993 -12.74 -0.50 -52.87
N GLU A 994 -12.96 -0.86 -51.62
CA GLU A 994 -13.04 0.13 -50.54
C GLU A 994 -11.66 0.24 -49.91
N LEU A 995 -10.94 -0.86 -50.04
CA LEU A 995 -9.72 -1.11 -49.33
C LEU A 995 -8.60 -0.30 -49.91
N LEU A 996 -8.38 -0.38 -51.22
CA LEU A 996 -7.30 0.41 -51.88
C LEU A 996 -7.43 1.91 -51.76
N LYS A 997 -8.65 2.38 -51.48
CA LYS A 997 -9.01 3.79 -51.28
C LYS A 997 -8.30 4.41 -50.09
N ASP A 998 -7.92 3.56 -49.14
CA ASP A 998 -7.26 3.92 -47.88
C ASP A 998 -5.85 4.52 -48.03
N TRP A 999 -5.72 5.76 -47.58
CA TRP A 999 -4.44 6.43 -47.62
C TRP A 999 -3.36 5.78 -46.71
N ARG A 1000 -3.72 5.55 -45.45
CA ARG A 1000 -2.85 5.00 -44.40
C ARG A 1000 -2.22 3.64 -44.72
N ARG A 1001 -2.99 2.77 -45.38
CA ARG A 1001 -2.52 1.41 -45.67
C ARG A 1001 -1.43 1.50 -46.74
N LEU A 1002 -1.66 2.34 -47.75
CA LEU A 1002 -0.65 2.59 -48.77
C LEU A 1002 0.64 3.11 -48.13
N ASN A 1003 0.46 4.11 -47.26
CA ASN A 1003 1.53 4.70 -46.54
C ASN A 1003 2.44 3.69 -45.81
N VAL A 1004 1.80 2.74 -45.11
CA VAL A 1004 2.53 1.69 -44.39
C VAL A 1004 3.30 0.85 -45.40
N ALA A 1005 2.65 0.50 -46.52
CA ALA A 1005 3.30 -0.24 -47.62
C ALA A 1005 4.58 0.44 -48.17
N LEU A 1006 4.51 1.75 -48.39
CA LEU A 1006 5.65 2.52 -48.93
C LEU A 1006 6.79 2.83 -47.95
N THR A 1007 6.67 2.34 -46.72
CA THR A 1007 7.62 2.67 -45.65
C THR A 1007 8.18 1.45 -44.94
N ARG A 1008 7.88 0.27 -45.48
CA ARG A 1008 8.47 -0.96 -44.97
C ARG A 1008 9.85 -1.24 -45.59
N ALA A 1009 10.20 -0.53 -46.68
CA ALA A 1009 11.38 -0.86 -47.45
C ALA A 1009 12.55 -0.03 -47.05
N LYS A 1010 13.69 -0.68 -46.78
CA LYS A 1010 14.97 -0.01 -46.49
C LYS A 1010 15.70 0.46 -47.76
N HIS A 1011 15.90 -0.49 -48.69
CA HIS A 1011 16.84 -0.32 -49.82
C HIS A 1011 16.23 -0.38 -51.21
N LYS A 1012 15.29 -1.32 -51.38
CA LYS A 1012 14.58 -1.41 -52.64
C LYS A 1012 13.07 -1.66 -52.46
N LEU A 1013 12.28 -0.73 -53.02
CA LEU A 1013 10.83 -0.84 -53.09
C LEU A 1013 10.38 -1.15 -54.52
N ILE A 1014 9.63 -2.24 -54.70
CA ILE A 1014 9.12 -2.67 -56.01
C ILE A 1014 7.61 -2.79 -55.98
N LEU A 1015 6.97 -2.00 -56.84
CA LEU A 1015 5.51 -1.92 -56.87
C LEU A 1015 4.95 -2.42 -58.20
N LEU A 1016 3.89 -3.22 -58.14
CA LEU A 1016 3.36 -3.94 -59.29
C LEU A 1016 1.85 -3.95 -59.26
N GLY A 1017 1.23 -3.44 -60.32
CA GLY A 1017 -0.24 -3.47 -60.51
C GLY A 1017 -0.67 -2.71 -61.76
N SER A 1018 -1.97 -2.75 -62.08
CA SER A 1018 -2.42 -2.09 -63.31
C SER A 1018 -2.73 -0.59 -63.13
N VAL A 1019 -1.84 0.26 -63.62
CA VAL A 1019 -2.03 1.72 -63.55
C VAL A 1019 -3.45 2.17 -63.95
N SER A 1020 -3.97 1.57 -65.01
CA SER A 1020 -5.32 1.86 -65.55
C SER A 1020 -6.41 1.85 -64.48
N SER A 1021 -6.52 0.75 -63.72
CA SER A 1021 -7.53 0.67 -62.66
C SER A 1021 -7.06 1.25 -61.33
N LEU A 1022 -5.77 1.09 -61.01
CA LEU A 1022 -5.21 1.61 -59.74
C LEU A 1022 -5.31 3.12 -59.59
N LYS A 1023 -5.14 3.85 -60.70
CA LYS A 1023 -5.23 5.32 -60.70
C LYS A 1023 -6.57 5.87 -60.16
N ARG A 1024 -7.58 5.01 -60.11
CA ARG A 1024 -8.91 5.43 -59.70
C ARG A 1024 -9.04 5.58 -58.19
N PHE A 1025 -8.02 5.16 -57.45
CA PHE A 1025 -7.94 5.28 -55.98
C PHE A 1025 -7.04 6.47 -55.60
N PRO A 1026 -7.61 7.48 -54.89
CA PRO A 1026 -6.84 8.69 -54.59
C PRO A 1026 -5.41 8.46 -54.09
N PRO A 1027 -5.21 7.61 -53.05
CA PRO A 1027 -3.81 7.42 -52.62
C PRO A 1027 -2.89 6.98 -53.75
N LEU A 1028 -3.36 6.04 -54.58
CA LEU A 1028 -2.61 5.56 -55.75
C LEU A 1028 -2.47 6.61 -56.84
N GLY A 1029 -3.55 7.36 -57.09
CA GLY A 1029 -3.59 8.47 -58.06
C GLY A 1029 -2.44 9.43 -57.83
N THR A 1030 -2.42 10.01 -56.64
CA THR A 1030 -1.31 10.86 -56.19
C THR A 1030 0.09 10.19 -56.27
N LEU A 1031 0.19 8.91 -55.90
CA LEU A 1031 1.46 8.16 -56.02
C LEU A 1031 1.94 8.14 -57.47
N PHE A 1032 1.04 7.78 -58.38
CA PHE A 1032 1.29 7.82 -59.82
C PHE A 1032 1.78 9.20 -60.31
N ASP A 1033 1.17 10.28 -59.81
CA ASP A 1033 1.64 11.63 -60.09
C ASP A 1033 3.07 11.84 -59.71
N HIS A 1034 3.45 11.46 -58.49
CA HIS A 1034 4.84 11.67 -58.04
C HIS A 1034 5.80 10.72 -58.74
N LEU A 1035 5.29 9.53 -59.10
CA LEU A 1035 6.07 8.53 -59.83
C LEU A 1035 6.34 8.96 -61.28
N ASN A 1036 5.40 9.69 -61.87
CA ASN A 1036 5.57 10.23 -63.21
C ASN A 1036 6.60 11.34 -63.30
N ALA A 1037 6.64 12.23 -62.29
CA ALA A 1037 7.66 13.28 -62.21
C ALA A 1037 9.08 12.72 -62.34
N GLU A 1038 9.39 11.63 -61.65
CA GLU A 1038 10.72 11.03 -61.73
C GLU A 1038 10.81 9.94 -62.80
N GLN A 1039 9.79 9.82 -63.63
CA GLN A 1039 9.62 8.72 -64.61
C GLN A 1039 10.02 7.35 -64.01
N LEU A 1040 9.29 6.93 -62.99
CA LEU A 1040 9.59 5.68 -62.28
C LEU A 1040 8.61 4.54 -62.58
N ILE A 1041 7.53 4.87 -63.29
CA ILE A 1041 6.63 3.86 -63.86
C ILE A 1041 7.32 3.19 -65.06
N LEU A 1042 7.35 1.86 -65.05
CA LEU A 1042 7.89 1.08 -66.16
C LEU A 1042 6.83 0.15 -66.62
N ASP A 1043 6.46 0.35 -67.89
CA ASP A 1043 5.39 -0.37 -68.53
C ASP A 1043 5.90 -1.75 -68.93
N LEU A 1044 5.16 -2.79 -68.53
CA LEU A 1044 5.55 -4.13 -68.91
C LEU A 1044 5.12 -4.42 -70.34
N PRO A 1045 5.92 -5.23 -71.09
CA PRO A 1045 5.56 -5.70 -72.44
C PRO A 1045 4.34 -6.63 -72.43
N SER A 1046 3.90 -7.07 -73.61
CA SER A 1046 2.84 -8.07 -73.74
C SER A 1046 3.30 -9.42 -73.14
N ARG A 1047 2.36 -10.22 -72.61
CA ARG A 1047 2.69 -11.57 -72.09
C ARG A 1047 3.33 -12.46 -73.16
N GLU A 1048 3.11 -12.06 -74.43
CA GLU A 1048 3.71 -12.66 -75.62
C GLU A 1048 5.24 -12.50 -75.63
N HIS A 1049 5.72 -11.27 -75.45
CA HIS A 1049 7.14 -10.93 -75.49
C HIS A 1049 8.08 -11.97 -74.87
N GLU A 1050 9.28 -12.12 -75.44
CA GLU A 1050 10.27 -13.18 -75.11
C GLU A 1050 10.56 -13.37 -73.64
N SER A 1051 10.71 -12.24 -72.93
CA SER A 1051 11.00 -12.20 -71.49
C SER A 1051 9.86 -12.79 -70.62
N LEU A 1052 8.65 -12.23 -70.77
CA LEU A 1052 7.50 -12.65 -69.98
C LEU A 1052 7.02 -14.07 -70.28
N SER A 1053 7.11 -14.45 -71.55
CA SER A 1053 6.57 -15.70 -72.13
C SER A 1053 6.80 -16.95 -71.28
N HIS A 1054 8.06 -17.13 -70.88
CA HIS A 1054 8.49 -18.30 -70.10
C HIS A 1054 8.00 -18.30 -68.63
N ILE A 1055 7.49 -17.16 -68.16
CA ILE A 1055 6.89 -17.05 -66.81
C ILE A 1055 5.38 -17.27 -66.86
N LEU A 1056 4.81 -17.09 -68.05
CA LEU A 1056 3.36 -17.11 -68.23
C LEU A 1056 2.95 -17.88 -69.50
N MET B 1 -16.41 12.63 65.53
CA MET B 1 -17.14 13.75 66.20
C MET B 1 -18.49 13.31 66.77
N GLU B 2 -18.45 12.60 67.92
CA GLU B 2 -19.67 12.32 68.71
C GLU B 2 -19.83 13.34 69.85
N PRO B 3 -19.40 13.04 71.12
CA PRO B 3 -19.82 13.96 72.20
C PRO B 3 -19.90 15.47 71.87
N LEU B 4 -20.93 16.11 72.43
CA LEU B 4 -20.97 17.53 72.71
C LEU B 4 -19.50 18.04 72.66
N ASP B 5 -18.67 17.40 73.49
CA ASP B 5 -17.23 17.57 73.65
C ASP B 5 -16.33 17.64 72.41
N GLU B 6 -16.56 16.81 71.41
CA GLU B 6 -15.67 16.80 70.23
C GLU B 6 -15.86 18.06 69.44
N LEU B 7 -17.12 18.47 69.30
CA LEU B 7 -17.50 19.65 68.52
C LEU B 7 -16.84 20.87 69.10
N ASP B 8 -16.95 20.98 70.42
CA ASP B 8 -16.25 21.94 71.23
C ASP B 8 -14.78 22.05 70.90
N LEU B 9 -14.06 20.93 71.08
CA LEU B 9 -12.62 20.89 70.88
C LEU B 9 -12.19 20.91 69.41
N LEU B 10 -13.06 20.44 68.50
CA LEU B 10 -12.73 20.46 67.08
C LEU B 10 -12.74 21.85 66.44
N LEU B 11 -13.34 22.83 67.11
CA LEU B 11 -13.19 24.24 66.72
C LEU B 11 -11.70 24.59 66.63
N LEU B 12 -11.24 24.79 65.39
CA LEU B 12 -9.90 25.33 65.09
C LEU B 12 -9.96 26.88 65.25
N GLU B 13 -8.86 27.55 64.88
CA GLU B 13 -8.74 29.03 64.92
C GLU B 13 -8.94 29.66 66.28
N ALA B 20 -2.89 28.02 61.48
CA ALA B 20 -2.46 29.04 60.53
C ALA B 20 -0.92 29.19 60.43
N VAL B 21 -0.18 28.54 61.34
CA VAL B 21 1.30 28.38 61.23
C VAL B 21 1.70 27.02 60.60
N PRO B 22 1.15 25.87 61.12
CA PRO B 22 1.30 24.62 60.38
C PRO B 22 0.53 24.60 59.04
N ARG B 23 -0.56 25.36 58.98
CA ARG B 23 -1.42 25.47 57.80
C ARG B 23 -0.72 26.16 56.63
N VAL B 24 -0.12 27.32 56.91
CA VAL B 24 0.72 28.08 55.96
C VAL B 24 1.86 27.20 55.43
N GLU B 25 2.54 26.47 56.32
CA GLU B 25 3.65 25.59 55.94
C GLU B 25 3.22 24.38 55.07
N LEU B 26 2.03 23.84 55.36
CA LEU B 26 1.44 22.73 54.59
C LEU B 26 1.12 23.11 53.13
N LEU B 27 0.89 24.41 52.89
CA LEU B 27 0.67 25.00 51.56
C LEU B 27 1.96 25.21 50.77
N ARG B 28 3.04 25.51 51.50
CA ARG B 28 4.40 25.52 50.93
C ARG B 28 4.81 24.12 50.44
N LYS B 29 4.35 23.09 51.17
CA LYS B 29 4.49 21.68 50.76
C LYS B 29 3.64 21.38 49.52
N LYS B 30 2.40 21.90 49.51
CA LYS B 30 1.42 21.69 48.42
C LYS B 30 1.89 22.23 47.04
N ALA B 31 2.49 23.43 47.06
CA ALA B 31 3.06 24.07 45.88
C ALA B 31 4.32 23.35 45.40
N ASP B 32 5.05 22.76 46.35
CA ASP B 32 6.28 22.00 46.08
C ASP B 32 6.07 20.64 45.43
N ALA B 33 4.90 20.06 45.68
CA ALA B 33 4.43 18.83 45.04
C ALA B 33 4.46 18.94 43.51
N LEU B 34 3.83 20.02 43.02
CA LEU B 34 3.66 20.32 41.58
C LEU B 34 4.71 21.28 41.00
N PHE B 35 5.14 22.28 41.78
CA PHE B 35 6.22 23.18 41.37
C PHE B 35 7.36 23.17 42.35
N PRO B 36 8.29 22.17 42.22
CA PRO B 36 9.46 22.17 43.10
C PRO B 36 10.36 23.39 42.87
N GLU B 37 10.85 23.95 43.98
CA GLU B 37 11.88 25.00 44.04
C GLU B 37 11.54 26.34 43.37
N THR B 38 10.25 26.65 43.36
CA THR B 38 9.72 27.96 42.96
C THR B 38 10.23 28.97 44.02
N VAL B 39 11.14 29.85 43.60
CA VAL B 39 11.87 30.80 44.49
C VAL B 39 11.02 31.85 45.22
N LEU B 40 9.90 32.28 44.61
CA LEU B 40 9.05 33.40 45.08
C LEU B 40 9.81 34.71 44.94
N SER B 41 9.15 35.70 44.35
CA SER B 41 9.87 36.89 43.89
C SER B 41 9.02 38.15 43.78
N ARG B 42 9.74 39.25 43.60
CA ARG B 42 9.18 40.55 43.40
C ARG B 42 9.57 41.03 42.00
N GLY B 43 8.82 42.00 41.48
CA GLY B 43 9.18 42.65 40.22
C GLY B 43 8.72 41.93 38.98
N VAL B 44 9.54 41.99 37.92
CA VAL B 44 9.18 41.56 36.53
C VAL B 44 8.75 40.10 36.41
N ASP B 45 9.43 39.23 37.14
CA ASP B 45 9.16 37.80 37.12
C ASP B 45 8.76 37.35 38.52
N ASN B 46 7.75 38.05 39.04
CA ASN B 46 7.19 37.78 40.34
C ASN B 46 6.56 36.39 40.40
N ARG B 47 6.81 35.71 41.51
CA ARG B 47 6.10 34.49 41.85
C ARG B 47 5.62 34.53 43.29
N TYR B 48 4.30 34.61 43.42
CA TYR B 48 3.61 34.73 44.68
C TYR B 48 2.91 33.41 45.06
N LEU B 49 2.97 33.05 46.34
CA LEU B 49 2.25 31.88 46.85
C LEU B 49 0.90 32.30 47.43
N VAL B 50 -0.16 31.70 46.92
CA VAL B 50 -1.49 31.94 47.44
C VAL B 50 -1.57 31.33 48.85
N LEU B 51 -2.19 32.09 49.76
CA LEU B 51 -2.46 31.67 51.12
C LEU B 51 -3.95 31.59 51.39
N ALA B 52 -4.73 32.58 50.95
CA ALA B 52 -6.18 32.53 51.20
C ALA B 52 -7.03 33.09 50.08
N VAL B 53 -8.23 32.55 49.94
CA VAL B 53 -9.16 32.86 48.84
C VAL B 53 -10.60 32.92 49.38
N GLU B 54 -11.26 34.08 49.21
CA GLU B 54 -12.71 34.16 49.43
C GLU B 54 -13.39 35.12 48.46
N THR B 55 -14.67 34.88 48.19
CA THR B 55 -15.52 35.82 47.44
C THR B 55 -16.23 36.82 48.39
N SER B 56 -16.53 38.02 47.90
CA SER B 56 -17.28 39.04 48.66
C SER B 56 -18.31 39.79 47.80
N GLN B 57 -19.02 40.77 48.38
CA GLN B 57 -20.03 41.53 47.62
C GLN B 57 -19.77 43.04 47.64
N ASN B 58 -19.48 43.60 46.48
CA ASN B 58 -19.47 45.05 46.32
C ASN B 58 -20.56 45.48 45.35
N GLU B 59 -20.83 46.80 45.31
CA GLU B 59 -21.96 47.38 44.58
C GLU B 59 -23.23 46.73 45.20
N ARG B 60 -23.83 45.76 44.48
CA ARG B 60 -24.80 44.80 45.02
C ARG B 60 -24.94 43.64 44.02
N GLY B 61 -24.61 42.44 44.49
CA GLY B 61 -24.59 41.25 43.65
C GLY B 61 -23.41 41.22 42.69
N ALA B 62 -22.35 41.96 43.02
CA ALA B 62 -21.11 41.94 42.24
C ALA B 62 -20.03 41.16 42.99
N GLU B 63 -19.66 40.02 42.40
CA GLU B 63 -18.60 39.12 42.87
C GLU B 63 -17.23 39.82 42.91
N GLU B 64 -16.49 39.57 43.97
CA GLU B 64 -15.06 39.91 44.03
C GLU B 64 -14.35 38.69 44.64
N LYS B 65 -13.05 38.55 44.38
CA LYS B 65 -12.29 37.45 44.94
C LYS B 65 -11.13 38.02 45.73
N ARG B 66 -11.11 37.69 47.00
CA ARG B 66 -10.22 38.29 47.96
C ARG B 66 -9.04 37.36 48.19
N LEU B 67 -7.88 37.71 47.63
CA LEU B 67 -6.71 36.84 47.72
C LEU B 67 -5.63 37.35 48.66
N HIS B 68 -5.11 36.45 49.48
CA HIS B 68 -4.03 36.77 50.40
C HIS B 68 -2.78 36.05 49.91
N VAL B 69 -1.81 36.83 49.47
CA VAL B 69 -0.64 36.29 48.77
C VAL B 69 0.66 36.70 49.45
N THR B 70 1.77 36.00 49.16
CA THR B 70 3.10 36.36 49.68
C THR B 70 4.22 36.04 48.68
N ALA B 71 5.20 36.94 48.56
CA ALA B 71 6.39 36.71 47.72
C ALA B 71 7.65 36.38 48.52
N SER B 72 7.46 36.15 49.82
CA SER B 72 8.54 35.82 50.73
C SER B 72 8.07 34.73 51.68
N GLN B 73 9.03 33.97 52.22
CA GLN B 73 8.75 32.84 53.12
C GLN B 73 8.32 33.22 54.54
N ASP B 74 8.79 34.38 55.02
CA ASP B 74 8.38 34.95 56.31
C ASP B 74 6.94 35.37 56.22
N ARG B 75 6.08 34.61 56.92
CA ARG B 75 4.63 34.71 56.78
C ARG B 75 4.04 35.99 57.40
N GLU B 76 4.87 37.02 57.49
CA GLU B 76 4.39 38.37 57.78
C GLU B 76 4.49 39.37 56.60
N HIS B 77 5.07 38.93 55.48
CA HIS B 77 5.10 39.70 54.23
C HIS B 77 3.82 39.61 53.37
N GLU B 78 2.69 39.26 54.02
CA GLU B 78 1.37 39.12 53.39
C GLU B 78 0.87 40.36 52.60
N VAL B 79 0.68 40.18 51.29
CA VAL B 79 0.13 41.19 50.36
C VAL B 79 -1.32 40.83 49.95
N LEU B 80 -2.27 41.76 50.13
CA LEU B 80 -3.67 41.55 49.71
C LEU B 80 -3.84 41.76 48.17
N CYS B 81 -4.91 41.16 47.62
CA CYS B 81 -5.22 41.21 46.18
C CYS B 81 -6.71 40.96 45.88
N ILE B 82 -7.34 41.87 45.11
CA ILE B 82 -8.75 41.71 44.67
C ILE B 82 -8.89 41.57 43.14
N LEU B 83 -9.42 40.42 42.73
CA LEU B 83 -9.77 40.17 41.35
C LEU B 83 -11.21 40.60 41.14
N ARG B 84 -11.45 41.44 40.12
CA ARG B 84 -12.81 41.91 39.82
C ARG B 84 -13.33 41.50 38.44
N ASN B 85 -14.65 41.62 38.28
CA ASN B 85 -15.39 41.27 37.06
C ASN B 85 -15.21 39.82 36.65
N GLY B 86 -14.42 39.58 35.60
CA GLY B 86 -14.20 38.25 35.08
C GLY B 86 -13.03 37.55 35.72
N TRP B 87 -12.15 38.35 36.34
CA TRP B 87 -10.97 37.84 37.03
C TRP B 87 -11.33 37.08 38.29
N SER B 88 -12.36 37.57 38.98
CA SER B 88 -12.86 36.95 40.22
C SER B 88 -13.28 35.48 40.05
N SER B 89 -13.56 35.06 38.82
CA SER B 89 -13.97 33.68 38.54
C SER B 89 -12.81 32.73 38.21
N VAL B 90 -11.58 33.24 38.08
CA VAL B 90 -10.41 32.35 37.81
C VAL B 90 -10.20 31.38 38.99
N PRO B 91 -10.00 30.06 38.70
CA PRO B 91 -10.05 29.06 39.78
C PRO B 91 -8.72 28.93 40.54
N VAL B 92 -8.41 29.93 41.35
CA VAL B 92 -7.29 29.85 42.28
C VAL B 92 -7.84 29.27 43.59
N GLU B 93 -7.17 28.24 44.08
CA GLU B 93 -7.35 27.74 45.43
C GLU B 93 -6.06 28.14 46.13
N PRO B 94 -6.03 28.08 47.49
CA PRO B 94 -4.75 28.32 48.19
C PRO B 94 -3.64 27.30 47.84
N GLY B 95 -2.39 27.72 48.04
CA GLY B 95 -1.26 26.86 47.76
C GLY B 95 -0.75 26.94 46.33
N ASP B 96 -1.55 27.55 45.44
CA ASP B 96 -1.18 27.85 44.04
C ASP B 96 0.00 28.83 43.93
N ILE B 97 0.80 28.69 42.89
CA ILE B 97 1.78 29.69 42.52
C ILE B 97 1.22 30.59 41.41
N VAL B 98 1.27 31.90 41.66
CA VAL B 98 0.78 32.90 40.72
C VAL B 98 1.82 33.98 40.45
N HIS B 99 1.59 34.69 39.35
CA HIS B 99 2.42 35.79 38.85
C HIS B 99 1.46 36.87 38.39
N LEU B 100 1.64 38.06 38.94
CA LEU B 100 0.84 39.19 38.53
C LEU B 100 1.64 39.91 37.48
N GLU B 101 1.13 39.82 36.26
CA GLU B 101 1.73 40.43 35.08
C GLU B 101 0.98 41.68 34.78
N GLY B 102 -0.14 41.87 35.47
CA GLY B 102 -0.82 43.15 35.48
C GLY B 102 0.03 44.15 36.23
N ASP B 103 1.24 44.36 35.71
CA ASP B 103 2.27 45.23 36.28
C ASP B 103 2.57 44.87 37.73
N CYS B 104 2.98 45.89 38.48
CA CYS B 104 2.99 45.92 39.94
C CYS B 104 3.68 44.72 40.62
N THR B 105 3.33 44.47 41.90
CA THR B 105 4.24 43.90 42.92
C THR B 105 4.57 45.09 43.84
N SER B 106 4.90 46.23 43.21
CA SER B 106 5.04 47.55 43.86
C SER B 106 3.81 47.84 44.69
N GLU B 107 2.64 47.69 44.06
CA GLU B 107 1.38 47.49 44.74
C GLU B 107 0.40 46.67 43.89
N PRO B 108 0.26 45.36 44.21
CA PRO B 108 -0.72 44.50 43.54
C PRO B 108 -2.18 45.01 43.60
N TRP B 109 -2.71 45.16 44.81
CA TRP B 109 -4.13 45.50 45.08
C TRP B 109 -5.16 44.96 44.07
N ILE B 110 -5.64 45.84 43.17
CA ILE B 110 -6.81 45.54 42.31
C ILE B 110 -6.48 45.29 40.82
N ILE B 111 -6.85 44.10 40.36
CA ILE B 111 -6.90 43.78 38.92
C ILE B 111 -8.35 43.45 38.55
N ASP B 112 -8.79 44.16 37.51
CA ASP B 112 -10.17 44.11 37.00
C ASP B 112 -10.13 44.11 35.49
N ASP B 113 -11.29 44.40 34.89
CA ASP B 113 -11.40 44.48 33.45
C ASP B 113 -10.32 45.34 32.81
N ASP B 114 -10.23 46.59 33.27
CA ASP B 114 -9.44 47.62 32.59
C ASP B 114 -7.95 47.62 32.91
N PHE B 115 -7.56 46.97 34.01
CA PHE B 115 -6.14 46.90 34.36
C PHE B 115 -5.73 45.53 34.90
N GLY B 116 -4.50 45.14 34.57
CA GLY B 116 -3.87 43.96 35.13
C GLY B 116 -4.19 42.62 34.50
N TYR B 117 -3.18 41.75 34.47
CA TYR B 117 -3.31 40.32 34.15
C TYR B 117 -2.89 39.46 35.34
N PHE B 118 -3.68 38.42 35.56
CA PHE B 118 -3.37 37.40 36.57
C PHE B 118 -2.91 36.06 35.97
N ILE B 119 -1.68 35.68 36.24
CA ILE B 119 -1.15 34.47 35.64
C ILE B 119 -1.11 33.25 36.58
N LEU B 120 -2.18 32.45 36.54
CA LEU B 120 -2.30 31.20 37.32
C LEU B 120 -1.31 30.12 36.82
N TYR B 121 -0.46 29.60 37.73
CA TYR B 121 0.60 28.63 37.41
C TYR B 121 1.49 29.15 36.27
N PRO B 122 2.38 30.10 36.58
CA PRO B 122 3.04 30.81 35.51
C PRO B 122 4.17 30.02 34.87
N ASP B 123 4.81 29.12 35.61
CA ASP B 123 5.91 28.32 35.04
C ASP B 123 5.42 27.27 34.04
N MET B 124 4.10 27.14 33.96
CA MET B 124 3.40 26.25 33.06
C MET B 124 3.12 26.97 31.72
N MET B 125 4.11 26.94 30.83
CA MET B 125 4.09 27.68 29.57
C MET B 125 3.30 26.97 28.47
N ILE B 126 2.01 27.26 28.40
CA ILE B 126 1.07 26.69 27.42
C ILE B 126 1.19 27.34 26.03
N SER B 127 1.09 26.52 24.98
CA SER B 127 1.11 27.04 23.63
C SER B 127 -0.16 27.82 23.30
N GLY B 128 0.06 28.95 22.64
CA GLY B 128 -1.00 29.90 22.37
C GLY B 128 -2.04 29.31 21.46
N THR B 129 -1.64 28.30 20.69
CA THR B 129 -2.54 27.71 19.71
C THR B 129 -3.62 26.93 20.46
N SER B 130 -3.23 26.27 21.55
CA SER B 130 -4.14 25.51 22.43
C SER B 130 -5.10 26.40 23.17
N VAL B 131 -4.56 27.54 23.66
CA VAL B 131 -5.31 28.68 24.22
C VAL B 131 -6.39 29.21 23.23
N ALA B 132 -5.99 29.45 21.99
CA ALA B 132 -6.92 29.75 20.91
C ALA B 132 -8.00 28.64 20.69
N SER B 133 -7.58 27.39 20.66
CA SER B 133 -8.48 26.26 20.48
C SER B 133 -9.56 26.26 21.56
N SER B 134 -9.13 26.54 22.78
CA SER B 134 -10.01 26.49 23.94
C SER B 134 -11.12 27.55 23.94
N ILE B 135 -10.99 28.59 23.10
CA ILE B 135 -12.09 29.54 22.88
C ILE B 135 -13.36 28.75 22.59
N ARG B 136 -13.28 27.83 21.64
CA ARG B 136 -14.46 27.06 21.24
C ARG B 136 -14.80 25.90 22.16
N CYS B 137 -13.78 25.26 22.74
CA CYS B 137 -14.01 24.11 23.63
C CYS B 137 -12.80 23.79 24.50
N LEU B 138 -12.90 24.07 25.79
CA LEU B 138 -11.77 23.88 26.68
C LEU B 138 -11.32 22.42 26.74
N ARG B 139 -12.32 21.52 26.73
CA ARG B 139 -12.12 20.08 26.70
C ARG B 139 -11.25 19.64 25.50
N ARG B 140 -11.74 19.95 24.29
CA ARG B 140 -11.00 19.76 23.04
C ARG B 140 -9.51 20.20 23.12
N ALA B 141 -9.25 21.30 23.82
CA ALA B 141 -7.89 21.77 24.03
C ALA B 141 -7.09 20.86 24.95
N VAL B 142 -7.69 20.50 26.08
CA VAL B 142 -7.02 19.65 27.08
C VAL B 142 -6.71 18.28 26.48
N LEU B 143 -7.71 17.74 25.77
CA LEU B 143 -7.57 16.48 25.05
C LEU B 143 -6.48 16.56 24.00
N SER B 144 -6.47 17.63 23.22
CA SER B 144 -5.35 17.93 22.32
C SER B 144 -4.02 17.92 23.04
N GLU B 145 -3.90 18.64 24.15
CA GLU B 145 -2.61 18.69 24.81
C GLU B 145 -2.11 17.30 25.22
N THR B 146 -3.02 16.39 25.56
CA THR B 146 -2.64 15.11 26.17
C THR B 146 -2.62 13.88 25.23
N PHE B 147 -3.62 13.75 24.34
CA PHE B 147 -3.62 12.70 23.31
C PHE B 147 -3.19 13.31 22.01
N ARG B 148 -1.91 13.67 21.97
CA ARG B 148 -1.28 14.54 20.93
C ARG B 148 -1.37 14.04 19.48
N GLY B 149 -1.51 12.72 19.29
CA GLY B 149 -1.55 12.09 17.97
C GLY B 149 -2.92 11.91 17.33
N SER B 150 -3.98 12.27 18.06
CA SER B 150 -5.37 12.09 17.60
C SER B 150 -5.94 13.17 16.66
N ASP B 151 -5.07 14.10 16.26
CA ASP B 151 -5.22 14.89 15.04
C ASP B 151 -4.21 14.25 14.10
N PRO B 152 -4.67 13.37 13.19
CA PRO B 152 -3.69 12.80 12.25
C PRO B 152 -3.26 13.82 11.17
N ALA B 153 -2.03 13.69 10.69
CA ALA B 153 -1.49 14.56 9.65
C ALA B 153 -2.41 14.42 8.46
N THR B 154 -3.05 15.53 8.11
CA THR B 154 -3.85 15.59 6.92
C THR B 154 -3.05 16.07 5.69
N ARG B 155 -3.65 15.90 4.51
CA ARG B 155 -3.15 16.47 3.26
C ARG B 155 -2.92 17.98 3.35
N GLN B 156 -3.90 18.70 3.90
CA GLN B 156 -3.86 20.17 4.00
C GLN B 156 -2.73 20.60 4.89
N MET B 157 -2.56 19.92 6.01
CA MET B 157 -1.43 20.15 6.90
C MET B 157 -0.09 19.97 6.19
N LEU B 158 -0.02 19.04 5.24
CA LEU B 158 1.20 18.88 4.45
C LEU B 158 1.42 20.05 3.51
N ILE B 159 0.39 20.35 2.72
CA ILE B 159 0.36 21.54 1.84
C ILE B 159 0.75 22.81 2.63
N GLY B 160 0.17 22.90 3.82
CA GLY B 160 0.42 23.96 4.77
C GLY B 160 1.87 24.13 5.13
N THR B 161 2.50 23.05 5.53
CA THR B 161 3.92 23.08 5.91
C THR B 161 4.78 23.47 4.72
N ILE B 162 4.50 22.88 3.56
CA ILE B 162 5.31 23.14 2.40
C ILE B 162 5.28 24.62 2.03
N LEU B 163 4.07 25.18 1.94
CA LEU B 163 3.87 26.61 1.70
C LEU B 163 4.58 27.56 2.69
N HIS B 164 4.36 27.33 4.00
CA HIS B 164 5.04 28.05 5.08
C HIS B 164 6.53 28.06 4.78
N GLU B 165 7.05 26.89 4.48
CA GLU B 165 8.47 26.72 4.23
C GLU B 165 8.96 27.48 3.00
N VAL B 166 8.23 27.37 1.89
CA VAL B 166 8.62 28.09 0.67
C VAL B 166 8.62 29.59 0.92
N PHE B 167 7.55 30.11 1.52
CA PHE B 167 7.44 31.50 1.89
C PHE B 167 8.61 31.99 2.73
N GLN B 168 9.03 31.20 3.72
CA GLN B 168 10.09 31.61 4.60
C GLN B 168 11.36 31.63 3.81
N LYS B 169 11.51 30.68 2.90
CA LYS B 169 12.67 30.67 2.03
C LYS B 169 12.69 31.87 1.08
N ALA B 170 11.51 32.24 0.59
CA ALA B 170 11.33 33.35 -0.36
C ALA B 170 11.71 34.71 0.22
N ILE B 171 11.23 35.00 1.43
CA ILE B 171 11.34 36.32 2.03
C ILE B 171 12.78 36.73 2.38
N SER B 172 13.70 35.78 2.37
CA SER B 172 15.15 36.02 2.53
C SER B 172 15.83 36.13 1.17
N GLU B 173 15.06 36.01 0.10
CA GLU B 173 15.61 35.89 -1.23
C GLU B 173 14.73 36.67 -2.19
N SER B 174 13.97 35.97 -3.03
CA SER B 174 13.14 36.63 -4.01
C SER B 174 11.78 36.00 -4.20
N PHE B 175 10.78 36.86 -4.41
CA PHE B 175 9.43 36.45 -4.79
C PHE B 175 9.18 36.38 -6.33
N ALA B 176 10.24 36.54 -7.12
CA ALA B 176 10.19 36.35 -8.58
C ALA B 176 9.71 34.95 -8.92
N PRO B 177 8.71 34.84 -9.83
CA PRO B 177 8.02 33.57 -10.07
C PRO B 177 8.93 32.38 -10.37
N GLU B 178 10.00 32.57 -11.15
CA GLU B 178 10.92 31.48 -11.47
C GLU B 178 11.58 31.00 -10.20
N ARG B 179 11.93 31.92 -9.30
CA ARG B 179 12.57 31.49 -8.08
C ARG B 179 11.59 30.88 -7.08
N LEU B 180 10.35 31.37 -7.02
CA LEU B 180 9.31 30.68 -6.27
C LEU B 180 9.07 29.25 -6.76
N GLN B 181 8.96 29.09 -8.09
CA GLN B 181 8.81 27.80 -8.74
C GLN B 181 9.98 26.87 -8.39
N GLU B 182 11.20 27.40 -8.38
CA GLU B 182 12.42 26.68 -8.01
C GLU B 182 12.36 26.18 -6.55
N LEU B 183 12.01 27.10 -5.65
CA LEU B 183 11.88 26.80 -4.24
C LEU B 183 10.84 25.70 -4.01
N ALA B 184 9.67 25.87 -4.62
CA ALA B 184 8.66 24.82 -4.62
C ALA B 184 9.19 23.45 -5.11
N LEU B 185 9.92 23.44 -6.23
CA LEU B 185 10.55 22.21 -6.75
C LEU B 185 11.55 21.61 -5.77
N GLN B 186 12.43 22.42 -5.21
CA GLN B 186 13.38 21.91 -4.24
C GLN B 186 12.72 21.34 -3.01
N THR B 187 11.73 22.07 -2.47
CA THR B 187 11.23 21.72 -1.15
C THR B 187 10.33 20.47 -1.19
N LEU B 188 9.59 20.33 -2.28
CA LEU B 188 8.79 19.12 -2.56
C LEU B 188 9.61 17.83 -2.52
N ARG B 189 10.93 17.94 -2.69
CA ARG B 189 11.86 16.78 -2.69
C ARG B 189 12.53 16.50 -1.35
N GLU B 190 12.26 17.29 -0.33
CA GLU B 190 12.92 17.07 0.93
C GLU B 190 12.35 15.84 1.64
N VAL B 191 13.26 14.97 2.05
CA VAL B 191 12.92 13.70 2.73
C VAL B 191 11.79 13.83 3.73
N ARG B 192 11.82 14.94 4.48
CA ARG B 192 10.80 15.29 5.46
C ARG B 192 9.39 15.25 4.90
N HIS B 193 9.25 15.81 3.71
CA HIS B 193 7.98 15.91 3.06
C HIS B 193 7.67 14.64 2.30
N LEU B 194 8.68 14.07 1.66
CA LEU B 194 8.52 12.76 1.02
C LEU B 194 7.88 11.74 2.00
N LYS B 195 8.48 11.63 3.20
CA LYS B 195 7.92 10.89 4.32
C LYS B 195 6.42 11.12 4.48
N GLU B 196 6.01 12.37 4.53
CA GLU B 196 4.60 12.65 4.78
C GLU B 196 3.72 12.28 3.60
N MET B 197 4.23 12.48 2.39
CA MET B 197 3.55 12.02 1.19
C MET B 197 3.40 10.50 1.26
N TYR B 198 4.47 9.83 1.68
CA TYR B 198 4.44 8.37 1.89
C TYR B 198 3.38 7.97 2.90
N ARG B 199 3.44 8.60 4.10
CA ARG B 199 2.49 8.37 5.17
C ARG B 199 1.06 8.41 4.67
N LEU B 200 0.77 9.41 3.85
CA LEU B 200 -0.58 9.65 3.37
C LEU B 200 -0.90 9.04 2.02
N ASN B 201 0.02 8.21 1.51
CA ASN B 201 -0.11 7.57 0.19
C ASN B 201 -0.60 8.56 -0.85
N LEU B 202 0.21 9.60 -1.05
CA LEU B 202 -0.15 10.72 -1.91
C LEU B 202 0.76 10.78 -3.10
N SER B 203 0.32 11.47 -4.14
CA SER B 203 1.15 11.63 -5.32
C SER B 203 2.08 12.81 -5.11
N GLN B 204 3.38 12.60 -5.37
CA GLN B 204 4.36 13.70 -5.25
C GLN B 204 4.00 14.86 -6.18
N ASP B 205 3.63 14.52 -7.43
CA ASP B 205 3.32 15.51 -8.44
C ASP B 205 2.01 16.24 -8.22
N GLU B 206 1.11 15.57 -7.55
CA GLU B 206 -0.16 16.19 -7.23
C GLU B 206 0.02 17.25 -6.16
N ILE B 207 0.85 16.97 -5.16
CA ILE B 207 1.16 17.93 -4.10
C ILE B 207 1.88 19.14 -4.72
N LEU B 208 2.86 18.89 -5.59
CA LEU B 208 3.58 19.95 -6.31
C LEU B 208 2.60 20.86 -6.99
N CYS B 209 1.67 20.27 -7.74
CA CYS B 209 0.64 21.00 -8.46
C CYS B 209 -0.21 21.91 -7.56
N GLU B 210 -0.73 21.34 -6.48
CA GLU B 210 -1.56 22.07 -5.54
C GLU B 210 -0.78 23.23 -4.92
N VAL B 211 0.50 23.00 -4.64
CA VAL B 211 1.37 24.00 -4.05
C VAL B 211 1.58 25.13 -5.04
N GLU B 212 1.76 24.75 -6.30
CA GLU B 212 2.05 25.67 -7.38
C GLU B 212 0.94 26.67 -7.55
N GLU B 213 -0.31 26.29 -7.29
CA GLU B 213 -1.40 27.25 -7.53
C GLU B 213 -1.42 28.43 -6.55
N TYR B 214 -0.91 28.18 -5.36
CA TYR B 214 -0.72 29.20 -4.35
C TYR B 214 0.35 30.25 -4.71
N LEU B 215 1.35 29.86 -5.51
CA LEU B 215 2.52 30.71 -5.77
C LEU B 215 2.34 32.19 -6.27
N PRO B 216 1.46 32.47 -7.26
CA PRO B 216 1.26 33.87 -7.67
C PRO B 216 0.78 34.81 -6.54
N SER B 217 -0.02 34.29 -5.61
CA SER B 217 -0.40 35.01 -4.40
C SER B 217 0.83 35.40 -3.60
N PHE B 218 1.83 34.53 -3.54
CA PHE B 218 3.10 34.86 -2.88
C PHE B 218 3.67 36.14 -3.51
N SER B 219 3.64 36.18 -4.83
CA SER B 219 4.13 37.29 -5.62
C SER B 219 3.27 38.51 -5.48
N LYS B 220 1.95 38.36 -5.61
CA LYS B 220 1.05 39.48 -5.40
C LYS B 220 1.32 40.16 -4.05
N TRP B 221 1.37 39.37 -2.98
CA TRP B 221 1.66 39.91 -1.65
C TRP B 221 2.94 40.68 -1.62
N ALA B 222 4.00 40.10 -2.18
CA ALA B 222 5.32 40.71 -2.11
C ALA B 222 5.38 41.97 -2.92
N GLU B 223 4.75 41.98 -4.10
CA GLU B 223 4.61 43.22 -4.86
C GLU B 223 3.79 44.24 -4.11
N ASP B 224 2.76 43.82 -3.38
CA ASP B 224 1.97 44.79 -2.62
C ASP B 224 2.74 45.44 -1.51
N PHE B 225 3.50 44.65 -0.77
CA PHE B 225 4.01 45.10 0.52
C PHE B 225 5.49 45.35 0.59
N MET B 226 6.25 44.73 -0.32
CA MET B 226 7.71 44.74 -0.23
C MET B 226 8.29 45.39 -1.49
N ARG B 227 7.53 46.34 -2.03
CA ARG B 227 7.69 46.77 -3.41
C ARG B 227 8.87 47.63 -3.64
N LYS B 228 9.27 48.37 -2.59
CA LYS B 228 10.19 49.51 -2.70
C LYS B 228 9.76 50.54 -3.78
N GLY B 229 8.86 51.44 -3.37
CA GLY B 229 8.41 52.58 -4.18
C GLY B 229 8.17 53.82 -3.33
N PRO B 230 7.32 54.76 -3.82
CA PRO B 230 6.73 55.81 -2.97
C PRO B 230 5.81 55.20 -1.95
N SER B 231 5.76 55.81 -0.78
CA SER B 231 4.95 55.32 0.33
C SER B 231 3.45 55.62 0.22
N SER B 232 3.11 56.59 -0.63
CA SER B 232 1.77 56.72 -1.21
C SER B 232 1.24 55.36 -1.57
N GLU B 233 2.08 54.57 -2.25
CA GLU B 233 1.70 53.44 -3.09
C GLU B 233 1.74 52.04 -2.43
N PHE B 234 2.14 51.99 -1.16
CA PHE B 234 1.98 50.81 -0.32
C PHE B 234 0.49 50.63 0.10
N PRO B 235 0.04 49.39 0.49
CA PRO B 235 -1.42 49.23 0.74
C PRO B 235 -1.86 49.99 1.96
N GLN B 236 -3.11 50.40 1.93
CA GLN B 236 -3.59 51.42 2.82
C GLN B 236 -4.71 50.97 3.78
N MET B 237 -4.41 50.92 5.08
CA MET B 237 -5.39 50.46 6.09
C MET B 237 -5.29 51.12 7.46
N GLN B 238 -6.38 51.02 8.25
CA GLN B 238 -6.41 51.58 9.60
C GLN B 238 -5.72 50.68 10.61
N LEU B 239 -4.86 51.26 11.43
CA LEU B 239 -4.08 50.51 12.37
C LEU B 239 -3.98 51.30 13.66
N SER B 240 -5.04 51.15 14.46
CA SER B 240 -5.18 51.87 15.74
C SER B 240 -4.26 51.35 16.84
N LEU B 241 -3.10 51.99 17.01
CA LEU B 241 -2.16 51.54 18.01
C LEU B 241 -2.36 52.27 19.35
N PRO B 242 -1.70 51.78 20.44
CA PRO B 242 -1.37 52.64 21.59
C PRO B 242 -0.78 54.01 21.20
N SER B 243 0.36 54.04 20.50
CA SER B 243 0.99 55.28 19.96
C SER B 243 -0.02 56.40 19.61
N ASP B 244 0.16 57.55 20.27
CA ASP B 244 -0.84 58.63 20.41
C ASP B 244 -1.36 59.24 19.09
N GLY B 245 -2.24 60.24 19.23
CA GLY B 245 -2.59 61.11 18.12
C GLY B 245 -3.83 61.94 18.38
N ARG B 248 -6.89 55.82 17.88
CA ARG B 248 -5.87 56.06 16.86
C ARG B 248 -6.42 55.90 15.41
N SER B 249 -7.11 56.94 14.91
CA SER B 249 -7.79 56.92 13.60
C SER B 249 -6.93 57.45 12.44
N SER B 250 -7.55 57.65 11.27
CA SER B 250 -6.93 57.96 9.95
C SER B 250 -6.11 56.80 9.33
N PRO B 251 -6.30 56.53 8.01
CA PRO B 251 -5.57 55.44 7.34
C PRO B 251 -4.05 55.66 7.32
N CYS B 252 -3.29 54.60 7.02
CA CYS B 252 -1.84 54.68 6.82
C CYS B 252 -1.33 53.61 5.85
N ASN B 253 -0.03 53.64 5.55
CA ASN B 253 0.52 52.80 4.50
C ASN B 253 1.52 51.81 5.09
N ILE B 254 1.39 50.55 4.65
CA ILE B 254 2.14 49.45 5.27
C ILE B 254 3.21 48.96 4.32
N GLU B 255 4.47 49.03 4.75
CA GLU B 255 5.59 48.52 3.97
C GLU B 255 6.38 47.46 4.77
N VAL B 256 6.33 46.22 4.34
CA VAL B 256 7.16 45.19 4.95
C VAL B 256 8.56 45.39 4.38
N VAL B 257 9.58 45.56 5.24
CA VAL B 257 10.94 45.83 4.74
C VAL B 257 11.73 44.56 4.54
N LYS B 258 11.90 43.80 5.61
CA LYS B 258 12.56 42.52 5.52
C LYS B 258 11.95 41.63 6.56
N SER B 259 12.15 40.33 6.35
CA SER B 259 11.99 39.37 7.41
C SER B 259 13.23 39.56 8.28
N LEU B 260 13.01 39.58 9.58
CA LEU B 260 14.09 39.64 10.54
C LEU B 260 14.37 38.27 11.13
N ASP B 261 13.30 37.50 11.32
CA ASP B 261 13.40 36.15 11.89
C ASP B 261 12.25 35.28 11.40
N ILE B 262 12.56 34.00 11.19
CA ILE B 262 11.53 32.99 10.86
C ILE B 262 11.56 31.90 11.93
N GLU B 263 10.39 31.34 12.23
CA GLU B 263 10.22 30.35 13.32
C GLU B 263 10.89 30.80 14.64
N GLU B 264 10.52 32.00 15.07
CA GLU B 264 11.06 32.50 16.33
C GLU B 264 10.42 31.75 17.49
N SER B 265 11.25 30.99 18.19
CA SER B 265 10.85 30.12 19.28
C SER B 265 10.91 30.87 20.64
N ILE B 266 9.74 31.08 21.25
CA ILE B 266 9.62 31.91 22.48
C ILE B 266 8.90 31.20 23.63
N TRP B 267 9.57 31.18 24.79
CA TRP B 267 9.00 30.69 26.06
C TRP B 267 8.82 31.87 26.99
N SER B 268 7.57 32.06 27.44
CA SER B 268 7.24 33.19 28.33
C SER B 268 6.95 32.76 29.77
N PRO B 269 7.95 32.97 30.69
CA PRO B 269 7.74 32.80 32.12
C PRO B 269 6.77 33.85 32.62
N ARG B 270 6.64 34.95 31.87
CA ARG B 270 5.79 36.04 32.24
C ARG B 270 4.28 35.73 32.05
N PHE B 271 3.92 35.08 30.95
CA PHE B 271 2.49 34.82 30.73
C PHE B 271 2.08 33.36 30.84
N GLY B 272 3.07 32.48 31.05
CA GLY B 272 2.82 31.04 30.98
C GLY B 272 2.29 30.76 29.60
N LEU B 273 3.13 31.10 28.61
CA LEU B 273 2.87 30.95 27.19
C LEU B 273 4.14 30.56 26.46
N LYS B 274 4.00 29.61 25.54
CA LYS B 274 5.05 29.33 24.55
C LYS B 274 4.41 29.46 23.16
N GLY B 275 5.24 29.69 22.15
CA GLY B 275 4.76 29.90 20.79
C GLY B 275 5.90 29.99 19.80
N LYS B 276 5.57 29.79 18.54
CA LYS B 276 6.55 29.86 17.48
C LYS B 276 6.01 30.87 16.46
N ILE B 277 6.68 32.03 16.34
CA ILE B 277 6.22 33.08 15.41
C ILE B 277 6.74 32.72 14.03
N ASP B 278 5.78 32.44 13.14
CA ASP B 278 6.01 31.96 11.77
C ASP B 278 7.11 32.85 11.11
N VAL B 279 6.87 34.17 11.04
CA VAL B 279 7.84 35.15 10.50
C VAL B 279 7.78 36.45 11.31
N THR B 280 8.95 36.89 11.74
CA THR B 280 9.14 38.21 12.35
C THR B 280 9.62 39.19 11.27
N VAL B 281 8.90 40.29 11.11
CA VAL B 281 9.14 41.27 10.03
C VAL B 281 9.45 42.71 10.45
N GLY B 282 10.33 43.37 9.69
CA GLY B 282 10.51 44.82 9.79
C GLY B 282 9.40 45.52 9.02
N VAL B 283 8.66 46.41 9.68
CA VAL B 283 7.49 47.07 9.06
C VAL B 283 7.61 48.60 9.20
N LYS B 284 7.44 49.34 8.11
CA LYS B 284 7.39 50.79 8.18
C LYS B 284 5.95 51.22 8.03
N ILE B 285 5.40 51.82 9.07
CA ILE B 285 4.06 52.43 9.02
C ILE B 285 4.20 53.89 8.59
N HIS B 286 3.70 54.17 7.38
CA HIS B 286 3.79 55.49 6.77
C HIS B 286 2.52 56.26 7.09
N ARG B 287 2.71 57.51 7.48
CA ARG B 287 1.71 58.32 8.15
C ARG B 287 1.95 59.71 7.55
N ASP B 288 1.05 60.14 6.66
CA ASP B 288 1.28 61.37 5.85
C ASP B 288 2.71 61.39 5.29
N CYS B 289 3.54 62.28 5.84
CA CYS B 289 4.92 62.36 5.41
C CYS B 289 5.94 61.73 6.40
N LYS B 290 5.44 61.34 7.59
CA LYS B 290 6.27 60.72 8.62
C LYS B 290 6.12 59.17 8.59
N MET B 291 7.07 58.47 9.19
CA MET B 291 7.08 57.01 9.18
C MET B 291 7.48 56.47 10.54
N LYS B 292 6.86 55.36 10.95
CA LYS B 292 7.27 54.67 12.17
C LYS B 292 7.63 53.23 11.84
N TYR B 293 8.78 52.75 12.33
CA TYR B 293 9.29 51.40 12.05
C TYR B 293 9.15 50.36 13.20
N LYS B 294 8.40 49.29 12.96
CA LYS B 294 8.01 48.35 14.01
C LYS B 294 8.35 46.91 13.66
N VAL B 295 9.10 46.24 14.54
CA VAL B 295 9.40 44.81 14.39
C VAL B 295 8.17 44.04 14.87
N MET B 296 7.50 43.42 13.92
CA MET B 296 6.17 42.87 14.15
C MET B 296 6.07 41.35 13.87
N PRO B 297 5.11 40.65 14.52
CA PRO B 297 4.97 39.23 14.28
C PRO B 297 3.89 38.91 13.22
N LEU B 298 4.28 38.11 12.24
CA LEU B 298 3.37 37.68 11.16
C LEU B 298 3.11 36.14 11.19
N GLU B 299 1.83 35.76 11.13
CA GLU B 299 1.43 34.36 11.15
C GLU B 299 0.94 33.97 9.74
N LEU B 300 1.53 32.92 9.17
CA LEU B 300 1.04 32.39 7.91
C LEU B 300 -0.01 31.31 8.18
N LYS B 301 -1.06 31.42 7.34
CA LYS B 301 -2.26 30.58 7.38
C LYS B 301 -2.55 30.00 6.00
N THR B 302 -2.76 28.71 5.95
CA THR B 302 -2.89 28.04 4.64
C THR B 302 -4.30 27.66 4.28
N GLY B 303 -5.26 27.95 5.15
CA GLY B 303 -6.63 27.61 4.87
C GLY B 303 -7.44 28.61 4.07
N LYS B 304 -8.74 28.59 4.34
CA LYS B 304 -9.69 29.62 3.93
C LYS B 304 -9.36 30.92 4.64
N GLU B 305 -9.67 32.01 3.95
CA GLU B 305 -9.42 33.37 4.42
C GLU B 305 -10.51 33.68 5.42
N SER B 306 -10.36 33.12 6.62
CA SER B 306 -11.40 33.21 7.63
C SER B 306 -11.32 34.49 8.43
N ASN B 307 -10.11 34.87 8.84
CA ASN B 307 -9.95 35.91 9.83
C ASN B 307 -10.73 35.59 11.09
N SER B 308 -10.83 34.29 11.39
CA SER B 308 -11.48 33.76 12.57
C SER B 308 -10.90 34.30 13.88
N ILE B 309 -11.73 34.28 14.92
CA ILE B 309 -11.29 34.61 16.29
C ILE B 309 -10.05 33.80 16.70
N GLU B 310 -10.08 32.47 16.48
CA GLU B 310 -8.91 31.59 16.68
C GLU B 310 -7.67 32.22 16.11
N HIS B 311 -7.77 32.60 14.83
CA HIS B 311 -6.63 33.06 14.04
C HIS B 311 -6.08 34.35 14.59
N ARG B 312 -6.99 35.26 14.92
CA ARG B 312 -6.65 36.59 15.41
C ARG B 312 -6.02 36.48 16.80
N SER B 313 -6.72 35.73 17.66
CA SER B 313 -6.31 35.41 19.02
C SER B 313 -4.90 34.84 19.09
N GLN B 314 -4.60 33.92 18.18
CA GLN B 314 -3.24 33.40 18.00
C GLN B 314 -2.21 34.52 17.93
N VAL B 315 -2.47 35.47 17.03
CA VAL B 315 -1.58 36.58 16.75
C VAL B 315 -1.48 37.52 17.95
N VAL B 316 -2.62 37.81 18.59
CA VAL B 316 -2.64 38.55 19.87
C VAL B 316 -1.63 37.91 20.84
N LEU B 317 -1.72 36.59 21.00
CA LEU B 317 -0.80 35.89 21.89
C LEU B 317 0.66 36.00 21.43
N TYR B 318 0.88 35.99 20.11
CA TYR B 318 2.23 36.20 19.56
C TYR B 318 2.78 37.56 19.93
N THR B 319 1.89 38.53 20.14
CA THR B 319 2.35 39.88 20.49
C THR B 319 2.92 39.86 21.89
N LEU B 320 2.26 39.06 22.76
CA LEU B 320 2.67 38.89 24.17
C LEU B 320 3.97 38.18 24.27
N LEU B 321 4.07 37.06 23.54
CA LEU B 321 5.33 36.34 23.41
C LEU B 321 6.49 37.28 23.10
N SER B 322 6.25 38.22 22.17
CA SER B 322 7.27 39.14 21.63
C SER B 322 7.96 39.99 22.71
N GLN B 323 7.18 40.32 23.74
CA GLN B 323 7.67 41.10 24.86
C GLN B 323 8.82 40.43 25.61
N GLU B 324 8.86 39.09 25.57
CA GLU B 324 10.00 38.34 26.11
C GLU B 324 11.31 38.65 25.38
N ARG B 325 11.22 39.31 24.24
CA ARG B 325 12.36 39.45 23.33
C ARG B 325 12.67 40.89 22.94
N ARG B 326 11.65 41.72 22.90
CA ARG B 326 11.72 43.07 22.33
C ARG B 326 10.54 43.87 22.86
N GLU B 327 10.38 45.09 22.37
CA GLU B 327 9.28 45.96 22.75
C GLU B 327 7.93 45.39 22.32
N ASP B 328 6.87 45.74 23.05
CA ASP B 328 5.51 45.31 22.75
C ASP B 328 5.13 45.81 21.35
N PRO B 329 5.00 44.89 20.35
CA PRO B 329 4.65 45.31 18.99
C PRO B 329 3.25 45.89 18.83
N GLU B 330 2.38 45.80 19.85
CA GLU B 330 1.01 46.41 19.86
C GLU B 330 -0.02 45.79 18.91
N ALA B 331 0.47 45.23 17.81
CA ALA B 331 -0.33 44.50 16.81
C ALA B 331 0.54 43.48 16.05
N GLY B 332 -0.13 42.62 15.28
CA GLY B 332 0.51 41.64 14.41
C GLY B 332 -0.28 41.41 13.14
N TRP B 333 0.18 40.44 12.35
CA TRP B 333 -0.30 40.22 10.99
C TRP B 333 -0.71 38.78 10.68
N LEU B 334 -1.83 38.63 9.98
CA LEU B 334 -2.31 37.35 9.47
C LEU B 334 -2.19 37.32 7.96
N LEU B 335 -1.37 36.41 7.42
CA LEU B 335 -1.12 36.37 5.98
C LEU B 335 -2.11 35.65 5.05
N TYR B 336 -2.55 34.42 5.29
CA TYR B 336 -3.55 33.80 4.35
C TYR B 336 -2.98 33.69 2.93
N LEU B 337 -1.97 32.83 2.80
CA LEU B 337 -1.23 32.66 1.56
C LEU B 337 -2.07 32.19 0.38
N LYS B 338 -3.21 31.55 0.67
CA LYS B 338 -4.18 31.17 -0.35
C LYS B 338 -4.51 32.33 -1.30
N THR B 339 -4.57 33.55 -0.76
CA THR B 339 -5.04 34.72 -1.49
C THR B 339 -4.01 35.84 -1.56
N GLY B 340 -2.98 35.74 -0.72
CA GLY B 340 -1.97 36.78 -0.63
C GLY B 340 -2.46 37.96 0.17
N GLN B 341 -3.50 37.76 1.00
CA GLN B 341 -4.22 38.81 1.74
C GLN B 341 -3.81 38.99 3.21
N MET B 342 -3.06 40.03 3.55
CA MET B 342 -2.66 40.32 4.93
C MET B 342 -3.71 41.13 5.70
N TYR B 343 -3.94 40.74 6.96
CA TYR B 343 -4.91 41.37 7.85
C TYR B 343 -4.20 41.90 9.09
N PRO B 344 -4.55 43.12 9.54
CA PRO B 344 -3.95 43.53 10.81
C PRO B 344 -4.70 42.93 12.00
N VAL B 345 -3.94 42.60 13.04
CA VAL B 345 -4.51 42.11 14.29
C VAL B 345 -3.92 42.95 15.45
N PRO B 346 -4.75 43.87 16.03
CA PRO B 346 -4.33 44.73 17.12
C PRO B 346 -4.53 44.08 18.46
N ALA B 347 -3.50 44.18 19.30
CA ALA B 347 -3.55 43.72 20.67
C ALA B 347 -4.30 44.70 21.61
N ASN B 348 -5.64 44.65 21.59
CA ASN B 348 -6.47 45.42 22.55
C ASN B 348 -6.25 44.85 23.93
N HIS B 349 -6.43 45.68 24.95
CA HIS B 349 -6.37 45.13 26.29
C HIS B 349 -7.48 44.11 26.56
N LEU B 350 -8.69 44.36 26.05
CA LEU B 350 -9.79 43.41 26.19
C LEU B 350 -9.39 41.99 25.74
N ASP B 351 -8.83 41.88 24.54
CA ASP B 351 -8.33 40.63 23.95
C ASP B 351 -7.25 39.98 24.81
N LYS B 352 -6.15 40.68 25.02
CA LYS B 352 -5.08 40.22 25.89
C LYS B 352 -5.60 39.73 27.25
N ARG B 353 -6.66 40.39 27.74
CA ARG B 353 -7.25 40.01 29.01
C ARG B 353 -8.12 38.75 28.87
N GLU B 354 -9.06 38.79 27.95
CA GLU B 354 -10.01 37.70 27.71
C GLU B 354 -9.31 36.37 27.49
N LEU B 355 -8.26 36.43 26.66
CA LEU B 355 -7.42 35.29 26.33
C LEU B 355 -6.61 34.77 27.52
N LEU B 356 -5.95 35.68 28.26
CA LEU B 356 -5.20 35.27 29.45
C LEU B 356 -6.07 34.68 30.59
N LYS B 357 -7.32 35.17 30.69
CA LYS B 357 -8.35 34.61 31.60
C LYS B 357 -8.71 33.17 31.23
N LEU B 358 -8.96 32.97 29.93
CA LEU B 358 -9.17 31.65 29.32
C LEU B 358 -7.96 30.72 29.43
N ARG B 359 -6.76 31.32 29.37
CA ARG B 359 -5.47 30.60 29.49
C ARG B 359 -5.24 30.02 30.87
N ASN B 360 -5.80 30.68 31.89
CA ASN B 360 -5.76 30.20 33.27
C ASN B 360 -6.53 28.90 33.44
N TRP B 361 -7.82 28.93 33.08
CA TRP B 361 -8.64 27.72 33.00
C TRP B 361 -7.94 26.54 32.28
N LEU B 362 -7.25 26.82 31.17
CA LEU B 362 -6.46 25.78 30.49
C LEU B 362 -5.32 25.23 31.37
N ALA B 363 -4.51 26.11 31.96
CA ALA B 363 -3.43 25.70 32.87
C ALA B 363 -3.97 24.89 34.06
N ALA B 364 -5.12 25.31 34.59
CA ALA B 364 -5.81 24.61 35.68
C ALA B 364 -6.23 23.21 35.23
N SER B 365 -7.06 23.15 34.19
CA SER B 365 -7.45 21.89 33.59
C SER B 365 -6.31 20.89 33.35
N LEU B 366 -5.15 21.40 32.93
CA LEU B 366 -3.99 20.55 32.63
C LEU B 366 -3.24 20.12 33.87
N LEU B 367 -3.52 20.76 35.00
CA LEU B 367 -2.80 20.45 36.25
C LEU B 367 -3.63 19.66 37.27
N HIS B 368 -4.94 19.90 37.28
CA HIS B 368 -5.79 19.27 38.27
C HIS B 368 -6.34 17.98 37.70
N ARG B 369 -5.45 16.98 37.63
CA ARG B 369 -5.72 15.74 36.87
C ARG B 369 -6.12 14.55 37.74
N VAL B 370 -5.55 14.48 38.94
CA VAL B 370 -5.91 13.43 39.93
C VAL B 370 -6.61 13.99 41.18
N SER B 371 -7.76 13.40 41.50
CA SER B 371 -8.58 13.76 42.66
C SER B 371 -8.36 12.83 43.84
N ARG B 372 -8.25 13.43 45.03
CA ARG B 372 -8.21 12.69 46.30
C ARG B 372 -9.58 12.17 46.74
N ALA B 373 -10.59 13.05 46.71
CA ALA B 373 -11.91 12.87 47.36
C ALA B 373 -11.91 13.07 48.90
N ALA B 374 -10.74 12.93 49.52
CA ALA B 374 -10.50 13.19 50.95
C ALA B 374 -8.99 13.30 51.17
N PRO B 375 -8.43 14.55 51.18
CA PRO B 375 -6.98 14.91 51.21
C PRO B 375 -5.99 13.93 51.89
N GLY B 376 -5.68 12.82 51.21
CA GLY B 376 -4.85 11.74 51.76
C GLY B 376 -5.22 10.34 51.27
N GLU B 377 -6.48 10.15 50.87
CA GLU B 377 -7.02 8.87 50.39
C GLU B 377 -6.74 8.57 48.89
N GLU B 378 -6.86 7.31 48.51
CA GLU B 378 -6.56 6.78 47.15
C GLU B 378 -7.11 7.57 45.96
N ALA B 379 -6.34 7.56 44.85
CA ALA B 379 -6.55 8.42 43.67
C ALA B 379 -7.70 8.12 42.66
N ARG B 380 -8.21 9.20 42.08
CA ARG B 380 -9.17 9.19 40.97
C ARG B 380 -8.58 10.08 39.89
N LEU B 381 -8.91 9.82 38.63
CA LEU B 381 -8.67 10.80 37.57
C LEU B 381 -9.75 11.86 37.69
N SER B 382 -9.35 13.13 37.79
CA SER B 382 -10.28 14.28 37.73
C SER B 382 -10.99 14.34 36.37
N ALA B 383 -12.31 14.60 36.37
CA ALA B 383 -13.07 14.78 35.13
C ALA B 383 -12.56 16.00 34.37
N LEU B 384 -12.56 15.91 33.04
CA LEU B 384 -12.12 17.02 32.19
C LEU B 384 -13.19 18.12 32.13
N PRO B 385 -12.81 19.35 31.66
CA PRO B 385 -13.80 20.34 31.19
C PRO B 385 -14.98 19.66 30.49
N GLN B 386 -16.20 20.08 30.81
CA GLN B 386 -17.37 19.35 30.34
C GLN B 386 -17.64 19.46 28.84
N ILE B 387 -18.46 18.55 28.33
CA ILE B 387 -18.80 18.48 26.90
C ILE B 387 -19.75 19.63 26.56
N ILE B 388 -19.35 20.41 25.56
CA ILE B 388 -20.08 21.60 25.10
C ILE B 388 -21.47 21.26 24.55
N GLU B 389 -22.30 22.28 24.35
CA GLU B 389 -23.63 22.13 23.75
C GLU B 389 -23.64 22.56 22.29
N GLU B 390 -22.51 23.11 21.84
CA GLU B 390 -22.34 23.62 20.49
C GLU B 390 -22.12 22.47 19.50
N GLU B 391 -23.21 21.76 19.22
CA GLU B 391 -23.22 20.55 18.39
C GLU B 391 -22.67 20.72 16.95
N LYS B 392 -22.46 21.97 16.54
CA LYS B 392 -21.77 22.26 15.27
C LYS B 392 -20.25 22.12 15.41
N THR B 393 -19.68 22.67 16.49
CA THR B 393 -18.23 22.56 16.80
C THR B 393 -17.82 21.09 16.92
N CYS B 394 -18.57 20.34 17.71
CA CYS B 394 -18.39 18.87 17.87
C CYS B 394 -18.24 18.13 16.55
N LYS B 395 -19.21 18.30 15.64
CA LYS B 395 -19.31 17.52 14.39
C LYS B 395 -17.97 17.15 13.76
N TYR B 396 -17.11 18.15 13.56
CA TYR B 396 -15.78 17.95 12.98
C TYR B 396 -14.70 18.14 14.05
N CYS B 397 -14.52 17.14 14.92
CA CYS B 397 -13.57 17.27 16.03
C CYS B 397 -12.25 16.48 15.94
N SER B 398 -12.34 15.19 15.59
CA SER B 398 -11.20 14.20 15.61
C SER B 398 -10.81 13.78 17.05
N GLN B 399 -11.00 14.74 17.96
CA GLN B 399 -10.82 14.56 19.40
C GLN B 399 -12.07 13.96 20.04
N ILE B 400 -13.20 14.01 19.34
CA ILE B 400 -14.46 13.26 19.65
C ILE B 400 -14.25 11.80 20.06
N GLY B 401 -13.30 11.12 19.40
CA GLY B 401 -12.89 9.76 19.75
C GLY B 401 -12.47 9.65 21.22
N ASN B 402 -11.45 10.42 21.59
CA ASN B 402 -11.00 10.49 22.97
C ASN B 402 -11.99 11.10 23.95
N CYS B 403 -12.80 12.03 23.45
CA CYS B 403 -13.79 12.71 24.26
C CYS B 403 -14.90 11.75 24.68
N ALA B 404 -15.41 10.96 23.73
CA ALA B 404 -16.41 9.92 24.00
C ALA B 404 -15.81 8.82 24.90
N LEU B 405 -14.59 8.42 24.56
CA LEU B 405 -13.84 7.43 25.30
C LEU B 405 -13.53 7.86 26.72
N TYR B 406 -13.08 9.11 26.91
CA TYR B 406 -12.76 9.60 28.27
C TYR B 406 -14.02 9.67 29.12
N SER B 407 -15.08 10.23 28.53
CA SER B 407 -16.42 10.22 29.12
C SER B 407 -16.83 8.82 29.59
N ARG B 408 -16.90 7.81 28.73
CA ARG B 408 -17.42 6.50 29.15
C ARG B 408 -16.53 5.73 30.14
N ALA B 409 -15.21 5.94 30.07
CA ALA B 409 -14.30 5.30 31.02
C ALA B 409 -14.09 6.10 32.33
N VAL B 410 -14.36 7.40 32.31
CA VAL B 410 -14.32 8.25 33.53
C VAL B 410 -15.45 9.34 33.60
N GLU B 411 -16.63 8.97 34.12
CA GLU B 411 -17.80 9.87 34.10
C GLU B 411 -18.69 9.81 35.34
N GLU B 412 -19.91 10.35 35.22
CA GLU B 412 -20.93 10.23 36.24
C GLU B 412 -22.34 10.31 35.63
N ASP B 415 -27.02 8.29 37.91
CA ASP B 415 -28.26 9.08 37.88
C ASP B 415 -28.19 10.31 36.97
N ASP B 416 -27.00 10.93 36.89
CA ASP B 416 -26.81 12.21 36.19
C ASP B 416 -26.50 12.05 34.69
N ALA B 417 -25.36 12.56 34.25
CA ALA B 417 -25.07 13.00 32.87
C ALA B 417 -25.58 14.44 32.65
N SER B 418 -26.86 14.60 32.24
CA SER B 418 -27.46 15.89 31.80
C SER B 418 -26.51 16.69 30.90
N ILE B 419 -25.83 15.94 30.03
CA ILE B 419 -24.86 16.38 29.06
C ILE B 419 -25.62 16.15 27.74
N PRO B 420 -25.59 17.11 26.79
CA PRO B 420 -26.48 17.15 25.60
C PRO B 420 -26.78 15.80 24.95
N GLU B 421 -28.05 15.57 24.63
CA GLU B 421 -28.53 14.25 24.23
C GLU B 421 -28.36 13.92 22.74
N ALA B 422 -27.96 14.91 21.95
CA ALA B 422 -27.48 14.66 20.59
C ALA B 422 -26.05 14.14 20.64
N MET B 423 -25.36 14.46 21.74
CA MET B 423 -23.99 14.00 22.02
C MET B 423 -23.96 12.65 22.77
N LEU B 424 -24.87 12.48 23.73
CA LEU B 424 -25.04 11.23 24.48
C LEU B 424 -25.19 9.98 23.62
N SER B 425 -25.75 10.16 22.42
CA SER B 425 -25.87 9.07 21.46
C SER B 425 -24.58 8.86 20.64
N LYS B 426 -23.93 9.95 20.23
CA LYS B 426 -22.60 9.90 19.55
C LYS B 426 -21.57 9.16 20.43
N ILE B 427 -21.57 9.47 21.72
CA ILE B 427 -20.76 8.78 22.74
C ILE B 427 -20.99 7.27 22.71
N GLN B 428 -22.24 6.85 22.56
CA GLN B 428 -22.54 5.42 22.45
C GLN B 428 -22.14 4.75 21.13
N GLU B 429 -22.42 5.39 19.99
CA GLU B 429 -21.95 4.92 18.67
C GLU B 429 -20.44 4.73 18.70
N GLU B 430 -19.75 5.72 19.25
CA GLU B 430 -18.30 5.73 19.32
C GLU B 430 -17.71 4.66 20.24
N THR B 431 -18.40 4.32 21.32
CA THR B 431 -17.88 3.38 22.34
C THR B 431 -18.75 2.12 22.56
N ARG B 432 -19.54 1.73 21.56
CA ARG B 432 -20.38 0.52 21.64
C ARG B 432 -19.60 -0.78 21.45
N HIS B 433 -18.43 -0.67 20.83
CA HIS B 433 -17.58 -1.81 20.53
C HIS B 433 -16.82 -2.30 21.77
N LEU B 434 -16.72 -1.42 22.78
CA LEU B 434 -15.89 -1.65 23.97
C LEU B 434 -16.63 -2.33 25.08
N GLN B 435 -15.94 -3.22 25.80
CA GLN B 435 -16.48 -3.89 26.97
C GLN B 435 -16.02 -3.20 28.24
N LEU B 436 -16.69 -3.55 29.35
CA LEU B 436 -16.38 -2.99 30.63
C LEU B 436 -14.93 -3.20 31.04
N ALA B 437 -14.41 -4.41 30.85
CA ALA B 437 -13.01 -4.73 31.12
C ALA B 437 -12.10 -3.73 30.41
N HIS B 438 -12.37 -3.53 29.12
CA HIS B 438 -11.65 -2.59 28.28
C HIS B 438 -11.66 -1.18 28.82
N LEU B 439 -12.83 -0.71 29.25
CA LEU B 439 -12.94 0.65 29.78
C LEU B 439 -12.17 0.78 31.07
N LYS B 440 -12.41 -0.19 31.95
CA LYS B 440 -11.72 -0.26 33.23
C LYS B 440 -10.22 -0.20 33.01
N TYR B 441 -9.71 -1.08 32.14
CA TYR B 441 -8.28 -1.11 31.74
C TYR B 441 -7.75 0.27 31.33
N PHE B 442 -8.45 0.92 30.37
CA PHE B 442 -8.08 2.25 29.84
C PHE B 442 -8.01 3.24 30.98
N SER B 443 -9.10 3.31 31.74
CA SER B 443 -9.21 4.21 32.86
C SER B 443 -8.03 4.04 33.84
N LEU B 444 -7.74 2.82 34.27
CA LEU B 444 -6.66 2.59 35.22
C LEU B 444 -5.31 2.99 34.67
N TRP B 445 -5.03 2.53 33.46
CA TRP B 445 -3.74 2.85 32.85
C TRP B 445 -3.45 4.35 32.69
N CYS B 446 -4.50 5.15 32.43
CA CYS B 446 -4.38 6.60 32.43
C CYS B 446 -4.07 7.08 33.82
N LEU B 447 -4.84 6.59 34.78
CA LEU B 447 -4.67 7.03 36.15
C LEU B 447 -3.22 6.83 36.50
N MET B 448 -2.72 5.61 36.36
CA MET B 448 -1.34 5.31 36.75
C MET B 448 -0.35 6.24 36.04
N LEU B 449 -0.56 6.41 34.73
CA LEU B 449 0.33 7.19 33.90
C LEU B 449 0.39 8.65 34.33
N THR B 450 -0.79 9.22 34.63
CA THR B 450 -0.94 10.61 35.12
C THR B 450 -0.11 10.83 36.39
N LEU B 451 -0.31 9.93 37.37
CA LEU B 451 0.38 9.97 38.65
C LEU B 451 1.88 9.95 38.44
N GLU B 452 2.31 9.01 37.58
CA GLU B 452 3.70 8.87 37.19
C GLU B 452 4.25 10.13 36.52
N SER B 453 3.47 10.64 35.57
CA SER B 453 3.79 11.90 34.90
C SER B 453 3.89 13.06 35.88
N GLN B 454 2.92 13.16 36.79
CA GLN B 454 2.86 14.25 37.76
C GLN B 454 3.83 14.13 38.92
N SER B 455 4.59 13.04 38.99
CA SER B 455 5.56 12.85 40.08
C SER B 455 6.53 14.01 40.20
N LYS B 456 6.86 14.37 41.44
CA LYS B 456 7.59 15.60 41.81
C LYS B 456 8.91 15.77 41.03
N ASP B 457 9.56 14.64 40.70
CA ASP B 457 10.88 14.58 40.04
C ASP B 457 10.88 15.15 38.62
N ASN B 458 9.85 14.79 37.86
CA ASN B 458 9.68 15.29 36.50
C ASN B 458 8.74 16.51 36.43
N ARG B 459 8.79 17.35 37.46
CA ARG B 459 7.97 18.56 37.57
C ARG B 459 8.78 19.85 37.83
N LYS B 460 10.07 19.79 37.53
CA LYS B 460 10.98 20.93 37.71
C LYS B 460 10.70 22.07 36.72
N THR B 461 10.75 23.29 37.23
CA THR B 461 10.52 24.53 36.46
C THR B 461 11.82 25.06 35.83
N HIS B 462 11.67 25.96 34.86
CA HIS B 462 12.80 26.57 34.14
C HIS B 462 13.42 27.79 34.86
N GLN B 463 13.02 28.03 36.13
CA GLN B 463 13.44 29.22 36.90
C GLN B 463 14.96 29.38 37.07
N SER B 464 15.66 28.26 37.26
CA SER B 464 17.12 28.21 37.27
C SER B 464 17.75 28.93 36.06
N ILE B 465 17.22 28.62 34.87
CA ILE B 465 17.69 29.19 33.59
C ILE B 465 17.50 30.70 33.52
N TRP B 466 16.33 31.20 33.93
CA TRP B 466 16.04 32.63 33.82
C TRP B 466 16.15 33.50 35.07
N LEU B 467 16.28 32.93 36.26
CA LEU B 467 16.41 33.75 37.49
C LEU B 467 17.79 33.87 38.09
N THR B 468 18.47 32.74 38.27
CA THR B 468 19.85 32.77 38.76
C THR B 468 20.80 32.75 37.56
N PRO B 469 21.84 33.61 37.58
CA PRO B 469 22.76 33.66 36.43
C PRO B 469 23.77 32.49 36.37
N ALA B 470 24.65 32.57 35.37
CA ALA B 470 25.51 31.48 34.90
C ALA B 470 26.34 30.72 35.95
N SER B 471 27.19 31.45 36.69
CA SER B 471 28.17 30.88 37.64
C SER B 471 27.57 29.97 38.72
N GLU B 472 26.62 30.51 39.48
CA GLU B 472 25.99 29.83 40.62
C GLU B 472 25.47 28.42 40.29
N LEU B 473 25.17 28.19 39.01
CA LEU B 473 24.62 26.91 38.54
C LEU B 473 25.63 25.96 37.85
N GLU B 474 26.78 26.48 37.39
CA GLU B 474 27.77 25.63 36.70
C GLU B 474 28.51 24.65 37.63
N GLU B 475 28.63 25.04 38.89
CA GLU B 475 29.34 24.27 39.92
C GLU B 475 28.81 22.84 40.15
N SER B 476 27.62 22.56 39.61
CA SER B 476 26.99 21.25 39.66
C SER B 476 26.05 21.13 38.46
N GLY B 477 25.15 20.15 38.51
CA GLY B 477 24.12 19.88 37.48
C GLY B 477 24.64 20.16 36.08
N ASN B 478 23.90 20.98 35.34
CA ASN B 478 24.45 21.58 34.13
C ASN B 478 23.95 22.98 33.86
N CYS B 479 24.85 23.95 34.05
CA CYS B 479 24.74 25.28 33.44
C CYS B 479 26.10 25.81 33.03
N VAL B 480 26.63 25.25 31.93
CA VAL B 480 27.78 25.82 31.24
C VAL B 480 27.31 27.11 30.58
N GLY B 481 27.94 28.24 30.90
CA GLY B 481 27.51 29.53 30.34
C GLY B 481 28.30 30.81 30.53
N ASN B 482 29.25 31.04 29.64
CA ASN B 482 29.84 32.37 29.41
C ASN B 482 30.44 32.34 28.01
N LEU B 483 29.66 31.76 27.09
CA LEU B 483 30.20 31.28 25.81
C LEU B 483 29.79 32.15 24.63
N VAL B 484 30.69 32.26 23.64
CA VAL B 484 30.39 32.97 22.37
C VAL B 484 30.61 32.00 21.21
N ARG B 485 29.93 32.25 20.09
CA ARG B 485 30.16 31.56 18.82
C ARG B 485 30.70 32.54 17.77
N THR B 486 31.51 32.04 16.84
CA THR B 486 31.95 32.79 15.64
C THR B 486 32.04 31.88 14.40
N GLU B 487 32.38 30.61 14.64
CA GLU B 487 32.50 29.58 13.61
C GLU B 487 31.20 29.48 12.81
N PRO B 488 31.29 29.52 11.45
CA PRO B 488 30.09 29.47 10.62
C PRO B 488 29.18 28.29 10.96
N VAL B 489 27.87 28.55 11.06
CA VAL B 489 26.88 27.53 11.40
C VAL B 489 26.64 26.61 10.19
N SER B 490 26.88 25.32 10.35
CA SER B 490 26.57 24.34 9.30
C SER B 490 25.16 23.76 9.43
N ARG B 491 24.67 23.14 8.36
CA ARG B 491 23.24 22.88 8.16
C ARG B 491 22.71 21.46 8.46
N VAL B 492 23.48 20.43 8.10
CA VAL B 492 23.07 18.98 8.16
C VAL B 492 21.75 18.63 7.42
N CYS B 493 20.59 18.99 7.98
CA CYS B 493 19.29 19.04 7.26
C CYS B 493 18.23 19.84 8.04
N ASP B 494 17.53 20.72 7.31
CA ASP B 494 16.51 21.64 7.87
C ASP B 494 16.81 22.22 9.27
N GLY B 495 16.15 21.71 10.31
CA GLY B 495 16.22 22.25 11.67
C GLY B 495 17.14 21.46 12.57
N GLN B 496 18.37 21.24 12.09
CA GLN B 496 19.44 20.64 12.89
C GLN B 496 20.80 21.31 12.57
N TYR B 497 20.95 22.53 13.06
CA TYR B 497 22.12 23.37 12.79
C TYR B 497 23.26 23.13 13.78
N LEU B 498 24.47 22.93 13.25
CA LEU B 498 25.67 22.71 14.05
C LEU B 498 26.34 24.04 14.43
N HIS B 499 26.58 24.18 15.73
CA HIS B 499 27.16 25.39 16.31
C HIS B 499 28.41 25.03 17.11
N ASN B 500 29.20 26.05 17.48
CA ASN B 500 30.42 25.89 18.25
C ASN B 500 30.62 27.05 19.22
N PHE B 501 30.80 26.73 20.49
CA PHE B 501 30.85 27.72 21.59
C PHE B 501 32.14 27.59 22.43
N GLN B 502 32.58 28.72 23.01
CA GLN B 502 33.64 28.74 24.05
C GLN B 502 33.56 30.00 24.88
N ARG B 503 34.29 30.01 26.01
CA ARG B 503 34.26 31.15 26.95
C ARG B 503 34.95 32.43 26.46
N LYS B 504 34.45 33.55 26.99
CA LYS B 504 35.15 34.82 26.93
C LYS B 504 36.51 34.69 27.62
N ASN B 505 37.49 35.38 27.06
CA ASN B 505 38.88 35.46 27.57
C ASN B 505 39.72 34.18 27.53
N GLY B 506 39.39 33.17 28.35
CA GLY B 506 40.30 32.06 28.58
C GLY B 506 39.74 30.68 28.90
N PRO B 507 39.69 30.34 30.21
CA PRO B 507 39.72 28.93 30.64
C PRO B 507 38.34 28.27 30.63
N MET B 508 38.17 27.30 31.53
CA MET B 508 36.90 27.02 32.26
C MET B 508 36.17 25.68 32.06
N PRO B 509 35.32 25.29 33.06
CA PRO B 509 35.29 23.89 33.52
C PRO B 509 34.50 22.90 32.68
N ALA B 510 34.11 21.82 33.34
CA ALA B 510 33.00 20.95 32.96
C ALA B 510 32.36 20.53 34.29
N THR B 511 31.20 19.87 34.19
CA THR B 511 30.69 19.00 35.24
C THR B 511 29.82 17.96 34.53
N ASN B 512 28.52 17.96 34.83
CA ASN B 512 27.60 16.93 34.40
C ASN B 512 26.96 17.37 33.10
N LEU B 513 27.68 17.14 32.00
CA LEU B 513 27.37 17.75 30.70
C LEU B 513 27.81 16.90 29.52
N MET B 514 27.50 15.61 29.58
CA MET B 514 28.10 14.62 28.68
C MET B 514 27.55 14.69 27.26
N ALA B 515 28.48 14.71 26.29
CA ALA B 515 28.19 14.83 24.85
C ALA B 515 27.14 13.80 24.33
N GLY B 516 25.92 14.27 24.15
CA GLY B 516 24.76 13.44 23.82
C GLY B 516 23.52 13.97 24.52
N ASP B 517 23.74 14.69 25.62
CA ASP B 517 22.68 15.29 26.48
C ASP B 517 21.70 16.21 25.74
N ARG B 518 20.43 16.17 26.17
CA ARG B 518 19.43 17.16 25.78
C ARG B 518 19.72 18.46 26.52
N ILE B 519 19.94 19.50 25.73
CA ILE B 519 20.37 20.82 26.22
C ILE B 519 19.57 21.97 25.60
N ILE B 520 19.37 23.02 26.39
CA ILE B 520 18.64 24.22 25.97
C ILE B 520 19.60 25.40 25.94
N LEU B 521 19.72 26.07 24.79
CA LEU B 521 20.65 27.21 24.61
C LEU B 521 20.01 28.60 24.65
N SER B 522 20.07 29.22 25.82
CA SER B 522 19.70 30.62 25.99
C SER B 522 20.92 31.51 25.82
N GLY B 523 20.68 32.81 25.79
CA GLY B 523 21.73 33.80 25.88
C GLY B 523 21.85 34.34 27.29
N GLU B 524 23.03 34.88 27.59
CA GLU B 524 23.30 35.84 28.67
C GLU B 524 22.08 36.43 29.40
N GLU B 525 21.43 37.41 28.76
CA GLU B 525 20.40 38.21 29.39
C GLU B 525 19.10 37.48 29.32
N ARG B 526 18.19 37.86 30.23
CA ARG B 526 16.87 37.29 30.32
C ARG B 526 16.04 37.48 29.06
N LYS B 527 16.35 38.53 28.31
CA LYS B 527 15.71 38.85 27.03
C LYS B 527 16.03 37.85 25.89
N LEU B 528 17.06 37.02 26.08
CA LEU B 528 17.42 35.97 25.12
C LEU B 528 17.33 34.54 25.74
N PHE B 529 16.24 34.31 26.46
CA PHE B 529 15.92 33.03 27.09
C PHE B 529 15.08 32.17 26.13
N ALA B 530 15.36 30.86 26.12
CA ALA B 530 14.89 29.88 25.12
C ALA B 530 15.79 29.92 23.90
N LEU B 531 15.35 30.58 22.83
CA LEU B 531 16.06 30.59 21.53
C LEU B 531 15.98 29.24 20.86
N SER B 532 17.02 28.44 21.04
CA SER B 532 17.09 27.12 20.44
C SER B 532 17.33 26.05 21.49
N LYS B 533 16.74 24.86 21.28
CA LYS B 533 17.04 23.65 22.06
C LYS B 533 17.78 22.61 21.18
N GLY B 534 18.35 21.58 21.79
CA GLY B 534 19.06 20.53 21.05
C GLY B 534 19.89 19.56 21.86
N TYR B 535 20.89 18.96 21.22
CA TYR B 535 21.80 18.02 21.86
C TYR B 535 23.27 18.32 21.51
N VAL B 536 24.17 17.82 22.36
CA VAL B 536 25.64 17.99 22.22
C VAL B 536 26.25 17.00 21.21
N LYS B 537 27.18 17.49 20.38
CA LYS B 537 27.94 16.63 19.47
C LYS B 537 29.23 16.14 20.14
N LYS B 538 30.21 17.03 20.31
CA LYS B 538 31.44 16.72 21.04
C LYS B 538 31.68 17.63 22.25
N MET B 539 32.78 17.37 22.95
CA MET B 539 33.11 18.08 24.17
C MET B 539 34.63 18.17 24.41
N ASN B 540 35.26 19.23 23.88
CA ASN B 540 36.59 19.66 24.33
C ASN B 540 36.45 20.39 25.67
N LYS B 541 37.57 20.66 26.35
CA LYS B 541 37.57 21.62 27.46
C LYS B 541 38.19 22.95 27.01
N ALA B 542 38.37 23.04 25.70
CA ALA B 542 38.64 24.27 24.96
C ALA B 542 37.35 24.82 24.31
N ALA B 543 36.56 23.94 23.70
CA ALA B 543 35.32 24.32 22.98
C ALA B 543 34.14 23.33 23.18
N VAL B 544 32.93 23.71 22.74
CA VAL B 544 31.74 22.82 22.76
C VAL B 544 30.84 22.91 21.52
N THR B 545 30.81 21.83 20.74
CA THR B 545 29.88 21.74 19.59
C THR B 545 28.58 21.07 20.01
N CYS B 546 27.45 21.68 19.62
CA CYS B 546 26.11 21.07 19.74
C CYS B 546 25.23 21.31 18.51
N LEU B 547 24.31 20.38 18.24
CA LEU B 547 23.33 20.52 17.16
C LEU B 547 22.00 21.01 17.70
N LEU B 548 21.45 22.02 17.03
CA LEU B 548 20.26 22.76 17.48
C LEU B 548 19.25 22.89 16.36
N ASP B 549 18.03 23.32 16.69
CA ASP B 549 17.00 23.47 15.67
C ASP B 549 17.04 24.82 14.95
N ARG B 550 17.69 25.81 15.58
CA ARG B 550 17.75 27.17 15.01
C ARG B 550 19.13 27.55 14.56
N ASN B 551 19.18 28.23 13.42
CA ASN B 551 20.36 28.97 12.98
C ASN B 551 20.42 30.29 13.75
N LEU B 552 21.60 30.57 14.26
CA LEU B 552 21.76 31.71 15.14
C LEU B 552 22.89 32.59 14.64
N SER B 553 22.53 33.53 13.77
CA SER B 553 23.45 34.53 13.29
C SER B 553 23.15 35.91 13.93
N THR B 554 21.88 36.30 13.85
CA THR B 554 21.33 37.65 14.14
C THR B 554 22.18 38.66 14.97
N LEU B 555 22.69 38.27 16.15
CA LEU B 555 23.64 39.15 16.90
C LEU B 555 24.95 38.47 17.31
N PRO B 556 26.00 38.58 16.47
CA PRO B 556 27.26 37.89 16.77
C PRO B 556 28.07 38.56 17.90
N ALA B 557 29.24 37.98 18.19
CA ALA B 557 30.28 38.56 19.04
C ALA B 557 29.86 39.06 20.42
N THR B 558 29.04 40.14 20.46
CA THR B 558 28.49 40.76 21.70
C THR B 558 27.77 39.75 22.59
N THR B 559 27.32 38.65 22.00
CA THR B 559 26.43 37.72 22.65
C THR B 559 27.14 36.61 23.42
N VAL B 560 26.81 36.54 24.70
CA VAL B 560 27.18 35.46 25.64
C VAL B 560 25.99 34.49 25.71
N PHE B 561 26.27 33.18 25.79
CA PHE B 561 25.23 32.16 25.75
C PHE B 561 25.33 31.17 26.90
N ARG B 562 24.22 30.87 27.56
CA ARG B 562 24.15 29.77 28.55
C ARG B 562 23.45 28.50 28.02
N LEU B 563 24.13 27.36 28.20
CA LEU B 563 23.59 26.02 27.95
C LEU B 563 23.04 25.43 29.26
N ASP B 564 21.94 24.67 29.18
CA ASP B 564 21.27 24.07 30.37
C ASP B 564 20.79 22.62 30.13
N ARG B 565 20.33 21.97 31.21
CA ARG B 565 19.88 20.56 31.21
C ARG B 565 18.54 20.36 30.46
N GLU B 566 17.52 19.84 31.18
CA GLU B 566 16.08 19.80 30.80
C GLU B 566 15.19 18.96 31.74
N GLU B 567 14.15 18.31 31.19
CA GLU B 567 13.22 17.35 31.84
C GLU B 567 11.80 17.16 31.22
N ARG B 568 11.66 16.10 30.41
CA ARG B 568 10.34 15.61 30.03
C ARG B 568 9.70 14.75 31.15
N HIS B 569 8.70 13.93 30.77
CA HIS B 569 7.67 13.31 31.63
C HIS B 569 6.41 13.27 30.77
N GLY B 570 6.27 14.31 29.94
CA GLY B 570 5.39 14.33 28.77
C GLY B 570 5.88 13.30 27.77
N ASP B 571 6.80 12.48 28.24
CA ASP B 571 6.95 11.14 27.73
C ASP B 571 5.54 10.55 27.59
N ILE B 572 4.66 10.78 28.59
CA ILE B 572 3.39 10.03 28.66
C ILE B 572 2.50 10.12 27.42
N SER B 573 2.86 11.00 26.48
CA SER B 573 2.19 11.08 25.18
C SER B 573 2.15 9.74 24.43
N THR B 574 3.31 9.11 24.22
CA THR B 574 3.35 7.80 23.52
C THR B 574 2.53 6.70 24.22
N PRO B 575 2.70 6.49 25.56
CA PRO B 575 1.82 5.54 26.22
C PRO B 575 0.32 5.89 26.05
N LEU B 576 -0.02 7.18 26.20
CA LEU B 576 -1.43 7.60 26.10
C LEU B 576 -1.93 7.32 24.72
N GLY B 577 -1.07 7.59 23.73
CA GLY B 577 -1.34 7.28 22.34
C GLY B 577 -1.74 5.82 22.17
N ASN B 578 -0.84 4.94 22.61
CA ASN B 578 -1.04 3.50 22.46
C ASN B 578 -2.37 3.11 23.12
N LEU B 579 -2.64 3.68 24.31
CA LEU B 579 -3.90 3.45 25.02
C LEU B 579 -5.14 3.86 24.26
N SER B 580 -5.03 5.03 23.65
CA SER B 580 -6.06 5.54 22.80
C SER B 580 -6.28 4.62 21.56
N LYS B 581 -5.17 4.21 20.93
CA LYS B 581 -5.24 3.31 19.81
C LYS B 581 -5.90 2.01 20.24
N LEU B 582 -5.54 1.49 21.42
CA LEU B 582 -6.16 0.25 21.91
C LEU B 582 -7.69 0.32 21.91
N MET B 583 -8.22 1.49 22.30
CA MET B 583 -9.65 1.68 22.42
C MET B 583 -10.34 1.95 21.11
N GLU B 584 -9.61 2.24 20.01
CA GLU B 584 -10.23 2.37 18.65
C GLU B 584 -11.00 1.12 18.26
N SER B 585 -12.06 1.24 17.50
CA SER B 585 -12.72 0.04 17.00
C SER B 585 -12.20 -0.29 15.62
N THR B 586 -11.06 -0.95 15.62
CA THR B 586 -10.46 -1.49 14.43
C THR B 586 -10.27 -2.94 14.77
N ASP B 587 -10.14 -3.79 13.76
CA ASP B 587 -9.94 -5.21 14.02
C ASP B 587 -8.64 -5.47 14.79
N PRO B 588 -7.50 -4.87 14.39
CA PRO B 588 -6.31 -5.04 15.25
C PRO B 588 -6.49 -4.66 16.76
N SER B 589 -7.15 -3.53 17.03
CA SER B 589 -7.42 -3.12 18.39
C SER B 589 -8.35 -4.06 19.15
N LYS B 590 -9.29 -4.67 18.44
CA LYS B 590 -10.15 -5.68 19.06
C LYS B 590 -9.24 -6.84 19.53
N ARG B 591 -8.41 -7.31 18.59
CA ARG B 591 -7.56 -8.48 18.77
C ARG B 591 -6.67 -8.26 19.98
N LEU B 592 -6.11 -7.07 20.09
CA LEU B 592 -5.23 -6.76 21.23
C LEU B 592 -6.00 -6.64 22.55
N ARG B 593 -7.19 -6.02 22.52
CA ARG B 593 -8.05 -5.91 23.68
C ARG B 593 -8.37 -7.28 24.27
N GLU B 594 -8.67 -8.23 23.39
CA GLU B 594 -9.02 -9.57 23.81
C GLU B 594 -7.84 -10.35 24.33
N LEU B 595 -6.70 -10.26 23.66
CA LEU B 595 -5.50 -10.92 24.12
C LEU B 595 -4.91 -10.28 25.38
N ILE B 596 -4.86 -8.94 25.41
CA ILE B 596 -4.29 -8.25 26.59
C ILE B 596 -5.30 -7.97 27.71
N ILE B 597 -6.37 -7.22 27.45
CA ILE B 597 -7.33 -6.86 28.52
C ILE B 597 -8.10 -8.10 29.01
N ASP B 598 -8.58 -8.90 28.07
CA ASP B 598 -9.52 -9.97 28.37
C ASP B 598 -8.83 -11.31 28.59
N PHE B 599 -7.50 -11.30 28.50
CA PHE B 599 -6.66 -12.50 28.68
C PHE B 599 -7.05 -13.72 27.85
N ARG B 600 -7.69 -13.49 26.70
CA ARG B 600 -7.99 -14.58 25.75
C ARG B 600 -6.78 -15.49 25.51
N GLU B 601 -7.04 -16.79 25.55
CA GLU B 601 -5.97 -17.78 25.59
C GLU B 601 -5.28 -17.84 24.23
N PRO B 602 -3.95 -17.67 24.20
CA PRO B 602 -3.30 -17.76 22.91
C PRO B 602 -3.34 -19.18 22.38
N GLN B 603 -3.50 -19.29 21.07
CA GLN B 603 -3.56 -20.56 20.38
C GLN B 603 -2.23 -20.96 19.76
N PHE B 604 -1.95 -22.26 19.82
CA PHE B 604 -0.86 -22.92 19.05
C PHE B 604 -1.36 -24.15 18.30
N ILE B 605 -1.01 -24.26 17.02
CA ILE B 605 -1.38 -25.46 16.28
C ILE B 605 -0.37 -26.60 16.54
N ALA B 606 -0.80 -27.84 16.29
CA ALA B 606 0.09 -29.00 16.38
C ALA B 606 0.90 -29.13 15.11
N TYR B 607 2.17 -29.50 15.24
CA TYR B 607 3.12 -29.51 14.11
C TYR B 607 2.70 -30.40 12.95
N LEU B 608 2.82 -29.88 11.74
CA LEU B 608 2.54 -30.68 10.53
C LEU B 608 3.67 -30.49 9.53
N SER B 609 3.79 -31.39 8.57
CA SER B 609 4.93 -31.38 7.65
C SER B 609 5.13 -30.02 6.96
N SER B 610 4.00 -29.42 6.58
CA SER B 610 4.01 -28.21 5.80
C SER B 610 3.54 -26.99 6.60
N VAL B 611 4.02 -26.86 7.84
CA VAL B 611 3.83 -25.61 8.59
C VAL B 611 4.76 -24.54 8.04
N LEU B 612 5.77 -24.95 7.32
CA LEU B 612 6.70 -24.02 6.69
C LEU B 612 6.69 -24.28 5.18
N PRO B 613 6.85 -23.22 4.39
CA PRO B 613 7.04 -23.40 2.97
C PRO B 613 8.13 -24.44 2.69
N HIS B 614 7.83 -25.43 1.84
CA HIS B 614 8.76 -26.50 1.55
C HIS B 614 10.18 -26.02 1.35
N ASP B 615 10.34 -24.98 0.54
CA ASP B 615 11.68 -24.46 0.29
C ASP B 615 12.45 -23.91 1.46
N ALA B 616 11.77 -23.54 2.55
CA ALA B 616 12.43 -22.99 3.74
C ALA B 616 13.15 -24.06 4.60
N LYS B 617 12.75 -25.32 4.42
CA LYS B 617 12.95 -26.39 5.39
C LYS B 617 14.37 -26.80 5.63
N ASP B 618 15.17 -26.91 4.57
CA ASP B 618 16.59 -27.19 4.72
C ASP B 618 17.27 -26.08 5.50
N THR B 619 16.99 -24.84 5.11
CA THR B 619 17.57 -23.65 5.74
C THR B 619 17.21 -23.57 7.21
N VAL B 620 15.94 -23.84 7.50
CA VAL B 620 15.43 -23.86 8.88
C VAL B 620 16.06 -24.95 9.72
N ALA B 621 16.17 -26.16 9.17
CA ALA B 621 16.84 -27.25 9.87
C ALA B 621 18.32 -26.91 10.16
N ASN B 622 19.03 -26.31 9.20
CA ASN B 622 20.40 -25.87 9.46
C ASN B 622 20.51 -24.89 10.61
N ILE B 623 19.62 -23.90 10.62
CA ILE B 623 19.59 -22.90 11.67
C ILE B 623 19.33 -23.55 13.04
N LEU B 624 18.29 -24.39 13.09
CA LEU B 624 17.93 -25.17 14.27
C LEU B 624 19.10 -25.92 14.82
N LYS B 625 19.87 -26.57 13.93
CA LYS B 625 21.00 -27.44 14.32
C LYS B 625 22.05 -26.67 15.11
N GLY B 626 22.14 -25.37 14.88
CA GLY B 626 22.99 -24.50 15.69
C GLY B 626 22.58 -24.32 17.14
N LEU B 627 21.34 -24.63 17.49
CA LEU B 627 20.76 -24.16 18.75
C LEU B 627 20.55 -25.23 19.82
N ASN B 628 20.81 -24.89 21.10
CA ASN B 628 20.50 -25.77 22.25
C ASN B 628 19.03 -26.10 22.29
N LYS B 629 18.64 -27.15 23.02
CA LYS B 629 17.25 -27.67 22.90
C LYS B 629 16.11 -26.67 23.28
N PRO B 630 16.18 -25.99 24.46
CA PRO B 630 15.11 -25.02 24.74
C PRO B 630 15.00 -23.87 23.73
N GLN B 631 16.13 -23.44 23.16
CA GLN B 631 16.13 -22.51 22.04
C GLN B 631 15.29 -23.07 20.92
N ARG B 632 15.55 -24.33 20.55
CA ARG B 632 14.81 -24.98 19.45
C ARG B 632 13.34 -24.97 19.76
N GLN B 633 13.01 -25.39 20.98
CA GLN B 633 11.64 -25.36 21.50
C GLN B 633 11.01 -23.97 21.35
N ALA B 634 11.80 -22.92 21.56
CA ALA B 634 11.34 -21.54 21.43
C ALA B 634 10.94 -21.24 20.01
N MET B 635 11.80 -21.65 19.08
CA MET B 635 11.58 -21.45 17.67
C MET B 635 10.32 -22.18 17.23
N LYS B 636 10.14 -23.38 17.79
CA LYS B 636 8.96 -24.20 17.51
C LYS B 636 7.70 -23.43 17.92
N ARG B 637 7.72 -22.86 19.12
CA ARG B 637 6.52 -22.23 19.68
C ARG B 637 6.07 -21.07 18.84
N VAL B 638 7.03 -20.29 18.39
CA VAL B 638 6.79 -19.18 17.51
C VAL B 638 6.17 -19.72 16.24
N LEU B 639 6.77 -20.77 15.65
CA LEU B 639 6.27 -21.32 14.37
C LEU B 639 4.86 -21.92 14.46
N LEU B 640 4.56 -22.50 15.62
CA LEU B 640 3.24 -23.06 15.85
C LEU B 640 2.24 -22.05 16.43
N SER B 641 2.68 -20.79 16.65
CA SER B 641 1.82 -19.77 17.26
C SER B 641 0.77 -19.23 16.32
N LYS B 642 -0.39 -18.93 16.89
CA LYS B 642 -1.47 -18.23 16.19
C LYS B 642 -1.65 -16.80 16.73
N ASP B 643 -1.27 -16.58 18.00
CA ASP B 643 -1.41 -15.29 18.62
C ASP B 643 -0.06 -14.69 19.06
N TYR B 644 0.54 -15.24 20.11
CA TYR B 644 1.85 -14.78 20.61
C TYR B 644 2.63 -15.87 21.35
N THR B 645 3.91 -15.57 21.58
CA THR B 645 4.87 -16.44 22.25
C THR B 645 5.68 -15.58 23.24
N LEU B 646 5.94 -16.15 24.41
CA LEU B 646 6.80 -15.51 25.41
C LEU B 646 8.06 -16.34 25.59
N ILE B 647 9.17 -15.79 25.09
CA ILE B 647 10.50 -16.34 25.36
C ILE B 647 11.07 -15.74 26.65
N VAL B 648 11.27 -16.62 27.63
CA VAL B 648 11.95 -16.29 28.88
C VAL B 648 13.47 -16.44 28.72
N GLY B 649 14.17 -15.32 28.73
CA GLY B 649 15.59 -15.33 28.46
C GLY B 649 16.27 -15.22 29.78
N MET B 650 16.33 -16.33 30.50
CA MET B 650 17.09 -16.39 31.76
C MET B 650 18.56 -15.97 31.55
N PRO B 651 19.27 -15.55 32.63
CA PRO B 651 20.53 -14.88 32.33
C PRO B 651 21.57 -15.81 31.67
N GLY B 652 22.46 -15.22 30.88
CA GLY B 652 23.48 -15.94 30.12
C GLY B 652 22.97 -16.89 29.06
N THR B 653 21.67 -16.90 28.79
CA THR B 653 21.11 -17.88 27.85
C THR B 653 21.18 -17.49 26.36
N GLY B 654 21.59 -16.27 26.07
CA GLY B 654 21.86 -15.88 24.70
C GLY B 654 20.63 -15.46 23.95
N LYS B 655 19.86 -14.54 24.56
CA LYS B 655 18.67 -13.95 23.95
C LYS B 655 18.99 -13.21 22.64
N THR B 656 20.12 -12.49 22.59
CA THR B 656 20.63 -11.96 21.32
C THR B 656 20.85 -13.02 20.24
N THR B 657 21.57 -14.10 20.58
CA THR B 657 21.81 -15.23 19.66
C THR B 657 20.50 -15.86 19.21
N THR B 658 19.57 -16.02 20.15
CA THR B 658 18.23 -16.57 19.92
C THR B 658 17.34 -15.71 19.01
N ILE B 659 17.27 -14.41 19.30
CA ILE B 659 16.45 -13.52 18.50
C ILE B 659 16.94 -13.52 17.06
N CYS B 660 18.27 -13.43 16.90
CA CYS B 660 18.88 -13.52 15.57
C CYS B 660 18.38 -14.76 14.80
N ALA B 661 18.49 -15.92 15.46
CA ALA B 661 18.02 -17.22 14.97
C ALA B 661 16.55 -17.22 14.49
N LEU B 662 15.65 -16.76 15.37
CA LEU B 662 14.24 -16.59 15.05
C LEU B 662 14.08 -15.78 13.79
N VAL B 663 14.76 -14.63 13.75
CA VAL B 663 14.62 -13.70 12.63
C VAL B 663 15.09 -14.38 11.38
N ARG B 664 16.22 -15.06 11.46
CA ARG B 664 16.69 -15.87 10.35
C ARG B 664 15.66 -16.92 9.86
N ILE B 665 15.00 -17.61 10.81
CA ILE B 665 13.98 -18.62 10.50
C ILE B 665 12.71 -17.98 9.90
N LEU B 666 12.17 -16.98 10.57
CA LEU B 666 11.02 -16.25 10.04
C LEU B 666 11.30 -15.70 8.64
N SER B 667 12.50 -15.15 8.45
CA SER B 667 12.95 -14.67 7.17
C SER B 667 12.93 -15.74 6.09
N ALA B 668 13.62 -16.86 6.33
CA ALA B 668 13.58 -18.05 5.46
C ALA B 668 12.20 -18.53 5.13
N CYS B 669 11.28 -18.35 6.07
CA CYS B 669 9.89 -18.71 5.88
C CYS B 669 9.09 -17.68 5.08
N GLY B 670 9.72 -16.55 4.74
CA GLY B 670 9.07 -15.51 3.95
C GLY B 670 8.05 -14.69 4.71
N PHE B 671 8.32 -14.52 6.00
CA PHE B 671 7.59 -13.58 6.83
C PHE B 671 8.25 -12.21 6.84
N SER B 672 7.43 -11.17 6.98
CA SER B 672 7.90 -9.83 7.28
C SER B 672 7.98 -9.70 8.80
N VAL B 673 9.13 -9.25 9.30
CA VAL B 673 9.30 -9.07 10.73
C VAL B 673 9.67 -7.63 11.08
N LEU B 674 8.98 -7.13 12.11
CA LEU B 674 9.28 -5.86 12.74
C LEU B 674 10.01 -6.16 14.05
N LEU B 675 11.28 -5.75 14.11
CA LEU B 675 12.18 -6.06 15.21
C LEU B 675 12.40 -4.86 16.12
N THR B 676 11.95 -4.98 17.36
CA THR B 676 11.95 -3.84 18.28
C THR B 676 12.50 -4.24 19.64
N SER B 677 12.98 -3.26 20.40
CA SER B 677 13.45 -3.45 21.78
C SER B 677 13.24 -2.16 22.55
N TYR B 678 13.61 -2.16 23.84
CA TYR B 678 13.68 -0.89 24.56
C TYR B 678 14.82 0.02 24.11
N THR B 679 16.06 -0.45 24.18
CA THR B 679 17.22 0.40 23.88
C THR B 679 17.82 0.21 22.49
N HIS B 680 18.33 1.32 21.93
CA HIS B 680 19.03 1.28 20.66
C HIS B 680 20.12 0.18 20.67
N SER B 681 20.88 0.10 21.76
CA SER B 681 21.94 -0.93 21.89
C SER B 681 21.45 -2.36 21.69
N ALA B 682 20.33 -2.71 22.34
CA ALA B 682 19.78 -4.08 22.28
C ALA B 682 19.41 -4.45 20.86
N VAL B 683 18.67 -3.56 20.19
CA VAL B 683 18.17 -3.80 18.84
C VAL B 683 19.34 -3.90 17.89
N ASP B 684 20.32 -3.02 18.09
CA ASP B 684 21.53 -3.07 17.29
C ASP B 684 22.38 -4.31 17.48
N ASN B 685 22.38 -4.87 18.70
CA ASN B 685 23.17 -6.08 18.96
C ASN B 685 22.65 -7.24 18.16
N ILE B 686 21.31 -7.36 18.09
CA ILE B 686 20.68 -8.42 17.30
C ILE B 686 21.06 -8.19 15.82
N LEU B 687 20.96 -6.93 15.40
CA LEU B 687 21.22 -6.53 14.03
C LEU B 687 22.64 -6.85 13.57
N LEU B 688 23.60 -6.61 14.48
CA LEU B 688 25.01 -6.90 14.21
C LEU B 688 25.21 -8.39 13.90
N LYS B 689 24.59 -9.26 14.71
CA LYS B 689 24.63 -10.71 14.51
C LYS B 689 24.04 -11.05 13.14
N LEU B 690 22.92 -10.38 12.80
CA LEU B 690 22.17 -10.59 11.54
C LEU B 690 22.91 -10.11 10.29
N ALA B 691 23.62 -9.00 10.44
CA ALA B 691 24.55 -8.53 9.44
C ALA B 691 25.54 -9.64 9.10
N LYS B 692 26.25 -10.18 10.10
CA LYS B 692 27.19 -11.31 9.91
C LYS B 692 26.63 -12.41 9.02
N PHE B 693 25.39 -12.84 9.29
CA PHE B 693 24.68 -13.85 8.48
C PHE B 693 24.12 -13.31 7.16
N LYS B 694 24.47 -12.07 6.83
CA LYS B 694 24.08 -11.42 5.58
C LYS B 694 22.56 -11.53 5.39
N VAL B 695 21.82 -11.27 6.47
CA VAL B 695 20.36 -11.11 6.43
C VAL B 695 20.10 -9.61 6.37
N GLY B 696 19.29 -9.19 5.40
CA GLY B 696 19.04 -7.78 5.14
C GLY B 696 17.90 -7.21 5.94
N PHE B 697 18.04 -5.96 6.33
CA PHE B 697 17.03 -5.25 7.10
C PHE B 697 17.17 -3.74 6.92
N LEU B 698 16.11 -3.01 7.24
CA LEU B 698 16.18 -1.55 7.26
C LEU B 698 16.11 -1.11 8.71
N ARG B 699 17.02 -0.23 9.11
CA ARG B 699 17.03 0.30 10.48
C ARG B 699 16.47 1.70 10.49
N LEU B 700 15.39 1.89 11.22
CA LEU B 700 14.80 3.20 11.37
C LEU B 700 15.42 3.90 12.58
N GLY B 701 15.11 5.18 12.76
CA GLY B 701 15.64 5.94 13.87
C GLY B 701 16.81 6.80 13.44
N GLN B 702 17.28 7.57 14.42
CA GLN B 702 18.28 8.62 14.22
C GLN B 702 19.68 8.04 14.20
N SER B 703 20.37 8.20 13.08
CA SER B 703 21.65 7.50 12.84
C SER B 703 22.73 7.80 13.87
N HIS B 704 22.62 8.91 14.60
CA HIS B 704 23.51 9.19 15.74
C HIS B 704 23.22 8.30 16.96
N LYS B 705 21.96 7.93 17.19
CA LYS B 705 21.62 7.03 18.31
C LYS B 705 21.90 5.56 17.97
N VAL B 706 22.02 5.27 16.67
CA VAL B 706 22.29 3.93 16.12
C VAL B 706 23.78 3.59 16.24
N HIS B 707 24.08 2.35 16.60
CA HIS B 707 25.45 1.83 16.66
C HIS B 707 26.18 2.00 15.32
N PRO B 708 27.48 2.45 15.35
CA PRO B 708 28.41 2.72 14.24
C PRO B 708 28.30 1.84 13.03
N ASP B 709 28.26 0.54 13.24
CA ASP B 709 28.33 -0.41 12.14
C ASP B 709 26.97 -0.75 11.57
N ILE B 710 25.92 -0.20 12.20
CA ILE B 710 24.54 -0.40 11.76
C ILE B 710 24.06 0.84 11.03
N GLN B 711 24.79 1.93 11.21
CA GLN B 711 24.47 3.21 10.58
C GLN B 711 24.37 3.14 9.06
N LYS B 712 25.23 2.32 8.44
CA LYS B 712 25.12 2.07 7.01
C LYS B 712 23.75 1.48 6.58
N PHE B 713 23.04 0.81 7.48
CA PHE B 713 21.72 0.23 7.17
C PHE B 713 20.53 1.12 7.56
N THR B 714 20.82 2.34 7.99
CA THR B 714 19.82 3.31 8.44
C THR B 714 19.12 4.03 7.30
N GLU B 715 17.81 4.25 7.44
CA GLU B 715 17.01 5.11 6.54
C GLU B 715 17.63 6.49 6.32
N GLU B 716 18.19 7.06 7.37
CA GLU B 716 18.85 8.38 7.30
C GLU B 716 20.07 8.32 6.37
N GLU B 717 20.96 7.39 6.68
CA GLU B 717 22.21 7.24 5.96
C GLU B 717 22.01 6.85 4.52
N ILE B 718 21.14 5.88 4.26
CA ILE B 718 20.86 5.34 2.91
C ILE B 718 20.34 6.48 2.02
N CYS B 719 19.46 7.30 2.56
CA CYS B 719 18.91 8.44 1.85
C CYS B 719 20.01 9.37 1.41
N ARG B 720 20.79 9.90 2.37
CA ARG B 720 21.85 10.85 2.05
C ARG B 720 22.84 10.20 1.10
N SER B 721 23.24 8.97 1.44
CA SER B 721 24.19 8.22 0.64
C SER B 721 23.74 8.06 -0.81
N ARG B 722 22.59 7.41 -1.04
CA ARG B 722 22.06 7.15 -2.40
C ARG B 722 21.26 8.34 -2.96
N SER B 723 21.40 9.52 -2.34
CA SER B 723 20.58 10.74 -2.57
C SER B 723 19.13 10.49 -3.11
N ILE B 724 18.26 10.06 -2.18
CA ILE B 724 16.84 9.78 -2.45
C ILE B 724 16.04 11.08 -2.49
N ALA B 725 15.42 11.39 -3.62
CA ALA B 725 14.76 12.68 -3.80
C ALA B 725 13.42 12.55 -4.53
N SER B 726 12.86 11.36 -4.47
CA SER B 726 11.56 11.08 -5.02
C SER B 726 10.74 10.20 -4.08
N LEU B 727 9.44 10.39 -4.10
CA LEU B 727 8.56 9.48 -3.39
C LEU B 727 8.77 8.01 -3.79
N ALA B 728 9.05 7.75 -5.06
CA ALA B 728 9.20 6.37 -5.56
C ALA B 728 10.48 5.73 -5.04
N HIS B 729 11.55 6.51 -4.96
CA HIS B 729 12.82 6.02 -4.40
C HIS B 729 12.82 5.82 -2.88
N LEU B 730 12.04 6.64 -2.16
CA LEU B 730 11.82 6.44 -0.73
C LEU B 730 10.95 5.20 -0.48
N GLU B 731 9.84 5.13 -1.19
CA GLU B 731 8.96 4.00 -1.12
C GLU B 731 9.71 2.72 -1.50
N GLU B 732 10.70 2.83 -2.40
CA GLU B 732 11.48 1.66 -2.80
C GLU B 732 12.26 1.19 -1.59
N LEU B 733 12.87 2.14 -0.89
CA LEU B 733 13.64 1.85 0.30
C LEU B 733 12.78 1.21 1.40
N TYR B 734 11.59 1.75 1.59
CA TYR B 734 10.67 1.22 2.57
C TYR B 734 10.18 -0.21 2.26
N ASN B 735 10.16 -0.58 0.97
CA ASN B 735 9.73 -1.92 0.58
C ASN B 735 10.91 -2.81 0.23
N SER B 736 12.13 -2.26 0.36
CA SER B 736 13.34 -3.01 0.10
C SER B 736 13.58 -4.17 1.07
N HIS B 737 13.19 -4.02 2.33
CA HIS B 737 13.37 -5.14 3.26
C HIS B 737 12.16 -5.62 4.03
N PRO B 738 11.91 -6.95 4.03
CA PRO B 738 10.82 -7.54 4.80
C PRO B 738 11.05 -7.38 6.30
N ILE B 739 12.31 -7.22 6.72
CA ILE B 739 12.65 -6.97 8.12
C ILE B 739 12.96 -5.49 8.38
N VAL B 740 12.17 -4.89 9.27
CA VAL B 740 12.34 -3.47 9.65
C VAL B 740 12.63 -3.40 11.15
N ALA B 741 13.66 -2.65 11.56
CA ALA B 741 14.11 -2.66 12.96
C ALA B 741 14.14 -1.27 13.55
N THR B 742 13.49 -1.12 14.71
CA THR B 742 13.30 0.18 15.35
C THR B 742 13.08 -0.01 16.86
N THR B 743 13.12 1.06 17.66
CA THR B 743 12.83 0.94 19.12
C THR B 743 11.35 1.17 19.39
N CYS B 744 10.89 0.74 20.56
CA CYS B 744 9.47 0.82 20.96
C CYS B 744 8.81 2.21 20.92
N MET B 745 9.67 3.22 21.02
CA MET B 745 9.25 4.59 20.97
C MET B 745 9.10 5.03 19.53
N GLY B 746 9.92 4.49 18.63
CA GLY B 746 9.94 4.87 17.23
C GLY B 746 8.79 4.39 16.36
N ILE B 747 7.63 4.16 16.97
CA ILE B 747 6.43 3.69 16.28
C ILE B 747 5.63 4.78 15.61
N ASN B 748 6.18 5.99 15.58
CA ASN B 748 5.46 7.07 14.94
C ASN B 748 5.81 7.33 13.51
N HIS B 749 6.81 6.60 13.06
CA HIS B 749 7.33 6.63 11.73
C HIS B 749 6.27 6.38 10.69
N PRO B 750 6.33 7.12 9.57
CA PRO B 750 5.34 6.94 8.50
C PRO B 750 5.31 5.54 7.90
N ILE B 751 6.26 4.68 8.21
CA ILE B 751 6.23 3.32 7.67
C ILE B 751 5.06 2.55 8.23
N PHE B 752 4.66 2.89 9.45
CA PHE B 752 3.61 2.17 10.17
C PHE B 752 2.25 2.73 9.83
N SER B 753 2.22 3.75 8.96
CA SER B 753 0.97 4.23 8.42
C SER B 753 0.52 3.36 7.28
N ARG B 754 1.49 2.65 6.70
CA ARG B 754 1.29 1.95 5.44
C ARG B 754 1.78 0.49 5.33
N LYS B 755 2.57 0.01 6.29
CA LYS B 755 2.95 -1.41 6.31
C LYS B 755 2.43 -2.13 7.57
N THR B 756 2.10 -3.41 7.42
CA THR B 756 1.87 -4.28 8.58
C THR B 756 2.88 -5.44 8.46
N PHE B 757 3.12 -6.18 9.53
CA PHE B 757 4.11 -7.24 9.50
C PHE B 757 3.51 -8.58 9.90
N ASP B 758 4.02 -9.67 9.33
CA ASP B 758 3.69 -10.99 9.83
C ASP B 758 3.98 -11.19 11.33
N PHE B 759 5.12 -10.66 11.77
CA PHE B 759 5.63 -10.85 13.11
C PHE B 759 6.22 -9.55 13.61
N CYS B 760 5.97 -9.25 14.88
CA CYS B 760 6.73 -8.26 15.62
C CYS B 760 7.43 -8.98 16.77
N ILE B 761 8.70 -8.68 16.98
CA ILE B 761 9.45 -9.23 18.09
C ILE B 761 9.88 -8.09 19.01
N VAL B 762 9.67 -8.25 20.31
CA VAL B 762 10.02 -7.20 21.27
C VAL B 762 11.04 -7.74 22.24
N ASP B 763 12.26 -7.22 22.11
CA ASP B 763 13.32 -7.63 22.98
C ASP B 763 13.19 -6.79 24.24
N GLU B 764 13.71 -7.29 25.36
CA GLU B 764 13.62 -6.65 26.69
C GLU B 764 12.17 -6.31 27.01
N ALA B 765 11.24 -7.17 26.58
CA ALA B 765 9.81 -6.93 26.78
C ALA B 765 9.43 -6.83 28.26
N SER B 766 10.21 -7.51 29.09
CA SER B 766 10.00 -7.45 30.53
C SER B 766 10.47 -6.15 31.23
N GLN B 767 11.21 -5.28 30.53
CA GLN B 767 11.70 -3.99 31.07
C GLN B 767 10.84 -2.82 30.64
N ILE B 768 10.31 -2.88 29.42
CA ILE B 768 9.48 -1.83 28.85
C ILE B 768 8.17 -1.73 29.63
N SER B 769 7.78 -0.50 29.96
CA SER B 769 6.46 -0.22 30.51
C SER B 769 5.38 -0.78 29.60
N GLN B 770 4.35 -1.34 30.24
CA GLN B 770 3.30 -2.03 29.53
C GLN B 770 2.70 -1.23 28.36
N PRO B 771 2.19 0.01 28.59
CA PRO B 771 1.58 0.71 27.45
C PRO B 771 2.56 1.12 26.32
N VAL B 772 3.84 1.22 26.64
CA VAL B 772 4.86 1.44 25.59
C VAL B 772 5.07 0.19 24.70
N CYS B 773 5.21 -0.94 25.37
CA CYS B 773 5.36 -2.22 24.72
C CYS B 773 4.24 -2.51 23.75
N LEU B 774 3.04 -2.04 24.08
CA LEU B 774 1.81 -2.20 23.29
C LEU B 774 1.94 -1.74 21.84
N GLY B 775 2.80 -0.73 21.65
CA GLY B 775 2.91 0.06 20.43
C GLY B 775 3.13 -0.68 19.13
N PRO B 776 4.29 -1.37 18.98
CA PRO B 776 4.62 -2.02 17.71
C PRO B 776 3.70 -3.16 17.34
N LEU B 777 2.96 -3.66 18.31
CA LEU B 777 2.07 -4.83 18.13
C LEU B 777 0.90 -4.56 17.21
N PHE B 778 0.42 -3.32 17.21
CA PHE B 778 -0.68 -2.87 16.36
C PHE B 778 -0.41 -3.11 14.89
N PHE B 779 0.84 -3.29 14.54
CA PHE B 779 1.22 -3.45 13.14
C PHE B 779 1.71 -4.86 12.84
N SER B 780 1.37 -5.77 13.72
CA SER B 780 1.97 -7.06 13.71
C SER B 780 0.85 -8.07 13.77
N ARG B 781 0.96 -9.16 13.00
CA ARG B 781 -0.09 -10.18 13.04
C ARG B 781 0.08 -11.15 14.21
N ARG B 782 1.31 -11.59 14.46
CA ARG B 782 1.63 -12.38 15.64
C ARG B 782 2.86 -11.76 16.25
N PHE B 783 2.96 -11.81 17.57
CA PHE B 783 4.13 -11.25 18.26
C PHE B 783 4.85 -12.25 19.20
N VAL B 784 6.07 -11.87 19.54
CA VAL B 784 6.93 -12.62 20.40
C VAL B 784 7.51 -11.60 21.36
N LEU B 785 7.30 -11.82 22.65
CA LEU B 785 7.91 -10.97 23.68
C LEU B 785 9.08 -11.71 24.28
N VAL B 786 10.21 -11.04 24.47
CA VAL B 786 11.36 -11.73 25.08
C VAL B 786 11.74 -11.01 26.35
N GLY B 787 11.81 -11.75 27.45
CA GLY B 787 12.13 -11.13 28.73
C GLY B 787 12.38 -12.12 29.85
N ASP B 788 12.56 -11.56 31.05
CA ASP B 788 12.72 -12.31 32.27
C ASP B 788 12.24 -11.44 33.40
N HIS B 789 11.11 -11.83 34.02
CA HIS B 789 10.53 -11.02 35.10
C HIS B 789 11.28 -11.14 36.43
N GLN B 790 12.17 -12.12 36.52
CA GLN B 790 13.11 -12.21 37.63
C GLN B 790 14.19 -11.16 37.53
N GLN B 791 14.33 -10.54 36.36
CA GLN B 791 15.24 -9.41 36.20
C GLN B 791 14.50 -8.07 36.35
N LEU B 792 15.08 -6.95 35.91
CA LEU B 792 14.49 -5.66 36.25
C LEU B 792 13.16 -5.38 35.56
N PRO B 793 12.18 -4.85 36.32
CA PRO B 793 10.88 -4.41 35.77
C PRO B 793 10.97 -3.03 35.16
N PRO B 794 9.93 -2.57 34.44
CA PRO B 794 9.90 -1.14 34.10
C PRO B 794 10.03 -0.26 35.35
N LEU B 795 10.83 0.78 35.24
CA LEU B 795 11.00 1.75 36.32
C LEU B 795 9.73 2.59 36.58
N VAL B 796 9.21 2.54 37.80
CA VAL B 796 8.02 3.27 38.16
C VAL B 796 8.34 4.02 39.43
N VAL B 797 8.52 5.33 39.27
CA VAL B 797 8.96 6.23 40.33
C VAL B 797 7.90 6.49 41.38
N ASN B 798 6.67 6.78 40.96
CA ASN B 798 5.63 7.11 41.91
C ASN B 798 5.11 5.90 42.64
N ARG B 799 5.35 5.92 43.96
CA ARG B 799 4.89 4.91 44.91
C ARG B 799 3.45 4.40 44.64
N GLU B 800 2.52 5.35 44.58
CA GLU B 800 1.11 5.05 44.48
C GLU B 800 0.82 4.32 43.19
N ALA B 801 1.44 4.79 42.10
CA ALA B 801 1.32 4.16 40.77
C ALA B 801 1.84 2.74 40.76
N ARG B 802 3.07 2.54 41.29
CA ARG B 802 3.68 1.21 41.51
C ARG B 802 2.73 0.31 42.29
N ALA B 803 2.05 0.89 43.27
CA ALA B 803 1.06 0.17 44.08
C ALA B 803 -0.18 -0.28 43.28
N LEU B 804 -0.51 0.44 42.22
CA LEU B 804 -1.65 0.05 41.42
C LEU B 804 -1.37 -1.01 40.33
N GLY B 805 -0.11 -1.35 40.15
CA GLY B 805 0.26 -2.38 39.18
C GLY B 805 1.08 -1.88 38.03
N MET B 806 1.55 -0.63 38.13
CA MET B 806 2.19 0.04 36.99
C MET B 806 3.51 -0.60 36.56
N SER B 807 4.16 -1.35 37.45
CA SER B 807 5.46 -1.91 37.12
C SER B 807 5.36 -3.30 36.51
N GLU B 808 4.14 -3.78 36.29
CA GLU B 808 3.92 -5.04 35.56
C GLU B 808 4.15 -4.83 34.10
N SER B 809 5.24 -5.39 33.60
CA SER B 809 5.50 -5.37 32.17
C SER B 809 4.40 -6.14 31.42
N LEU B 810 4.20 -5.81 30.15
CA LEU B 810 3.27 -6.60 29.30
C LEU B 810 3.67 -8.06 29.29
N PHE B 811 4.98 -8.30 29.29
CA PHE B 811 5.53 -9.62 29.30
C PHE B 811 5.00 -10.42 30.49
N LYS B 812 5.24 -9.92 31.70
CA LYS B 812 4.73 -10.62 32.87
C LYS B 812 3.23 -10.77 32.84
N ARG B 813 2.49 -9.73 32.45
CA ARG B 813 1.04 -9.81 32.43
C ARG B 813 0.59 -11.06 31.64
N LEU B 814 1.17 -11.20 30.44
CA LEU B 814 0.75 -12.25 29.49
C LEU B 814 1.28 -13.63 29.89
N GLU B 815 2.23 -13.64 30.82
CA GLU B 815 2.90 -14.84 31.26
C GLU B 815 1.99 -15.81 32.02
N ARG B 816 0.80 -15.36 32.38
CA ARG B 816 -0.11 -16.21 33.09
C ARG B 816 -0.78 -17.23 32.24
N ASN B 817 -0.53 -17.18 30.93
CA ASN B 817 -0.84 -18.26 30.02
C ASN B 817 0.38 -19.09 29.79
N GLU B 818 0.54 -20.19 30.53
CA GLU B 818 1.76 -20.97 30.38
C GLU B 818 1.93 -21.68 29.03
N SER B 819 0.85 -21.79 28.28
CA SER B 819 0.91 -22.35 26.93
C SER B 819 1.92 -21.62 26.06
N ALA B 820 2.01 -20.32 26.27
CA ALA B 820 2.73 -19.42 25.38
C ALA B 820 4.14 -19.20 25.83
N VAL B 821 4.47 -19.69 27.03
CA VAL B 821 5.77 -19.43 27.65
C VAL B 821 6.74 -20.56 27.29
N VAL B 822 7.93 -20.21 26.82
CA VAL B 822 9.00 -21.18 26.63
C VAL B 822 10.26 -20.58 27.26
N GLN B 823 11.00 -21.37 28.05
CA GLN B 823 12.16 -20.86 28.82
C GLN B 823 13.48 -21.19 28.19
N LEU B 824 14.37 -20.22 28.18
CA LEU B 824 15.75 -20.45 27.78
C LEU B 824 16.50 -20.70 29.08
N THR B 825 17.07 -21.91 29.20
CA THR B 825 17.70 -22.35 30.48
C THR B 825 19.18 -22.72 30.37
N VAL B 826 19.65 -22.98 29.16
CA VAL B 826 21.05 -23.29 28.94
C VAL B 826 21.84 -22.01 28.82
N GLN B 827 22.65 -21.77 29.84
CA GLN B 827 23.43 -20.55 29.97
C GLN B 827 24.92 -20.77 29.73
N TYR B 828 25.58 -19.73 29.22
CA TYR B 828 26.99 -19.78 28.78
C TYR B 828 27.84 -18.66 29.43
N ARG B 829 27.34 -18.12 30.55
CA ARG B 829 27.98 -16.99 31.25
C ARG B 829 28.71 -17.45 32.51
N MET B 830 28.00 -18.09 33.42
CA MET B 830 28.53 -18.40 34.74
C MET B 830 29.13 -19.80 34.86
N ASN B 831 30.23 -19.92 35.62
CA ASN B 831 30.75 -21.22 36.04
C ASN B 831 29.80 -21.84 37.04
N ARG B 832 29.73 -23.17 37.08
CA ARG B 832 28.74 -23.92 37.88
C ARG B 832 28.56 -23.45 39.32
N LYS B 833 29.59 -22.86 39.92
CA LYS B 833 29.53 -22.36 41.28
C LYS B 833 28.74 -21.08 41.32
N ILE B 834 29.05 -20.15 40.42
CA ILE B 834 28.33 -18.87 40.32
C ILE B 834 26.86 -19.06 39.90
N MET B 835 26.64 -19.94 38.91
CA MET B 835 25.31 -20.34 38.53
C MET B 835 24.56 -20.91 39.72
N SER B 836 25.21 -21.78 40.51
CA SER B 836 24.54 -22.52 41.58
C SER B 836 23.80 -21.61 42.52
N LEU B 837 24.34 -20.40 42.66
CA LEU B 837 23.81 -19.37 43.54
C LEU B 837 22.43 -18.93 43.12
N SER B 838 22.37 -18.27 41.96
CA SER B 838 21.14 -17.73 41.38
C SER B 838 20.14 -18.88 41.16
N ASN B 839 20.67 -20.05 40.86
CA ASN B 839 19.88 -21.26 40.73
C ASN B 839 19.14 -21.70 41.98
N LYS B 840 19.80 -21.58 43.14
CA LYS B 840 19.24 -21.90 44.47
C LYS B 840 18.30 -20.79 44.96
N LEU B 841 18.68 -19.54 44.70
CA LEU B 841 17.97 -18.37 45.17
C LEU B 841 16.73 -17.97 44.36
N THR B 842 16.83 -18.09 43.02
CA THR B 842 15.93 -17.36 42.10
C THR B 842 15.32 -18.27 41.02
N TYR B 843 16.16 -19.08 40.36
CA TYR B 843 15.71 -19.83 39.18
C TYR B 843 15.19 -21.26 39.37
N ALA B 844 14.91 -21.61 40.65
CA ALA B 844 14.50 -22.96 41.10
C ALA B 844 15.23 -24.11 40.37
N GLY B 845 16.55 -23.95 40.26
CA GLY B 845 17.41 -24.98 39.71
C GLY B 845 17.30 -25.24 38.22
N LYS B 846 16.62 -24.34 37.50
CA LYS B 846 16.41 -24.57 36.08
C LYS B 846 17.62 -24.30 35.19
N LEU B 847 18.58 -23.50 35.66
CA LEU B 847 19.78 -23.22 34.85
C LEU B 847 20.81 -24.35 34.74
N GLU B 848 21.23 -24.66 33.51
CA GLU B 848 22.32 -25.62 33.22
C GLU B 848 23.50 -24.90 32.57
N CYS B 849 24.67 -25.52 32.62
CA CYS B 849 25.82 -24.92 31.95
C CYS B 849 25.84 -25.34 30.48
N GLY B 850 26.33 -24.43 29.64
CA GLY B 850 26.35 -24.65 28.20
C GLY B 850 27.38 -25.66 27.73
N SER B 851 28.39 -25.88 28.56
CA SER B 851 29.48 -26.81 28.32
C SER B 851 30.23 -26.96 29.62
N ASP B 852 31.12 -27.95 29.67
CA ASP B 852 32.07 -28.10 30.77
C ASP B 852 33.03 -26.91 30.81
N ARG B 853 33.42 -26.42 29.63
CA ARG B 853 34.21 -25.19 29.50
C ARG B 853 33.65 -24.05 30.34
N VAL B 854 32.38 -23.74 30.11
CA VAL B 854 31.64 -22.70 30.80
C VAL B 854 31.62 -23.05 32.28
N ALA B 855 31.15 -24.28 32.56
CA ALA B 855 31.04 -24.82 33.92
C ALA B 855 32.29 -24.63 34.76
N ASN B 856 33.46 -24.90 34.18
CA ASN B 856 34.71 -25.00 34.93
C ASN B 856 35.62 -23.76 34.89
N ALA B 857 35.25 -22.77 34.08
CA ALA B 857 35.97 -21.51 33.95
C ALA B 857 36.16 -20.80 35.30
N VAL B 858 37.41 -20.53 35.67
CA VAL B 858 37.75 -19.75 36.86
C VAL B 858 38.62 -18.54 36.46
N LEU B 859 38.71 -17.51 37.32
CA LEU B 859 39.27 -16.22 36.88
C LEU B 859 40.66 -16.29 36.25
N ALA B 860 40.76 -15.72 35.04
CA ALA B 860 42.02 -15.54 34.33
C ALA B 860 42.94 -14.60 35.10
N LEU B 861 43.88 -15.18 35.84
CA LEU B 861 44.88 -14.43 36.64
C LEU B 861 46.30 -14.93 36.37
N PRO B 862 46.93 -14.46 35.26
CA PRO B 862 48.20 -15.03 34.78
C PRO B 862 49.34 -14.93 35.78
N ASN B 863 49.32 -13.93 36.66
CA ASN B 863 50.41 -13.72 37.61
C ASN B 863 49.97 -13.33 39.01
N LEU B 864 49.25 -14.24 39.65
CA LEU B 864 48.99 -14.21 41.09
C LEU B 864 50.30 -14.22 41.87
N LYS B 865 51.24 -15.04 41.39
CA LYS B 865 52.47 -15.37 42.12
C LYS B 865 53.21 -14.15 42.65
N ASP B 866 53.64 -13.27 41.75
CA ASP B 866 54.36 -12.07 42.15
C ASP B 866 53.44 -10.95 42.70
N ALA B 867 52.14 -11.04 42.41
CA ALA B 867 51.18 -10.09 42.96
C ALA B 867 50.88 -10.38 44.44
N ARG B 868 50.85 -11.66 44.81
CA ARG B 868 50.65 -12.05 46.21
C ARG B 868 51.83 -11.62 47.08
N LEU B 869 53.03 -11.62 46.47
CA LEU B 869 54.27 -11.19 47.14
C LEU B 869 54.36 -9.68 47.37
N SER B 870 54.14 -8.90 46.30
CA SER B 870 54.18 -7.42 46.35
C SER B 870 53.17 -6.83 47.33
N LEU B 871 52.12 -7.61 47.60
CA LEU B 871 51.12 -7.26 48.60
C LEU B 871 51.56 -7.56 50.04
N GLN B 872 52.56 -8.43 50.17
CA GLN B 872 53.11 -8.77 51.48
C GLN B 872 54.12 -7.72 51.99
N LEU B 873 54.46 -6.75 51.13
CA LEU B 873 55.31 -5.57 51.49
C LEU B 873 54.53 -4.48 52.27
N TYR B 874 53.86 -4.96 53.32
CA TYR B 874 53.16 -4.21 54.35
C TYR B 874 52.21 -5.17 55.08
N ALA B 875 51.46 -5.98 54.33
CA ALA B 875 50.47 -6.93 54.88
C ALA B 875 51.14 -8.18 55.50
N ASP B 876 50.36 -9.25 55.65
CA ASP B 876 50.84 -10.51 56.20
C ASP B 876 50.31 -11.74 55.45
N TYR B 877 50.99 -12.88 55.67
CA TYR B 877 50.59 -14.19 55.15
C TYR B 877 49.76 -14.97 56.18
N SER B 878 49.86 -14.55 57.44
CA SER B 878 49.09 -15.11 58.57
C SER B 878 47.66 -14.56 58.68
N ASP B 879 47.40 -13.53 57.87
CA ASP B 879 46.03 -13.11 57.58
C ASP B 879 45.65 -13.57 56.16
N SER B 880 45.95 -14.83 55.87
CA SER B 880 45.43 -15.51 54.69
C SER B 880 43.91 -15.82 54.75
N PRO B 881 43.31 -15.98 55.99
CA PRO B 881 41.86 -16.15 56.09
C PRO B 881 41.05 -15.64 54.90
N TRP B 882 41.12 -14.34 54.61
CA TRP B 882 40.36 -13.82 53.52
C TRP B 882 41.10 -13.74 52.20
N LEU B 883 42.18 -12.94 52.11
CA LEU B 883 42.86 -12.68 50.83
C LEU B 883 43.12 -13.94 50.01
N ALA B 884 43.65 -14.99 50.65
CA ALA B 884 43.89 -16.27 49.99
C ALA B 884 42.61 -16.84 49.38
N GLY B 885 41.52 -16.78 50.17
CA GLY B 885 40.19 -17.23 49.73
C GLY B 885 39.50 -16.33 48.72
N VAL B 886 39.82 -15.04 48.77
CA VAL B 886 39.32 -14.05 47.81
C VAL B 886 39.98 -14.20 46.45
N LEU B 887 41.32 -14.26 46.42
CA LEU B 887 42.05 -14.24 45.15
C LEU B 887 42.03 -15.58 44.44
N GLU B 888 42.03 -16.66 45.23
CA GLU B 888 41.97 -18.02 44.73
C GLU B 888 40.91 -18.13 43.62
N PRO B 889 41.34 -18.44 42.37
CA PRO B 889 40.37 -18.58 41.29
C PRO B 889 39.39 -19.71 41.53
N ASP B 890 39.85 -20.78 42.19
CA ASP B 890 39.00 -21.92 42.55
C ASP B 890 37.97 -21.64 43.64
N ASN B 891 37.93 -20.40 44.09
CA ASN B 891 36.87 -19.92 44.94
C ASN B 891 36.11 -18.80 44.21
N PRO B 892 35.16 -19.19 43.33
CA PRO B 892 34.57 -18.25 42.40
C PRO B 892 33.50 -17.35 43.04
N VAL B 893 32.83 -17.84 44.08
CA VAL B 893 31.86 -17.07 44.86
C VAL B 893 32.45 -16.86 46.24
N CYS B 894 32.40 -15.61 46.73
CA CYS B 894 32.95 -15.25 48.04
C CYS B 894 32.26 -14.02 48.67
N PHE B 895 31.74 -14.18 49.90
CA PHE B 895 31.19 -13.04 50.66
C PHE B 895 32.11 -12.58 51.77
N LEU B 896 32.42 -11.29 51.76
CA LEU B 896 33.31 -10.62 52.71
C LEU B 896 32.52 -9.81 53.71
N ASN B 897 32.57 -10.28 54.96
CA ASN B 897 31.81 -9.70 56.04
C ASN B 897 32.49 -8.50 56.74
N THR B 898 31.92 -7.30 56.52
CA THR B 898 32.43 -6.03 57.10
C THR B 898 31.92 -5.81 58.53
N ASP B 899 31.94 -6.88 59.33
CA ASP B 899 31.43 -6.83 60.69
C ASP B 899 32.50 -6.60 61.72
N LYS B 900 33.56 -7.41 61.72
CA LYS B 900 34.57 -7.27 62.78
C LYS B 900 35.53 -6.07 62.60
N VAL B 901 35.74 -5.67 61.36
CA VAL B 901 36.13 -4.29 61.07
C VAL B 901 34.80 -3.54 61.16
N PRO B 902 34.77 -2.44 61.91
CA PRO B 902 33.58 -1.61 61.72
C PRO B 902 33.66 -0.97 60.34
N ALA B 903 32.60 -1.18 59.54
CA ALA B 903 32.50 -0.54 58.23
C ALA B 903 31.21 0.27 58.09
N PRO B 904 31.08 1.38 58.86
CA PRO B 904 29.84 2.14 58.90
C PRO B 904 29.47 2.87 57.60
N GLU B 905 28.16 2.94 57.35
CA GLU B 905 27.63 3.76 56.28
C GLU B 905 27.66 5.22 56.68
N GLN B 906 27.68 6.10 55.69
CA GLN B 906 27.42 7.51 55.95
C GLN B 906 26.19 7.93 55.15
N VAL B 907 25.38 8.78 55.76
CA VAL B 907 24.16 9.28 55.16
C VAL B 907 24.36 10.77 54.90
N GLU B 908 24.24 11.18 53.63
CA GLU B 908 24.31 12.61 53.25
C GLU B 908 23.29 12.99 52.21
N ASN B 909 22.19 13.54 52.72
CA ASN B 909 21.12 14.14 51.91
C ASN B 909 20.49 13.18 50.88
N GLY B 910 19.74 12.20 51.39
CA GLY B 910 19.03 11.24 50.54
C GLY B 910 19.85 10.03 50.12
N GLY B 911 21.15 10.23 49.90
CA GLY B 911 22.07 9.17 49.46
C GLY B 911 22.87 8.52 50.57
N VAL B 912 23.41 7.34 50.29
CA VAL B 912 24.20 6.57 51.25
C VAL B 912 25.55 6.23 50.62
N SER B 913 26.60 6.30 51.43
CA SER B 913 27.95 5.88 51.06
C SER B 913 28.57 5.03 52.17
N ASN B 914 29.71 4.45 51.85
CA ASN B 914 30.48 3.63 52.81
C ASN B 914 31.95 3.66 52.39
N VAL B 915 32.75 4.50 53.06
CA VAL B 915 34.15 4.76 52.68
C VAL B 915 35.05 3.58 53.05
N THR B 916 34.64 2.83 54.07
CA THR B 916 35.38 1.62 54.47
C THR B 916 35.28 0.55 53.41
N GLU B 917 34.06 0.29 52.92
CA GLU B 917 33.82 -0.67 51.84
C GLU B 917 34.46 -0.15 50.55
N ALA B 918 34.30 1.16 50.29
CA ALA B 918 34.85 1.83 49.09
C ALA B 918 36.35 1.65 48.98
N ARG B 919 37.05 1.99 50.06
CA ARG B 919 38.49 1.80 50.19
C ARG B 919 38.86 0.32 50.05
N LEU B 920 37.97 -0.55 50.52
CA LEU B 920 38.22 -1.97 50.53
C LEU B 920 38.18 -2.59 49.13
N ILE B 921 37.13 -2.31 48.33
CA ILE B 921 37.03 -2.84 46.96
C ILE B 921 38.10 -2.26 46.04
N VAL B 922 38.39 -0.97 46.21
CA VAL B 922 39.44 -0.29 45.44
C VAL B 922 40.79 -1.02 45.60
N PHE B 923 41.12 -1.38 46.84
CA PHE B 923 42.27 -2.26 47.08
C PHE B 923 42.15 -3.55 46.25
N LEU B 924 41.02 -4.26 46.41
CA LEU B 924 40.80 -5.56 45.74
C LEU B 924 40.86 -5.49 44.22
N THR B 925 40.33 -4.42 43.65
CA THR B 925 40.39 -4.17 42.21
C THR B 925 41.86 -4.13 41.75
N SER B 926 42.65 -3.26 42.40
CA SER B 926 44.06 -3.00 42.05
C SER B 926 44.87 -4.26 42.09
N THR B 927 44.61 -5.03 43.16
CA THR B 927 45.18 -6.35 43.39
C THR B 927 44.96 -7.26 42.16
N PHE B 928 43.69 -7.45 41.80
CA PHE B 928 43.32 -8.33 40.69
C PHE B 928 43.88 -7.89 39.33
N ILE B 929 44.01 -6.58 39.11
CA ILE B 929 44.66 -6.06 37.92
C ILE B 929 46.14 -6.43 37.96
N LYS B 930 46.79 -6.18 39.09
CA LYS B 930 48.20 -6.56 39.32
C LYS B 930 48.42 -8.07 39.35
N ALA B 931 47.36 -8.83 39.65
CA ALA B 931 47.33 -10.29 39.53
C ALA B 931 47.04 -10.76 38.09
N GLY B 932 46.90 -9.80 37.19
CA GLY B 932 46.90 -10.06 35.76
C GLY B 932 45.59 -10.01 35.03
N CYS B 933 44.48 -9.91 35.77
CA CYS B 933 43.16 -9.71 35.16
C CYS B 933 43.04 -8.25 34.67
N SER B 934 42.68 -8.06 33.39
CA SER B 934 42.63 -6.71 32.81
C SER B 934 41.40 -5.93 33.32
N PRO B 935 41.55 -4.59 33.49
CA PRO B 935 40.51 -3.78 34.13
C PRO B 935 39.19 -3.81 33.36
N SER B 936 39.29 -3.94 32.04
CA SER B 936 38.17 -4.17 31.14
C SER B 936 37.22 -5.31 31.59
N ASP B 937 37.76 -6.35 32.20
CA ASP B 937 36.98 -7.52 32.59
C ASP B 937 36.44 -7.40 34.01
N ILE B 938 36.42 -6.18 34.55
CA ILE B 938 36.00 -5.96 35.92
C ILE B 938 34.84 -4.99 36.06
N GLY B 939 33.82 -5.47 36.76
CA GLY B 939 32.68 -4.64 37.14
C GLY B 939 32.55 -4.41 38.64
N VAL B 940 32.33 -3.16 39.01
CA VAL B 940 31.98 -2.81 40.38
C VAL B 940 30.51 -2.39 40.40
N ILE B 941 29.76 -3.02 41.31
CA ILE B 941 28.33 -2.76 41.49
C ILE B 941 28.10 -2.32 42.91
N ALA B 942 27.34 -1.24 43.06
CA ALA B 942 26.85 -0.73 44.35
C ALA B 942 25.36 -0.36 44.23
N PRO B 943 24.60 -0.41 45.34
CA PRO B 943 23.19 -0.05 45.22
C PRO B 943 22.93 1.42 45.19
N TYR B 944 23.82 2.22 45.77
CA TYR B 944 23.55 3.64 46.01
C TYR B 944 24.34 4.53 45.08
N ARG B 945 23.64 5.47 44.45
CA ARG B 945 24.20 6.38 43.44
C ARG B 945 25.41 7.06 44.05
N GLN B 946 25.24 7.58 45.27
CA GLN B 946 26.25 8.29 46.03
C GLN B 946 27.55 7.50 46.24
N GLN B 947 27.41 6.20 46.53
CA GLN B 947 28.56 5.30 46.75
C GLN B 947 29.42 5.07 45.50
N LEU B 948 28.81 5.16 44.33
CA LEU B 948 29.52 4.95 43.08
C LEU B 948 30.52 6.06 42.84
N ARG B 949 30.12 7.28 43.21
CA ARG B 949 30.93 8.50 43.12
C ARG B 949 32.22 8.30 43.88
N ILE B 950 32.08 7.89 45.15
CA ILE B 950 33.17 7.63 46.09
C ILE B 950 34.16 6.60 45.55
N ILE B 951 33.63 5.52 44.97
CA ILE B 951 34.45 4.42 44.44
C ILE B 951 35.20 4.83 43.15
N SER B 952 34.55 5.62 42.29
CA SER B 952 35.20 6.21 41.13
C SER B 952 36.37 7.12 41.54
N ASP B 953 36.13 8.04 42.49
CA ASP B 953 37.17 8.93 43.03
C ASP B 953 38.35 8.17 43.56
N LEU B 954 38.10 7.31 44.54
CA LEU B 954 39.14 6.47 45.10
C LEU B 954 39.91 5.70 44.02
N LEU B 955 39.22 5.28 42.96
CA LEU B 955 39.87 4.54 41.87
C LEU B 955 40.70 5.45 40.97
N ALA B 956 40.27 6.72 40.82
CA ALA B 956 41.07 7.72 40.13
C ALA B 956 42.28 8.10 40.98
N ARG B 957 42.10 8.17 42.31
CA ARG B 957 43.19 8.40 43.28
C ARG B 957 44.27 7.29 43.21
N SER B 958 43.85 6.06 42.92
CA SER B 958 44.78 4.95 42.70
C SER B 958 45.16 4.83 41.24
N SER B 959 44.82 5.87 40.46
CA SER B 959 44.90 5.93 38.97
C SER B 959 44.71 4.60 38.19
N VAL B 960 43.76 3.81 38.69
CA VAL B 960 43.26 2.60 38.04
C VAL B 960 41.79 2.96 37.73
N GLY B 961 41.56 3.58 36.57
CA GLY B 961 40.25 4.17 36.26
C GLY B 961 39.41 3.44 35.22
N MET B 962 40.01 2.42 34.57
CA MET B 962 39.41 1.71 33.43
C MET B 962 38.34 0.65 33.78
N VAL B 963 38.11 0.37 35.07
CA VAL B 963 36.97 -0.49 35.49
C VAL B 963 35.73 0.40 35.69
N GLU B 964 34.55 -0.16 35.41
CA GLU B 964 33.31 0.60 35.59
C GLU B 964 32.65 0.35 36.91
N VAL B 965 32.19 1.45 37.50
CA VAL B 965 31.45 1.45 38.74
C VAL B 965 30.04 1.85 38.30
N ASN B 966 29.05 1.06 38.69
CA ASN B 966 27.65 1.31 38.36
C ASN B 966 26.62 0.50 39.11
N THR B 967 25.37 0.99 39.09
CA THR B 967 24.19 0.28 39.58
C THR B 967 23.74 -0.79 38.60
N VAL B 968 23.07 -1.84 39.09
CA VAL B 968 22.60 -2.98 38.25
C VAL B 968 21.88 -2.61 36.94
N ASP B 969 21.10 -1.52 36.97
CA ASP B 969 20.41 -1.00 35.79
C ASP B 969 21.32 -0.88 34.61
N LYS B 970 22.48 -0.30 34.82
CA LYS B 970 23.39 -0.03 33.73
C LYS B 970 24.22 -1.29 33.36
N TYR B 971 23.87 -2.42 33.96
CA TYR B 971 24.54 -3.71 33.70
C TYR B 971 23.67 -4.84 33.06
N GLN B 972 22.35 -4.61 32.88
CA GLN B 972 21.44 -5.62 32.32
C GLN B 972 21.98 -6.23 31.03
N GLY B 973 21.85 -7.57 30.92
CA GLY B 973 22.36 -8.36 29.78
C GLY B 973 23.77 -7.98 29.32
N ARG B 974 24.58 -7.48 30.24
CA ARG B 974 26.04 -7.45 30.06
C ARG B 974 26.67 -8.31 31.17
N ASP B 975 27.89 -8.77 30.92
CA ASP B 975 28.62 -9.52 31.93
C ASP B 975 30.07 -9.06 32.03
N LYS B 976 30.69 -9.38 33.16
CA LYS B 976 32.13 -9.21 33.36
C LYS B 976 32.72 -10.52 33.91
N SER B 977 34.03 -10.69 33.79
CA SER B 977 34.73 -11.90 34.25
C SER B 977 34.86 -11.93 35.79
N LEU B 978 35.05 -10.73 36.34
CA LEU B 978 35.03 -10.49 37.79
C LEU B 978 34.06 -9.34 38.16
N ILE B 979 33.05 -9.69 38.96
CA ILE B 979 32.16 -8.67 39.54
C ILE B 979 32.48 -8.47 41.03
N LEU B 980 32.51 -7.21 41.46
CA LEU B 980 32.66 -6.88 42.89
C LEU B 980 31.49 -6.01 43.35
N VAL B 981 30.88 -6.44 44.47
CA VAL B 981 29.68 -5.80 45.00
C VAL B 981 29.83 -5.23 46.41
N SER B 982 29.86 -3.90 46.50
CA SER B 982 29.73 -3.17 47.76
C SER B 982 28.24 -2.94 47.98
N PHE B 983 27.69 -3.51 49.06
CA PHE B 983 26.27 -3.35 49.46
C PHE B 983 25.99 -2.09 50.32
N VAL B 984 27.04 -1.44 50.79
CA VAL B 984 27.02 -0.18 51.55
C VAL B 984 26.20 -0.09 52.85
N ARG B 985 25.02 -0.72 52.91
CA ARG B 985 24.28 -0.79 54.17
C ARG B 985 25.08 -1.47 55.26
N SER B 986 25.31 -0.69 56.33
CA SER B 986 25.99 -1.10 57.58
C SER B 986 25.62 -0.10 58.65
N ASN B 987 24.74 -0.49 59.58
CA ASN B 987 24.15 0.45 60.56
C ASN B 987 23.70 -0.19 61.88
N GLU B 988 23.70 0.65 62.93
CA GLU B 988 23.51 0.28 64.36
C GLU B 988 22.45 -0.78 64.62
N ASP B 989 21.25 -0.52 64.10
CA ASP B 989 20.13 -1.46 63.93
C ASP B 989 18.89 -0.67 63.53
N GLY B 990 19.11 0.49 62.91
CA GLY B 990 18.03 1.37 62.49
C GLY B 990 17.73 1.34 61.01
N THR B 991 17.98 2.47 60.36
CA THR B 991 17.48 2.77 59.03
C THR B 991 17.69 1.66 58.00
N LEU B 992 16.58 1.21 57.44
CA LEU B 992 16.53 0.01 56.63
C LEU B 992 16.00 0.35 55.25
N GLY B 993 16.82 0.13 54.21
CA GLY B 993 16.48 0.48 52.82
C GLY B 993 15.12 -0.04 52.33
N GLU B 994 14.60 0.59 51.28
CA GLU B 994 13.54 -0.02 50.50
C GLU B 994 14.16 -0.78 49.35
N LEU B 995 15.31 -0.29 48.95
CA LEU B 995 15.96 -0.68 47.76
C LEU B 995 16.54 -2.06 47.91
N LEU B 996 17.29 -2.31 49.02
CA LEU B 996 17.92 -3.63 49.23
C LEU B 996 16.91 -4.76 49.41
N LYS B 997 15.67 -4.38 49.73
CA LYS B 997 14.54 -5.31 49.88
C LYS B 997 14.18 -6.01 48.60
N ASP B 998 14.56 -5.41 47.46
CA ASP B 998 14.27 -5.90 46.10
C ASP B 998 15.02 -7.18 45.71
N TRP B 999 14.25 -8.21 45.44
CA TRP B 999 14.78 -9.50 45.05
C TRP B 999 15.46 -9.46 43.66
N ARG B 1000 14.80 -8.80 42.70
CA ARG B 1000 15.20 -8.72 41.29
C ARG B 1000 16.53 -8.02 41.10
N ARG B 1001 16.78 -7.00 41.93
CA ARG B 1001 18.00 -6.21 41.78
C ARG B 1001 19.21 -7.01 42.23
N LEU B 1002 19.03 -7.75 43.35
CA LEU B 1002 20.06 -8.68 43.81
C LEU B 1002 20.36 -9.73 42.74
N ASN B 1003 19.29 -10.25 42.13
CA ASN B 1003 19.39 -11.28 41.13
C ASN B 1003 20.29 -10.89 39.95
N VAL B 1004 20.07 -9.67 39.45
CA VAL B 1004 20.86 -9.13 38.34
C VAL B 1004 22.33 -9.04 38.79
N ALA B 1005 22.57 -8.55 40.03
CA ALA B 1005 23.93 -8.46 40.61
C ALA B 1005 24.65 -9.82 40.65
N LEU B 1006 23.96 -10.88 41.08
CA LEU B 1006 24.57 -12.21 41.17
C LEU B 1006 24.77 -12.96 39.84
N THR B 1007 24.39 -12.32 38.73
CA THR B 1007 24.42 -12.95 37.41
C THR B 1007 25.16 -12.12 36.37
N ARG B 1008 25.90 -11.12 36.82
CA ARG B 1008 26.77 -10.37 35.93
C ARG B 1008 28.18 -10.98 35.84
N ALA B 1009 28.49 -11.90 36.74
CA ALA B 1009 29.84 -12.42 36.84
C ALA B 1009 30.00 -13.70 36.08
N LYS B 1010 31.04 -13.76 35.24
CA LYS B 1010 31.42 -14.98 34.55
C LYS B 1010 32.19 -15.98 35.43
N HIS B 1011 33.31 -15.52 36.00
CA HIS B 1011 34.31 -16.39 36.62
C HIS B 1011 34.50 -16.20 38.12
N LYS B 1012 34.52 -14.94 38.56
CA LYS B 1012 34.63 -14.65 39.98
C LYS B 1012 33.65 -13.58 40.42
N LEU B 1013 32.82 -13.97 41.41
CA LEU B 1013 31.90 -13.07 42.10
C LEU B 1013 32.37 -12.79 43.52
N ILE B 1014 32.56 -11.49 43.82
CA ILE B 1014 33.01 -11.03 45.15
C ILE B 1014 31.98 -10.08 45.76
N LEU B 1015 31.46 -10.49 46.92
CA LEU B 1015 30.43 -9.75 47.61
C LEU B 1015 30.91 -9.25 48.99
N LEU B 1016 30.59 -7.98 49.30
CA LEU B 1016 31.13 -7.29 50.45
C LEU B 1016 30.07 -6.39 51.10
N GLY B 1017 29.78 -6.65 52.38
CA GLY B 1017 28.90 -5.79 53.18
C GLY B 1017 28.75 -6.31 54.59
N SER B 1018 27.98 -5.62 55.44
CA SER B 1018 27.78 -6.07 56.81
C SER B 1018 26.61 -7.09 57.00
N VAL B 1019 26.98 -8.35 57.21
CA VAL B 1019 26.00 -9.44 57.41
C VAL B 1019 24.95 -9.07 58.45
N SER B 1020 25.39 -8.45 59.53
CA SER B 1020 24.52 -8.01 60.64
C SER B 1020 23.31 -7.17 60.22
N SER B 1021 23.52 -6.17 59.37
CA SER B 1021 22.40 -5.34 58.91
C SER B 1021 21.79 -5.87 57.60
N LEU B 1022 22.64 -6.42 56.71
CA LEU B 1022 22.17 -6.96 55.42
C LEU B 1022 21.19 -8.12 55.52
N LYS B 1023 21.40 -8.99 56.52
CA LYS B 1023 20.51 -10.12 56.79
C LYS B 1023 19.04 -9.73 57.01
N ARG B 1024 18.80 -8.46 57.31
CA ARG B 1024 17.44 -7.97 57.55
C ARG B 1024 16.59 -7.77 56.29
N PHE B 1025 17.22 -7.94 55.12
CA PHE B 1025 16.54 -7.85 53.83
C PHE B 1025 16.38 -9.24 53.28
N PRO B 1026 15.11 -9.64 53.04
CA PRO B 1026 14.82 -11.04 52.62
C PRO B 1026 15.72 -11.58 51.50
N PRO B 1027 15.90 -10.83 50.37
CA PRO B 1027 16.76 -11.41 49.33
C PRO B 1027 18.16 -11.73 49.85
N LEU B 1028 18.71 -10.83 50.67
CA LEU B 1028 20.01 -11.02 51.31
C LEU B 1028 20.00 -12.15 52.33
N GLY B 1029 18.96 -12.17 53.17
CA GLY B 1029 18.75 -13.22 54.19
C GLY B 1029 18.95 -14.60 53.59
N THR B 1030 18.09 -14.91 52.63
CA THR B 1030 18.15 -16.16 51.87
C THR B 1030 19.55 -16.42 51.29
N LEU B 1031 20.19 -15.39 50.73
CA LEU B 1031 21.54 -15.52 50.13
C LEU B 1031 22.52 -16.02 51.17
N PHE B 1032 22.51 -15.35 52.34
CA PHE B 1032 23.33 -15.72 53.50
C PHE B 1032 23.09 -17.17 53.93
N ASP B 1033 21.82 -17.61 53.96
CA ASP B 1033 21.50 -19.04 54.15
C ASP B 1033 22.21 -20.00 53.19
N HIS B 1034 22.17 -19.71 51.89
CA HIS B 1034 22.82 -20.57 50.92
C HIS B 1034 24.33 -20.42 50.97
N LEU B 1035 24.80 -19.23 51.31
CA LEU B 1035 26.24 -19.00 51.49
C LEU B 1035 26.82 -19.75 52.69
N ASN B 1036 26.05 -19.85 53.77
CA ASN B 1036 26.44 -20.60 54.95
C ASN B 1036 26.57 -22.10 54.73
N ALA B 1037 25.62 -22.67 53.98
CA ALA B 1037 25.68 -24.09 53.61
C ALA B 1037 27.05 -24.46 53.02
N GLU B 1038 27.58 -23.63 52.12
CA GLU B 1038 28.89 -23.90 51.52
C GLU B 1038 30.04 -23.22 52.27
N GLN B 1039 29.75 -22.65 53.45
CA GLN B 1039 30.70 -21.84 54.24
C GLN B 1039 31.51 -20.86 53.36
N LEU B 1040 30.79 -19.97 52.69
CA LEU B 1040 31.39 -19.05 51.72
C LEU B 1040 31.47 -17.62 52.26
N ILE B 1041 30.87 -17.39 53.43
CA ILE B 1041 31.01 -16.13 54.20
C ILE B 1041 32.38 -16.15 54.89
N LEU B 1042 33.18 -15.12 54.62
CA LEU B 1042 34.47 -14.96 55.26
C LEU B 1042 34.45 -13.66 56.03
N ASP B 1043 34.67 -13.82 57.33
CA ASP B 1043 34.60 -12.72 58.28
C ASP B 1043 35.89 -11.91 58.20
N LEU B 1044 35.78 -10.60 57.99
CA LEU B 1044 36.98 -9.77 57.95
C LEU B 1044 37.48 -9.50 59.37
N PRO B 1045 38.82 -9.40 59.57
CA PRO B 1045 39.42 -9.02 60.86
C PRO B 1045 39.11 -7.56 61.27
N SER B 1046 39.57 -7.13 62.45
CA SER B 1046 39.45 -5.74 62.90
C SER B 1046 40.25 -4.84 61.98
N ARG B 1047 39.81 -3.59 61.80
CA ARG B 1047 40.60 -2.61 61.00
C ARG B 1047 42.01 -2.41 61.55
N GLU B 1048 42.19 -2.83 62.82
CA GLU B 1048 43.47 -2.82 63.53
C GLU B 1048 44.47 -3.80 62.91
N HIS B 1049 44.04 -5.05 62.71
CA HIS B 1049 44.87 -6.13 62.15
C HIS B 1049 45.81 -5.73 61.02
N GLU B 1050 46.99 -6.37 60.98
CA GLU B 1050 48.14 -6.01 60.10
C GLU B 1050 47.81 -5.79 58.63
N SER B 1051 46.93 -6.67 58.11
CA SER B 1051 46.48 -6.67 56.72
C SER B 1051 45.66 -5.44 56.38
N LEU B 1052 44.57 -5.23 57.11
CA LEU B 1052 43.65 -4.13 56.88
C LEU B 1052 44.23 -2.74 57.17
N SER B 1053 45.11 -2.69 58.18
CA SER B 1053 45.67 -1.47 58.76
C SER B 1053 46.15 -0.44 57.74
N HIS B 1054 46.92 -0.94 56.75
CA HIS B 1054 47.54 -0.12 55.71
C HIS B 1054 46.60 0.35 54.59
N ILE B 1055 45.38 -0.19 54.56
CA ILE B 1055 44.33 0.29 53.65
C ILE B 1055 43.42 1.31 54.38
N LEU B 1056 43.44 1.29 55.71
CA LEU B 1056 42.52 2.10 56.50
C LEU B 1056 43.25 2.75 57.70
#